data_2K47
#
_entry.id   2K47
#
_entity_poly.entity_id   1
_entity_poly.type   'polypeptide(L)'
_entity_poly.pdbx_seq_one_letter_code
;SDVWSLSKTSMTFQPKKASLQPLTISLDELFSSRGEFISVGGDGRMSHKEAILLGLRYKKLYNQARVKYSLLEHHHHHH
;
_entity_poly.pdbx_strand_id   A
#
# COMPACT_ATOMS: atom_id res chain seq x y z
N SER A 1 8.79 10.95 12.48
CA SER A 1 7.38 10.88 12.01
C SER A 1 6.83 9.46 12.13
N ASP A 2 5.51 9.35 12.25
CA ASP A 2 4.85 8.05 12.37
C ASP A 2 4.10 7.70 11.09
N VAL A 3 3.82 6.41 10.90
CA VAL A 3 3.12 5.92 9.72
C VAL A 3 1.73 6.54 9.61
N TRP A 4 1.07 6.74 10.76
CA TRP A 4 -0.26 7.34 10.80
C TRP A 4 -0.19 8.85 10.58
N SER A 5 0.83 9.49 11.18
CA SER A 5 1.03 10.93 11.03
C SER A 5 1.18 11.29 9.56
N LEU A 6 2.12 10.63 8.88
CA LEU A 6 2.36 10.86 7.46
C LEU A 6 1.63 9.82 6.62
N SER A 7 0.30 9.80 6.75
CA SER A 7 -0.53 8.86 6.01
C SER A 7 -1.13 9.48 4.73
N LYS A 8 -0.71 10.71 4.40
CA LYS A 8 -1.20 11.39 3.21
C LYS A 8 -0.18 11.31 2.06
N THR A 9 0.70 10.31 2.11
CA THR A 9 1.72 10.12 1.08
C THR A 9 1.44 8.87 0.24
N SER A 10 1.19 9.08 -1.05
CA SER A 10 0.91 7.98 -1.97
C SER A 10 2.12 7.65 -2.83
N MET A 11 2.03 6.54 -3.57
CA MET A 11 3.11 6.09 -4.45
C MET A 11 2.56 5.62 -5.78
N THR A 12 3.26 5.94 -6.87
CA THR A 12 2.83 5.55 -8.21
C THR A 12 3.37 4.16 -8.57
N PHE A 13 2.45 3.27 -8.94
CA PHE A 13 2.80 1.91 -9.35
C PHE A 13 2.61 1.76 -10.85
N GLN A 14 3.48 0.98 -11.47
CA GLN A 14 3.41 0.75 -12.92
C GLN A 14 3.13 -0.72 -13.23
N PRO A 15 2.17 -0.98 -14.14
CA PRO A 15 1.80 -2.34 -14.52
C PRO A 15 2.88 -3.03 -15.36
N LYS A 16 2.96 -4.35 -15.23
CA LYS A 16 3.94 -5.14 -15.97
C LYS A 16 3.56 -5.23 -17.45
N LYS A 17 2.25 -5.33 -17.71
CA LYS A 17 1.74 -5.42 -19.08
C LYS A 17 0.84 -4.22 -19.41
N ALA A 18 0.59 -4.01 -20.71
CA ALA A 18 -0.25 -2.91 -21.17
C ALA A 18 -1.69 -3.05 -20.67
N SER A 19 -2.15 -4.30 -20.51
CA SER A 19 -3.51 -4.57 -20.04
C SER A 19 -3.76 -3.96 -18.66
N LEU A 20 -2.80 -4.13 -17.75
CA LEU A 20 -2.91 -3.60 -16.40
C LEU A 20 -2.82 -2.07 -16.40
N GLN A 21 -3.35 -1.46 -15.34
CA GLN A 21 -3.35 0.00 -15.22
C GLN A 21 -2.59 0.44 -13.96
N PRO A 22 -1.77 1.51 -14.07
CA PRO A 22 -0.98 2.03 -12.93
C PRO A 22 -1.85 2.37 -11.72
N LEU A 23 -1.26 2.24 -10.53
CA LEU A 23 -1.96 2.52 -9.28
C LEU A 23 -1.31 3.67 -8.53
N THR A 24 -2.12 4.41 -7.76
CA THR A 24 -1.61 5.53 -6.98
C THR A 24 -2.51 5.83 -5.78
N ILE A 25 -2.23 5.18 -4.65
CA ILE A 25 -3.03 5.36 -3.44
C ILE A 25 -2.16 5.59 -2.21
N SER A 26 -2.77 6.16 -1.16
CA SER A 26 -2.05 6.46 0.08
C SER A 26 -2.66 5.71 1.29
N LEU A 27 -1.97 5.83 2.43
CA LEU A 27 -2.38 5.20 3.68
C LEU A 27 -3.79 5.64 4.11
N ASP A 28 -3.94 6.94 4.41
CA ASP A 28 -5.21 7.50 4.85
C ASP A 28 -6.29 7.34 3.77
N GLU A 29 -5.85 7.39 2.51
CA GLU A 29 -6.77 7.26 1.38
C GLU A 29 -7.16 5.80 1.10
N LEU A 30 -6.62 4.85 1.87
CA LEU A 30 -6.96 3.44 1.66
C LEU A 30 -7.31 2.69 2.95
N PHE A 31 -7.52 3.42 4.05
CA PHE A 31 -7.90 2.76 5.31
C PHE A 31 -8.95 3.56 6.07
N SER A 32 -9.89 2.87 6.72
CA SER A 32 -10.95 3.53 7.47
C SER A 32 -11.17 2.84 8.83
N SER A 33 -10.10 2.33 9.44
CA SER A 33 -10.21 1.66 10.74
C SER A 33 -8.86 1.54 11.43
N ARG A 34 -8.85 1.72 12.76
CA ARG A 34 -7.62 1.62 13.54
C ARG A 34 -7.10 0.19 13.52
N GLY A 35 -7.95 -0.76 13.90
CA GLY A 35 -7.57 -2.17 13.91
C GLY A 35 -7.20 -2.67 12.53
N GLU A 36 -7.89 -2.16 11.51
CA GLU A 36 -7.63 -2.54 10.13
C GLU A 36 -6.16 -2.25 9.77
N PHE A 37 -5.68 -1.08 10.19
CA PHE A 37 -4.30 -0.68 9.94
C PHE A 37 -3.33 -1.65 10.61
N ILE A 38 -3.68 -2.10 11.82
CA ILE A 38 -2.85 -3.04 12.56
C ILE A 38 -2.57 -4.31 11.74
N SER A 39 -3.64 -4.99 11.29
CA SER A 39 -3.48 -6.22 10.51
C SER A 39 -2.58 -5.97 9.29
N VAL A 40 -3.08 -5.15 8.35
CA VAL A 40 -2.35 -4.84 7.11
C VAL A 40 -0.83 -4.75 7.29
N GLY A 41 -0.35 -4.20 8.41
CA GLY A 41 1.09 -4.08 8.62
C GLY A 41 1.49 -2.69 9.07
N GLY A 42 0.73 -2.11 9.99
CA GLY A 42 1.02 -0.77 10.47
C GLY A 42 1.24 -0.70 11.96
N ASP A 43 2.49 -0.80 12.38
CA ASP A 43 2.85 -0.69 13.79
C ASP A 43 2.99 0.80 14.13
N GLY A 44 4.11 1.41 13.75
CA GLY A 44 4.32 2.82 14.05
C GLY A 44 5.19 3.51 13.02
N ARG A 45 6.49 3.23 13.06
CA ARG A 45 7.44 3.85 12.13
C ARG A 45 7.59 3.00 10.87
N MET A 46 6.99 3.47 9.78
CA MET A 46 7.07 2.76 8.50
C MET A 46 8.33 3.18 7.74
N SER A 47 8.70 2.39 6.74
CA SER A 47 9.89 2.67 5.93
C SER A 47 9.59 3.61 4.78
N HIS A 48 8.87 3.10 3.78
CA HIS A 48 8.53 3.84 2.57
C HIS A 48 7.73 2.95 1.62
N LYS A 49 8.32 1.84 1.20
CA LYS A 49 7.63 0.89 0.33
C LYS A 49 6.59 0.09 1.13
N GLU A 50 6.86 -0.07 2.43
CA GLU A 50 5.97 -0.82 3.32
C GLU A 50 4.61 -0.14 3.47
N ALA A 51 4.62 1.18 3.69
CA ALA A 51 3.38 1.93 3.86
C ALA A 51 2.41 1.70 2.70
N ILE A 52 2.81 2.04 1.47
CA ILE A 52 1.92 1.85 0.33
C ILE A 52 1.51 0.38 0.21
N LEU A 53 2.50 -0.52 0.26
CA LEU A 53 2.24 -1.95 0.09
C LEU A 53 1.13 -2.48 0.99
N LEU A 54 0.93 -1.84 2.16
CA LEU A 54 -0.13 -2.26 3.09
C LEU A 54 -1.49 -2.36 2.39
N GLY A 55 -1.69 -1.55 1.34
CA GLY A 55 -2.94 -1.55 0.60
C GLY A 55 -3.37 -2.94 0.15
N LEU A 56 -2.42 -3.75 -0.32
CA LEU A 56 -2.73 -5.12 -0.79
C LEU A 56 -3.53 -5.89 0.26
N ARG A 57 -3.13 -5.76 1.54
CA ARG A 57 -3.84 -6.44 2.62
C ARG A 57 -5.26 -5.93 2.73
N TYR A 58 -5.45 -4.63 2.49
CA TYR A 58 -6.76 -4.00 2.54
C TYR A 58 -7.68 -4.55 1.45
N LYS A 59 -7.18 -4.56 0.22
CA LYS A 59 -7.93 -5.05 -0.94
C LYS A 59 -7.95 -6.59 -1.02
N LYS A 60 -7.12 -7.24 -0.18
CA LYS A 60 -7.04 -8.70 -0.16
C LYS A 60 -6.49 -9.23 -1.48
N LEU A 61 -5.21 -8.98 -1.72
CA LEU A 61 -4.55 -9.45 -2.96
C LEU A 61 -3.03 -9.30 -2.90
N TYR A 62 -2.45 -9.41 -1.71
CA TYR A 62 -1.00 -9.29 -1.54
C TYR A 62 -0.23 -10.33 -2.38
N ASN A 63 -0.90 -11.41 -2.77
CA ASN A 63 -0.29 -12.48 -3.55
C ASN A 63 0.10 -12.03 -4.97
N GLN A 64 -0.90 -11.75 -5.82
CA GLN A 64 -0.65 -11.34 -7.21
C GLN A 64 -0.62 -9.83 -7.41
N ALA A 65 -0.93 -9.03 -6.38
CA ALA A 65 -0.92 -7.57 -6.55
C ALA A 65 0.51 -7.03 -6.60
N ARG A 66 1.39 -7.62 -5.81
CA ARG A 66 2.80 -7.20 -5.76
C ARG A 66 3.59 -7.82 -6.90
N VAL A 67 3.06 -8.88 -7.51
CA VAL A 67 3.72 -9.56 -8.62
C VAL A 67 3.28 -9.00 -9.97
N LYS A 68 1.97 -8.83 -10.14
CA LYS A 68 1.40 -8.30 -11.40
C LYS A 68 1.81 -6.84 -11.63
N TYR A 69 2.12 -6.13 -10.55
CA TYR A 69 2.54 -4.73 -10.64
C TYR A 69 3.94 -4.53 -10.05
N SER A 70 4.58 -3.43 -10.44
CA SER A 70 5.92 -3.11 -9.95
C SER A 70 5.87 -2.50 -8.56
N LEU A 71 5.99 -3.34 -7.53
CA LEU A 71 5.97 -2.88 -6.15
C LEU A 71 7.32 -3.16 -5.47
N LEU A 72 7.58 -4.44 -5.19
CA LEU A 72 8.83 -4.84 -4.54
C LEU A 72 9.69 -5.69 -5.48
N GLU A 73 10.88 -5.18 -5.78
CA GLU A 73 11.80 -5.87 -6.68
C GLU A 73 13.24 -5.81 -6.13
N SER A 1 6.20 12.17 11.55
CA SER A 1 6.85 11.46 12.69
C SER A 1 6.64 9.94 12.58
N ASP A 2 5.37 9.52 12.48
CA ASP A 2 5.05 8.11 12.38
C ASP A 2 4.32 7.79 11.07
N VAL A 3 4.04 6.50 10.86
CA VAL A 3 3.35 6.04 9.65
C VAL A 3 1.90 6.52 9.62
N TRP A 4 1.29 6.63 10.80
CA TRP A 4 -0.10 7.09 10.90
C TRP A 4 -0.19 8.60 10.70
N SER A 5 0.83 9.33 11.19
CA SER A 5 0.88 10.78 11.02
C SER A 5 0.93 11.15 9.54
N LEU A 6 1.86 10.52 8.81
CA LEU A 6 2.01 10.76 7.38
C LEU A 6 1.27 9.69 6.59
N SER A 7 -0.03 9.90 6.40
CA SER A 7 -0.87 8.94 5.66
C SER A 7 -1.45 9.56 4.38
N LYS A 8 -1.01 10.78 4.03
CA LYS A 8 -1.48 11.43 2.82
C LYS A 8 -0.49 11.30 1.65
N THR A 9 0.70 10.76 1.94
CA THR A 9 1.73 10.57 0.92
C THR A 9 1.46 9.31 0.08
N SER A 10 0.86 9.49 -1.09
CA SER A 10 0.54 8.36 -1.97
C SER A 10 1.77 7.88 -2.72
N MET A 11 1.64 6.72 -3.35
CA MET A 11 2.73 6.12 -4.13
C MET A 11 2.22 5.64 -5.48
N THR A 12 3.00 5.89 -6.53
CA THR A 12 2.61 5.48 -7.88
C THR A 12 3.21 4.12 -8.24
N PHE A 13 2.33 3.16 -8.51
CA PHE A 13 2.74 1.82 -8.90
C PHE A 13 2.77 1.70 -10.42
N GLN A 14 3.74 0.96 -10.94
CA GLN A 14 3.87 0.78 -12.38
C GLN A 14 3.43 -0.61 -12.80
N PRO A 15 2.35 -0.71 -13.60
CA PRO A 15 1.83 -1.99 -14.07
C PRO A 15 2.87 -2.78 -14.87
N LYS A 16 2.82 -4.10 -14.77
CA LYS A 16 3.76 -4.95 -15.50
C LYS A 16 3.36 -5.05 -16.97
N LYS A 17 2.05 -5.17 -17.21
CA LYS A 17 1.52 -5.27 -18.57
C LYS A 17 0.71 -4.02 -18.94
N ALA A 18 0.41 -3.88 -20.22
CA ALA A 18 -0.34 -2.72 -20.72
C ALA A 18 -1.78 -2.74 -20.21
N SER A 19 -2.36 -3.94 -20.09
CA SER A 19 -3.74 -4.10 -19.61
C SER A 19 -3.91 -3.50 -18.21
N LEU A 20 -2.93 -3.73 -17.34
CA LEU A 20 -2.97 -3.22 -15.98
C LEU A 20 -2.88 -1.69 -15.96
N GLN A 21 -3.41 -1.09 -14.89
CA GLN A 21 -3.40 0.37 -14.75
C GLN A 21 -2.64 0.80 -13.50
N PRO A 22 -1.78 1.83 -13.61
CA PRO A 22 -0.97 2.34 -12.49
C PRO A 22 -1.82 2.67 -11.26
N LEU A 23 -1.35 2.21 -10.10
CA LEU A 23 -2.06 2.45 -8.84
C LEU A 23 -1.43 3.60 -8.06
N THR A 24 -2.22 4.62 -7.76
CA THR A 24 -1.74 5.78 -7.03
C THR A 24 -2.63 6.10 -5.83
N ILE A 25 -2.26 5.57 -4.67
CA ILE A 25 -3.04 5.78 -3.44
C ILE A 25 -2.14 5.76 -2.21
N SER A 26 -2.63 6.33 -1.10
CA SER A 26 -1.88 6.38 0.15
C SER A 26 -2.60 5.64 1.28
N LEU A 27 -1.99 5.70 2.46
CA LEU A 27 -2.51 5.05 3.67
C LEU A 27 -3.94 5.54 4.01
N ASP A 28 -4.07 6.84 4.27
CA ASP A 28 -5.35 7.43 4.62
C ASP A 28 -6.36 7.31 3.48
N GLU A 29 -5.86 7.34 2.25
CA GLU A 29 -6.69 7.25 1.06
C GLU A 29 -7.06 5.81 0.71
N LEU A 30 -6.48 4.82 1.41
CA LEU A 30 -6.78 3.41 1.12
C LEU A 30 -7.17 2.59 2.36
N PHE A 31 -7.44 3.29 3.48
CA PHE A 31 -7.83 2.58 4.71
C PHE A 31 -8.98 3.31 5.41
N SER A 32 -9.91 2.54 5.97
CA SER A 32 -11.06 3.10 6.68
C SER A 32 -11.30 2.41 8.02
N SER A 33 -10.21 2.09 8.72
CA SER A 33 -10.31 1.41 10.02
C SER A 33 -8.97 1.39 10.75
N ARG A 34 -8.99 1.70 12.04
CA ARG A 34 -7.78 1.70 12.86
C ARG A 34 -7.21 0.29 12.97
N GLY A 35 -8.07 -0.68 13.30
CA GLY A 35 -7.64 -2.06 13.40
C GLY A 35 -7.15 -2.60 12.08
N GLU A 36 -7.77 -2.16 10.98
CA GLU A 36 -7.36 -2.58 9.64
C GLU A 36 -5.91 -2.21 9.41
N PHE A 37 -5.54 -0.99 9.84
CA PHE A 37 -4.17 -0.50 9.70
C PHE A 37 -3.19 -1.46 10.37
N ILE A 38 -3.57 -1.94 11.56
CA ILE A 38 -2.75 -2.90 12.30
C ILE A 38 -2.45 -4.14 11.47
N SER A 39 -3.50 -4.79 10.94
CA SER A 39 -3.33 -5.99 10.13
C SER A 39 -2.43 -5.69 8.93
N VAL A 40 -2.93 -4.86 8.00
CA VAL A 40 -2.20 -4.50 6.78
C VAL A 40 -0.68 -4.41 6.95
N GLY A 41 -0.21 -3.89 8.09
CA GLY A 41 1.22 -3.79 8.31
C GLY A 41 1.64 -2.40 8.79
N GLY A 42 0.90 -1.84 9.74
CA GLY A 42 1.20 -0.52 10.26
C GLY A 42 1.48 -0.51 11.75
N ASP A 43 2.77 -0.51 12.11
CA ASP A 43 3.18 -0.42 13.50
C ASP A 43 3.39 1.05 13.86
N GLY A 44 4.58 1.58 13.55
CA GLY A 44 4.87 2.98 13.86
C GLY A 44 5.74 3.65 12.83
N ARG A 45 7.04 3.34 12.85
CA ARG A 45 7.97 3.94 11.90
C ARG A 45 8.13 3.04 10.68
N MET A 46 7.39 3.35 9.63
CA MET A 46 7.43 2.57 8.39
C MET A 46 8.70 2.90 7.59
N SER A 47 8.94 2.14 6.52
CA SER A 47 10.12 2.34 5.68
C SER A 47 9.84 3.30 4.52
N HIS A 48 9.08 2.82 3.55
CA HIS A 48 8.77 3.58 2.33
C HIS A 48 7.96 2.70 1.38
N LYS A 49 8.47 1.50 1.08
CA LYS A 49 7.76 0.56 0.22
C LYS A 49 6.74 -0.24 1.03
N GLU A 50 6.99 -0.37 2.33
CA GLU A 50 6.12 -1.12 3.24
C GLU A 50 4.75 -0.46 3.40
N ALA A 51 4.75 0.81 3.81
CA ALA A 51 3.50 1.56 4.03
C ALA A 51 2.52 1.38 2.87
N ILE A 52 2.96 1.62 1.64
CA ILE A 52 2.04 1.48 0.51
C ILE A 52 1.56 0.04 0.40
N LEU A 53 2.49 -0.91 0.49
CA LEU A 53 2.16 -2.33 0.32
C LEU A 53 0.98 -2.78 1.19
N LEU A 54 0.79 -2.13 2.34
CA LEU A 54 -0.32 -2.43 3.24
C LEU A 54 -1.65 -2.58 2.48
N GLY A 55 -1.83 -1.75 1.45
CA GLY A 55 -3.06 -1.76 0.66
C GLY A 55 -3.50 -3.13 0.19
N LEU A 56 -2.56 -3.93 -0.33
CA LEU A 56 -2.87 -5.28 -0.83
C LEU A 56 -3.72 -6.07 0.18
N ARG A 57 -3.29 -6.10 1.44
CA ARG A 57 -4.03 -6.81 2.48
C ARG A 57 -5.42 -6.23 2.69
N TYR A 58 -5.56 -4.92 2.45
CA TYR A 58 -6.85 -4.25 2.59
C TYR A 58 -7.82 -4.72 1.50
N LYS A 59 -7.32 -4.77 0.26
CA LYS A 59 -8.10 -5.22 -0.89
C LYS A 59 -8.18 -6.74 -0.99
N LYS A 60 -7.38 -7.44 -0.18
CA LYS A 60 -7.35 -8.91 -0.18
C LYS A 60 -6.75 -9.44 -1.48
N LEU A 61 -5.45 -9.19 -1.67
CA LEU A 61 -4.75 -9.64 -2.87
C LEU A 61 -3.22 -9.49 -2.73
N TYR A 62 -2.71 -9.60 -1.51
CA TYR A 62 -1.27 -9.49 -1.25
C TYR A 62 -0.45 -10.53 -2.02
N ASN A 63 -1.11 -11.58 -2.54
CA ASN A 63 -0.42 -12.64 -3.27
C ASN A 63 -0.01 -12.24 -4.69
N GLN A 64 -1.00 -12.03 -5.58
CA GLN A 64 -0.72 -11.67 -6.98
C GLN A 64 -0.68 -10.15 -7.21
N ALA A 65 -0.99 -9.33 -6.21
CA ALA A 65 -0.98 -7.89 -6.40
C ALA A 65 0.46 -7.35 -6.44
N ARG A 66 1.32 -7.91 -5.59
CA ARG A 66 2.72 -7.49 -5.53
C ARG A 66 3.52 -7.96 -6.74
N VAL A 67 3.06 -9.02 -7.41
CA VAL A 67 3.76 -9.55 -8.58
C VAL A 67 3.25 -8.91 -9.88
N LYS A 68 1.95 -8.64 -9.95
CA LYS A 68 1.35 -8.03 -11.14
C LYS A 68 1.82 -6.58 -11.34
N TYR A 69 2.22 -5.94 -10.25
CA TYR A 69 2.67 -4.55 -10.32
C TYR A 69 4.08 -4.41 -9.74
N SER A 70 4.75 -3.31 -10.08
CA SER A 70 6.10 -3.04 -9.60
C SER A 70 6.07 -2.42 -8.20
N LEU A 71 5.95 -3.27 -7.18
CA LEU A 71 5.91 -2.82 -5.79
C LEU A 71 7.30 -2.93 -5.17
N LEU A 72 7.80 -4.16 -5.08
CA LEU A 72 9.13 -4.41 -4.51
C LEU A 72 10.16 -4.59 -5.63
N GLU A 73 10.74 -3.48 -6.07
CA GLU A 73 11.72 -3.49 -7.13
C GLU A 73 13.14 -3.33 -6.56
N SER A 1 7.37 11.69 11.36
CA SER A 1 7.09 11.43 12.79
C SER A 1 6.66 9.98 13.02
N ASP A 2 5.60 9.56 12.33
CA ASP A 2 5.07 8.20 12.45
C ASP A 2 4.31 7.80 11.20
N VAL A 3 4.09 6.49 11.03
CA VAL A 3 3.36 5.98 9.87
C VAL A 3 1.90 6.43 9.88
N TRP A 4 1.31 6.52 11.08
CA TRP A 4 -0.08 6.95 11.22
C TRP A 4 -0.20 8.47 11.08
N SER A 5 0.80 9.20 11.59
CA SER A 5 0.82 10.66 11.50
C SER A 5 0.88 11.08 10.04
N LEU A 6 1.83 10.52 9.30
CA LEU A 6 2.00 10.83 7.88
C LEU A 6 1.40 9.71 7.03
N SER A 7 0.14 9.89 6.64
CA SER A 7 -0.57 8.90 5.83
C SER A 7 -1.21 9.50 4.57
N LYS A 8 -0.81 10.73 4.22
CA LYS A 8 -1.35 11.41 3.03
C LYS A 8 -0.48 11.18 1.79
N THR A 9 0.82 10.94 1.99
CA THR A 9 1.74 10.70 0.88
C THR A 9 1.38 9.44 0.10
N SER A 10 0.82 9.61 -1.10
CA SER A 10 0.43 8.49 -1.95
C SER A 10 1.60 7.97 -2.78
N MET A 11 1.38 6.85 -3.47
CA MET A 11 2.42 6.24 -4.30
C MET A 11 1.83 5.79 -5.64
N THR A 12 2.63 5.90 -6.70
CA THR A 12 2.19 5.51 -8.03
C THR A 12 2.58 4.07 -8.37
N PHE A 13 1.61 3.31 -8.87
CA PHE A 13 1.82 1.92 -9.26
C PHE A 13 2.14 1.83 -10.75
N GLN A 14 3.06 0.93 -11.09
CA GLN A 14 3.47 0.74 -12.48
C GLN A 14 3.22 -0.71 -12.91
N PRO A 15 2.12 -0.94 -13.64
CA PRO A 15 1.75 -2.28 -14.10
C PRO A 15 2.86 -2.96 -14.90
N LYS A 16 3.01 -4.28 -14.74
CA LYS A 16 4.02 -5.04 -15.45
C LYS A 16 3.64 -5.22 -16.91
N LYS A 17 2.35 -5.53 -17.14
CA LYS A 17 1.84 -5.75 -18.49
C LYS A 17 1.05 -4.53 -18.97
N ALA A 18 0.67 -4.54 -20.25
CA ALA A 18 -0.10 -3.44 -20.85
C ALA A 18 -1.55 -3.45 -20.36
N SER A 19 -2.11 -4.65 -20.17
CA SER A 19 -3.49 -4.79 -19.70
C SER A 19 -3.70 -4.13 -18.34
N LEU A 20 -2.70 -4.27 -17.46
CA LEU A 20 -2.78 -3.70 -16.11
C LEU A 20 -2.75 -2.16 -16.17
N GLN A 21 -3.40 -1.53 -15.20
CA GLN A 21 -3.47 -0.07 -15.14
C GLN A 21 -2.85 0.47 -13.84
N PRO A 22 -2.10 1.59 -13.93
CA PRO A 22 -1.45 2.22 -12.76
C PRO A 22 -2.44 2.56 -11.64
N LEU A 23 -1.89 2.99 -10.50
CA LEU A 23 -2.71 3.35 -9.34
C LEU A 23 -2.01 4.41 -8.48
N THR A 24 -2.80 5.25 -7.80
CA THR A 24 -2.24 6.29 -6.95
C THR A 24 -3.08 6.50 -5.69
N ILE A 25 -2.64 5.89 -4.58
CA ILE A 25 -3.34 6.00 -3.30
C ILE A 25 -2.36 5.95 -2.13
N SER A 26 -2.77 6.53 -0.99
CA SER A 26 -1.94 6.57 0.21
C SER A 26 -2.58 5.79 1.37
N LEU A 27 -1.85 5.72 2.49
CA LEU A 27 -2.29 5.03 3.71
C LEU A 27 -3.69 5.49 4.13
N ASP A 28 -3.81 6.76 4.50
CA ASP A 28 -5.07 7.33 4.97
C ASP A 28 -6.17 7.24 3.90
N GLU A 29 -5.78 7.45 2.64
CA GLU A 29 -6.74 7.41 1.53
C GLU A 29 -7.18 5.98 1.19
N LEU A 30 -6.43 4.97 1.67
CA LEU A 30 -6.77 3.58 1.36
C LEU A 30 -7.18 2.77 2.60
N PHE A 31 -7.37 3.44 3.74
CA PHE A 31 -7.79 2.74 4.96
C PHE A 31 -8.92 3.48 5.66
N SER A 32 -9.89 2.73 6.18
CA SER A 32 -11.04 3.31 6.87
C SER A 32 -11.32 2.59 8.20
N SER A 33 -10.27 2.03 8.82
CA SER A 33 -10.41 1.33 10.09
C SER A 33 -9.08 1.27 10.83
N ARG A 34 -9.13 1.47 12.16
CA ARG A 34 -7.92 1.43 12.99
C ARG A 34 -7.33 0.03 13.01
N GLY A 35 -8.18 -0.97 13.27
CA GLY A 35 -7.72 -2.36 13.30
C GLY A 35 -7.21 -2.79 11.93
N GLU A 36 -7.84 -2.28 10.87
CA GLU A 36 -7.43 -2.59 9.51
C GLU A 36 -5.99 -2.14 9.28
N PHE A 37 -5.65 -0.96 9.84
CA PHE A 37 -4.30 -0.41 9.73
C PHE A 37 -3.30 -1.37 10.38
N ILE A 38 -3.65 -1.90 11.54
CA ILE A 38 -2.81 -2.85 12.25
C ILE A 38 -2.47 -4.06 11.39
N SER A 39 -3.49 -4.73 10.85
CA SER A 39 -3.28 -5.92 10.02
C SER A 39 -2.40 -5.57 8.81
N VAL A 40 -2.90 -4.74 7.90
CA VAL A 40 -2.18 -4.36 6.69
C VAL A 40 -0.66 -4.28 6.87
N GLY A 41 -0.19 -3.75 8.00
CA GLY A 41 1.25 -3.65 8.23
C GLY A 41 1.66 -2.28 8.74
N GLY A 42 0.85 -1.69 9.62
CA GLY A 42 1.15 -0.38 10.16
C GLY A 42 1.35 -0.37 11.66
N ASP A 43 2.61 -0.45 12.08
CA ASP A 43 2.96 -0.39 13.50
C ASP A 43 3.23 1.07 13.87
N GLY A 44 4.44 1.55 13.56
CA GLY A 44 4.79 2.93 13.88
C GLY A 44 5.82 3.51 12.92
N ARG A 45 7.07 3.05 13.05
CA ARG A 45 8.13 3.53 12.18
C ARG A 45 8.13 2.74 10.87
N MET A 46 7.63 3.37 9.81
CA MET A 46 7.56 2.74 8.49
C MET A 46 8.89 2.86 7.76
N SER A 47 9.05 2.05 6.70
CA SER A 47 10.28 2.06 5.91
C SER A 47 10.18 3.05 4.76
N HIS A 48 9.33 2.72 3.78
CA HIS A 48 9.16 3.53 2.57
C HIS A 48 8.30 2.78 1.56
N LYS A 49 8.66 1.52 1.28
CA LYS A 49 7.93 0.67 0.37
C LYS A 49 6.80 -0.07 1.09
N GLU A 50 7.03 -0.39 2.36
CA GLU A 50 6.06 -1.12 3.18
C GLU A 50 4.72 -0.39 3.28
N ALA A 51 4.76 0.90 3.67
CA ALA A 51 3.53 1.69 3.82
C ALA A 51 2.59 1.52 2.63
N ILE A 52 3.07 1.73 1.41
CA ILE A 52 2.19 1.60 0.26
C ILE A 52 1.71 0.14 0.13
N LEU A 53 2.65 -0.80 0.24
CA LEU A 53 2.33 -2.22 0.08
C LEU A 53 1.17 -2.67 0.98
N LEU A 54 1.03 -2.05 2.16
CA LEU A 54 -0.06 -2.35 3.09
C LEU A 54 -1.41 -2.50 2.38
N GLY A 55 -1.64 -1.62 1.40
CA GLY A 55 -2.90 -1.62 0.64
C GLY A 55 -3.34 -3.00 0.18
N LEU A 56 -2.41 -3.81 -0.33
CA LEU A 56 -2.74 -5.15 -0.82
C LEU A 56 -3.56 -5.93 0.21
N ARG A 57 -3.18 -5.83 1.48
CA ARG A 57 -3.90 -6.51 2.56
C ARG A 57 -5.32 -5.97 2.70
N TYR A 58 -5.48 -4.66 2.49
CA TYR A 58 -6.79 -4.00 2.58
C TYR A 58 -7.72 -4.49 1.48
N LYS A 59 -7.23 -4.44 0.24
CA LYS A 59 -8.00 -4.87 -0.93
C LYS A 59 -8.07 -6.40 -1.05
N LYS A 60 -7.24 -7.11 -0.28
CA LYS A 60 -7.22 -8.58 -0.30
C LYS A 60 -6.68 -9.09 -1.63
N LEU A 61 -5.38 -8.86 -1.85
CA LEU A 61 -4.73 -9.31 -3.08
C LEU A 61 -3.19 -9.23 -2.99
N TYR A 62 -2.65 -9.40 -1.79
CA TYR A 62 -1.20 -9.35 -1.58
C TYR A 62 -0.46 -10.41 -2.41
N ASN A 63 -1.18 -11.47 -2.80
CA ASN A 63 -0.60 -12.57 -3.58
C ASN A 63 -0.10 -12.13 -4.96
N GLN A 64 -1.04 -11.75 -5.85
CA GLN A 64 -0.68 -11.35 -7.21
C GLN A 64 -0.51 -9.84 -7.38
N ALA A 65 -0.81 -9.03 -6.36
CA ALA A 65 -0.69 -7.58 -6.51
C ALA A 65 0.78 -7.14 -6.51
N ARG A 66 1.59 -7.77 -5.68
CA ARG A 66 3.01 -7.43 -5.58
C ARG A 66 3.81 -7.98 -6.78
N VAL A 67 3.29 -9.01 -7.45
CA VAL A 67 3.97 -9.60 -8.60
C VAL A 67 3.48 -9.01 -9.92
N LYS A 68 2.17 -8.79 -10.03
CA LYS A 68 1.57 -8.23 -11.25
C LYS A 68 1.95 -6.77 -11.45
N TYR A 69 2.11 -6.04 -10.34
CA TYR A 69 2.47 -4.62 -10.40
C TYR A 69 3.88 -4.39 -9.84
N SER A 70 4.45 -3.24 -10.19
CA SER A 70 5.79 -2.89 -9.73
C SER A 70 5.80 -2.43 -8.27
N LEU A 71 6.00 -3.38 -7.36
CA LEU A 71 6.06 -3.10 -5.93
C LEU A 71 7.36 -3.62 -5.35
N LEU A 72 7.49 -4.95 -5.28
CA LEU A 72 8.69 -5.61 -4.77
C LEU A 72 9.17 -6.68 -5.75
N GLU A 73 8.24 -7.52 -6.20
CA GLU A 73 8.55 -8.59 -7.15
C GLU A 73 8.31 -8.14 -8.60
N SER A 1 8.69 11.23 12.08
CA SER A 1 7.25 11.08 11.73
C SER A 1 6.82 9.62 11.81
N ASP A 2 5.51 9.40 11.95
CA ASP A 2 4.96 8.05 12.04
C ASP A 2 4.13 7.71 10.80
N VAL A 3 3.94 6.41 10.56
CA VAL A 3 3.16 5.95 9.40
C VAL A 3 1.72 6.46 9.47
N TRP A 4 1.18 6.58 10.68
CA TRP A 4 -0.18 7.07 10.87
C TRP A 4 -0.23 8.59 10.75
N SER A 5 0.77 9.27 11.31
CA SER A 5 0.84 10.74 11.23
C SER A 5 0.91 11.18 9.77
N LEU A 6 1.87 10.62 9.03
CA LEU A 6 2.04 10.95 7.62
C LEU A 6 1.35 9.90 6.75
N SER A 7 0.02 9.96 6.72
CA SER A 7 -0.79 9.02 5.95
C SER A 7 -1.37 9.67 4.69
N LYS A 8 -0.90 10.87 4.36
CA LYS A 8 -1.37 11.58 3.17
C LYS A 8 -0.36 11.48 2.03
N THR A 9 0.48 10.42 2.05
CA THR A 9 1.48 10.20 1.02
C THR A 9 1.19 8.93 0.22
N SER A 10 1.20 9.06 -1.11
CA SER A 10 0.94 7.92 -2.00
C SER A 10 2.16 7.58 -2.85
N MET A 11 2.08 6.46 -3.56
CA MET A 11 3.16 6.01 -4.43
C MET A 11 2.58 5.49 -5.75
N THR A 12 3.26 5.82 -6.85
CA THR A 12 2.83 5.40 -8.18
C THR A 12 3.38 4.04 -8.55
N PHE A 13 2.47 3.06 -8.69
CA PHE A 13 2.86 1.70 -9.06
C PHE A 13 2.57 1.49 -10.55
N GLN A 14 3.40 0.68 -11.20
CA GLN A 14 3.24 0.42 -12.63
C GLN A 14 3.17 -1.08 -12.92
N PRO A 15 2.00 -1.57 -13.36
CA PRO A 15 1.79 -2.97 -13.71
C PRO A 15 2.88 -3.54 -14.61
N LYS A 16 3.15 -4.83 -14.45
CA LYS A 16 4.17 -5.51 -15.26
C LYS A 16 3.74 -5.54 -16.73
N LYS A 17 2.42 -5.65 -16.96
CA LYS A 17 1.87 -5.68 -18.31
C LYS A 17 1.19 -4.35 -18.64
N ALA A 18 0.86 -4.17 -19.92
CA ALA A 18 0.18 -2.95 -20.38
C ALA A 18 -1.33 -3.02 -20.16
N SER A 19 -1.87 -4.25 -20.06
CA SER A 19 -3.31 -4.45 -19.84
C SER A 19 -3.78 -3.78 -18.55
N LEU A 20 -3.03 -3.95 -17.47
CA LEU A 20 -3.39 -3.36 -16.18
C LEU A 20 -3.08 -1.87 -16.14
N GLN A 21 -3.63 -1.16 -15.16
CA GLN A 21 -3.42 0.27 -15.02
C GLN A 21 -2.67 0.61 -13.73
N PRO A 22 -1.75 1.59 -13.79
CA PRO A 22 -0.95 2.01 -12.62
C PRO A 22 -1.79 2.29 -11.38
N LEU A 23 -1.22 2.00 -10.21
CA LEU A 23 -1.91 2.21 -8.94
C LEU A 23 -1.22 3.29 -8.11
N THR A 24 -1.94 4.36 -7.81
CA THR A 24 -1.41 5.47 -7.01
C THR A 24 -2.32 5.80 -5.84
N ILE A 25 -2.17 5.08 -4.74
CA ILE A 25 -3.01 5.28 -3.55
C ILE A 25 -2.19 5.63 -2.32
N SER A 26 -2.83 6.34 -1.38
CA SER A 26 -2.19 6.75 -0.13
C SER A 26 -2.73 5.95 1.05
N LEU A 27 -2.04 6.06 2.19
CA LEU A 27 -2.43 5.38 3.42
C LEU A 27 -3.84 5.77 3.87
N ASP A 28 -4.02 7.04 4.21
CA ASP A 28 -5.31 7.55 4.66
C ASP A 28 -6.40 7.39 3.60
N GLU A 29 -6.00 7.44 2.34
CA GLU A 29 -6.95 7.32 1.23
C GLU A 29 -7.31 5.87 0.91
N LEU A 30 -6.75 4.90 1.66
CA LEU A 30 -7.05 3.50 1.40
C LEU A 30 -7.34 2.67 2.67
N PHE A 31 -7.50 3.34 3.82
CA PHE A 31 -7.79 2.60 5.04
C PHE A 31 -8.97 3.23 5.79
N SER A 32 -9.85 2.38 6.33
CA SER A 32 -11.03 2.84 7.05
C SER A 32 -11.21 2.10 8.37
N SER A 33 -10.09 1.67 8.98
CA SER A 33 -10.14 0.95 10.25
C SER A 33 -8.77 0.90 10.91
N ARG A 34 -8.74 1.20 12.21
CA ARG A 34 -7.48 1.17 12.98
C ARG A 34 -6.90 -0.24 13.01
N GLY A 35 -7.76 -1.22 13.33
CA GLY A 35 -7.32 -2.60 13.37
C GLY A 35 -6.84 -3.10 12.02
N GLU A 36 -7.52 -2.66 10.95
CA GLU A 36 -7.14 -3.04 9.59
C GLU A 36 -5.70 -2.61 9.31
N PHE A 37 -5.37 -1.38 9.74
CA PHE A 37 -4.02 -0.85 9.56
C PHE A 37 -2.99 -1.77 10.23
N ILE A 38 -3.31 -2.24 11.43
CA ILE A 38 -2.45 -3.16 12.16
C ILE A 38 -2.13 -4.39 11.31
N SER A 39 -3.17 -5.07 10.82
CA SER A 39 -2.99 -6.26 10.00
C SER A 39 -2.12 -5.94 8.78
N VAL A 40 -2.66 -5.11 7.87
CA VAL A 40 -1.96 -4.74 6.63
C VAL A 40 -0.45 -4.63 6.78
N GLY A 41 0.04 -4.12 7.93
CA GLY A 41 1.47 -3.99 8.12
C GLY A 41 1.85 -2.65 8.74
N GLY A 42 1.11 -2.26 9.79
CA GLY A 42 1.38 -0.98 10.44
C GLY A 42 2.05 -1.12 11.79
N ASP A 43 3.37 -0.95 11.81
CA ASP A 43 4.16 -1.01 13.03
C ASP A 43 4.62 0.39 13.44
N GLY A 44 3.83 1.41 13.11
CA GLY A 44 4.18 2.77 13.47
C GLY A 44 5.25 3.36 12.58
N ARG A 45 6.51 2.96 12.81
CA ARG A 45 7.63 3.48 12.03
C ARG A 45 7.80 2.68 10.75
N MET A 46 7.15 3.13 9.68
CA MET A 46 7.23 2.47 8.39
C MET A 46 8.47 2.92 7.63
N SER A 47 8.85 2.17 6.60
CA SER A 47 10.04 2.49 5.81
C SER A 47 9.72 3.47 4.67
N HIS A 48 9.03 2.97 3.65
CA HIS A 48 8.70 3.74 2.46
C HIS A 48 7.85 2.90 1.50
N LYS A 49 8.41 1.81 0.98
CA LYS A 49 7.68 0.92 0.10
C LYS A 49 6.61 0.15 0.88
N GLU A 50 6.88 -0.08 2.17
CA GLU A 50 5.98 -0.80 3.05
C GLU A 50 4.64 -0.09 3.22
N ALA A 51 4.69 1.18 3.63
CA ALA A 51 3.47 1.97 3.86
C ALA A 51 2.47 1.81 2.72
N ILE A 52 2.84 2.19 1.50
CA ILE A 52 1.91 2.06 0.38
C ILE A 52 1.46 0.60 0.24
N LEU A 53 2.42 -0.32 0.29
CA LEU A 53 2.14 -1.75 0.11
C LEU A 53 1.02 -2.26 1.02
N LEU A 54 0.88 -1.67 2.22
CA LEU A 54 -0.17 -2.09 3.15
C LEU A 54 -1.55 -2.15 2.49
N GLY A 55 -1.77 -1.27 1.49
CA GLY A 55 -3.04 -1.23 0.78
C GLY A 55 -3.52 -2.60 0.30
N LEU A 56 -2.61 -3.38 -0.28
CA LEU A 56 -2.94 -4.71 -0.79
C LEU A 56 -3.71 -5.53 0.25
N ARG A 57 -3.20 -5.57 1.48
CA ARG A 57 -3.84 -6.31 2.56
C ARG A 57 -5.25 -5.78 2.84
N TYR A 58 -5.44 -4.47 2.67
CA TYR A 58 -6.73 -3.83 2.87
C TYR A 58 -7.72 -4.26 1.77
N LYS A 59 -7.25 -4.18 0.53
CA LYS A 59 -8.06 -4.53 -0.64
C LYS A 59 -8.23 -6.06 -0.77
N LYS A 60 -7.44 -6.82 -0.02
CA LYS A 60 -7.50 -8.29 -0.05
C LYS A 60 -6.97 -8.82 -1.39
N LEU A 61 -5.70 -8.57 -1.65
CA LEU A 61 -5.06 -9.01 -2.90
C LEU A 61 -3.53 -8.89 -2.86
N TYR A 62 -2.94 -9.03 -1.67
CA TYR A 62 -1.49 -8.93 -1.51
C TYR A 62 -0.75 -10.04 -2.27
N ASN A 63 -1.46 -11.12 -2.63
CA ASN A 63 -0.86 -12.24 -3.35
C ASN A 63 -0.33 -11.85 -4.74
N GLN A 64 -1.24 -11.51 -5.65
CA GLN A 64 -0.86 -11.14 -7.02
C GLN A 64 -0.65 -9.63 -7.20
N ALA A 65 -0.94 -8.81 -6.19
CA ALA A 65 -0.79 -7.37 -6.34
C ALA A 65 0.68 -6.95 -6.31
N ARG A 66 1.45 -7.56 -5.41
CA ARG A 66 2.88 -7.25 -5.26
C ARG A 66 3.70 -7.76 -6.45
N VAL A 67 3.20 -8.81 -7.13
CA VAL A 67 3.91 -9.38 -8.28
C VAL A 67 3.41 -8.80 -9.61
N LYS A 68 2.10 -8.59 -9.72
CA LYS A 68 1.50 -8.04 -10.94
C LYS A 68 1.89 -6.57 -11.13
N TYR A 69 2.06 -5.86 -10.02
CA TYR A 69 2.43 -4.44 -10.07
C TYR A 69 3.87 -4.25 -9.57
N SER A 70 4.48 -3.14 -9.97
CA SER A 70 5.86 -2.85 -9.56
C SER A 70 5.90 -2.29 -8.14
N LEU A 71 5.97 -3.19 -7.15
CA LEU A 71 6.03 -2.81 -5.75
C LEU A 71 7.34 -3.29 -5.11
N LEU A 72 7.45 -4.60 -4.91
CA LEU A 72 8.64 -5.19 -4.31
C LEU A 72 9.44 -5.97 -5.36
N GLU A 73 10.50 -5.33 -5.86
CA GLU A 73 11.35 -5.95 -6.87
C GLU A 73 12.69 -6.39 -6.26
N SER A 1 8.57 11.08 12.44
CA SER A 1 7.82 10.61 11.24
C SER A 1 7.22 9.24 11.46
N ASP A 2 5.90 9.19 11.70
CA ASP A 2 5.21 7.93 11.93
C ASP A 2 4.36 7.53 10.72
N VAL A 3 4.11 6.22 10.60
CA VAL A 3 3.32 5.68 9.49
C VAL A 3 1.86 6.12 9.56
N TRP A 4 1.33 6.22 10.78
CA TRP A 4 -0.06 6.63 10.98
C TRP A 4 -0.20 8.15 10.83
N SER A 5 0.78 8.89 11.34
CA SER A 5 0.78 10.35 11.23
C SER A 5 0.82 10.77 9.75
N LEU A 6 1.79 10.24 9.02
CA LEU A 6 1.94 10.55 7.60
C LEU A 6 1.23 9.50 6.76
N SER A 7 -0.08 9.68 6.60
CA SER A 7 -0.90 8.75 5.83
C SER A 7 -1.47 9.38 4.55
N LYS A 8 -1.07 10.63 4.26
CA LYS A 8 -1.55 11.33 3.07
C LYS A 8 -0.59 11.14 1.89
N THR A 9 0.63 10.64 2.18
CA THR A 9 1.63 10.42 1.13
C THR A 9 1.28 9.21 0.27
N SER A 10 0.93 9.47 -0.99
CA SER A 10 0.56 8.40 -1.92
C SER A 10 1.77 7.96 -2.75
N MET A 11 1.63 6.84 -3.44
CA MET A 11 2.70 6.31 -4.28
C MET A 11 2.16 5.83 -5.63
N THR A 12 2.92 6.08 -6.69
CA THR A 12 2.50 5.69 -8.04
C THR A 12 3.08 4.33 -8.42
N PHE A 13 2.17 3.39 -8.71
CA PHE A 13 2.57 2.04 -9.11
C PHE A 13 2.48 1.90 -10.63
N GLN A 14 3.38 1.11 -11.19
CA GLN A 14 3.41 0.88 -12.64
C GLN A 14 3.10 -0.58 -12.98
N PRO A 15 2.10 -0.82 -13.86
CA PRO A 15 1.72 -2.17 -14.27
C PRO A 15 2.80 -2.86 -15.09
N LYS A 16 2.91 -4.17 -14.94
CA LYS A 16 3.91 -4.94 -15.67
C LYS A 16 3.51 -5.10 -17.14
N LYS A 17 2.21 -5.32 -17.37
CA LYS A 17 1.67 -5.49 -18.72
C LYS A 17 0.74 -4.34 -19.09
N ALA A 18 0.34 -4.29 -20.37
CA ALA A 18 -0.56 -3.25 -20.86
C ALA A 18 -1.94 -3.35 -20.21
N SER A 19 -2.43 -4.58 -20.04
CA SER A 19 -3.74 -4.82 -19.44
C SER A 19 -3.85 -4.17 -18.07
N LEU A 20 -2.80 -4.31 -17.25
CA LEU A 20 -2.77 -3.75 -15.91
C LEU A 20 -2.76 -2.22 -15.96
N GLN A 21 -3.32 -1.59 -14.93
CA GLN A 21 -3.38 -0.13 -14.86
C GLN A 21 -2.65 0.41 -13.63
N PRO A 22 -1.90 1.52 -13.79
CA PRO A 22 -1.14 2.14 -12.69
C PRO A 22 -2.01 2.50 -11.49
N LEU A 23 -1.41 2.44 -10.29
CA LEU A 23 -2.12 2.75 -9.06
C LEU A 23 -1.53 4.00 -8.42
N THR A 24 -2.37 4.78 -7.73
CA THR A 24 -1.91 5.99 -7.06
C THR A 24 -2.78 6.33 -5.85
N ILE A 25 -2.45 5.73 -4.70
CA ILE A 25 -3.21 5.97 -3.48
C ILE A 25 -2.30 5.93 -2.24
N SER A 26 -2.77 6.51 -1.14
CA SER A 26 -1.99 6.57 0.09
C SER A 26 -2.66 5.78 1.23
N LEU A 27 -2.00 5.81 2.39
CA LEU A 27 -2.47 5.13 3.59
C LEU A 27 -3.88 5.57 3.99
N ASP A 28 -4.04 6.86 4.28
CA ASP A 28 -5.33 7.42 4.70
C ASP A 28 -6.41 7.23 3.63
N GLU A 29 -6.01 7.41 2.36
CA GLU A 29 -6.95 7.28 1.25
C GLU A 29 -7.30 5.82 0.95
N LEU A 30 -6.48 4.86 1.42
CA LEU A 30 -6.74 3.45 1.16
C LEU A 30 -7.09 2.65 2.42
N PHE A 31 -7.36 3.35 3.55
CA PHE A 31 -7.73 2.65 4.77
C PHE A 31 -8.95 3.30 5.42
N SER A 32 -9.86 2.47 5.92
CA SER A 32 -11.10 2.96 6.55
C SER A 32 -11.37 2.27 7.89
N SER A 33 -10.32 2.04 8.68
CA SER A 33 -10.46 1.37 9.98
C SER A 33 -9.13 1.27 10.71
N ARG A 34 -9.15 1.55 12.02
CA ARG A 34 -7.94 1.47 12.83
C ARG A 34 -7.43 0.03 12.89
N GLY A 35 -8.34 -0.90 13.19
CA GLY A 35 -7.97 -2.30 13.25
C GLY A 35 -7.47 -2.81 11.91
N GLU A 36 -8.05 -2.30 10.82
CA GLU A 36 -7.63 -2.67 9.48
C GLU A 36 -6.18 -2.26 9.26
N PHE A 37 -5.84 -1.05 9.73
CA PHE A 37 -4.47 -0.54 9.63
C PHE A 37 -3.50 -1.50 10.31
N ILE A 38 -3.89 -1.96 11.51
CA ILE A 38 -3.08 -2.92 12.26
C ILE A 38 -2.81 -4.19 11.45
N SER A 39 -3.87 -4.77 10.88
CA SER A 39 -3.73 -6.00 10.08
C SER A 39 -2.78 -5.76 8.90
N VAL A 40 -3.20 -4.91 7.96
CA VAL A 40 -2.43 -4.60 6.76
C VAL A 40 -0.91 -4.60 6.98
N GLY A 41 -0.44 -4.09 8.13
CA GLY A 41 1.00 -4.06 8.39
C GLY A 41 1.47 -2.70 8.86
N GLY A 42 0.66 -2.03 9.68
CA GLY A 42 1.02 -0.71 10.18
C GLY A 42 1.29 -0.68 11.68
N ASP A 43 2.57 -0.70 12.03
CA ASP A 43 2.97 -0.61 13.43
C ASP A 43 3.20 0.87 13.77
N GLY A 44 4.36 1.40 13.38
CA GLY A 44 4.65 2.80 13.67
C GLY A 44 5.68 3.39 12.71
N ARG A 45 6.93 2.95 12.85
CA ARG A 45 8.00 3.44 12.00
C ARG A 45 8.10 2.62 10.72
N MET A 46 7.58 3.17 9.63
CA MET A 46 7.60 2.50 8.33
C MET A 46 8.83 2.94 7.52
N SER A 47 9.15 2.19 6.47
CA SER A 47 10.31 2.50 5.64
C SER A 47 9.95 3.45 4.50
N HIS A 48 9.19 2.93 3.53
CA HIS A 48 8.81 3.67 2.33
C HIS A 48 7.98 2.79 1.41
N LYS A 49 8.50 1.61 1.06
CA LYS A 49 7.78 0.66 0.22
C LYS A 49 6.75 -0.11 1.05
N GLU A 50 7.01 -0.21 2.36
CA GLU A 50 6.12 -0.93 3.27
C GLU A 50 4.76 -0.23 3.41
N ALA A 51 4.79 1.07 3.74
CA ALA A 51 3.55 1.84 3.93
C ALA A 51 2.59 1.63 2.77
N ILE A 52 3.01 1.92 1.54
CA ILE A 52 2.11 1.75 0.40
C ILE A 52 1.68 0.29 0.30
N LEU A 53 2.64 -0.62 0.40
CA LEU A 53 2.37 -2.06 0.25
C LEU A 53 1.22 -2.54 1.14
N LEU A 54 1.02 -1.90 2.29
CA LEU A 54 -0.07 -2.26 3.20
C LEU A 54 -1.42 -2.35 2.48
N GLY A 55 -1.59 -1.50 1.45
CA GLY A 55 -2.84 -1.47 0.68
C GLY A 55 -3.30 -2.85 0.23
N LEU A 56 -2.37 -3.66 -0.28
CA LEU A 56 -2.70 -5.00 -0.76
C LEU A 56 -3.50 -5.78 0.28
N ARG A 57 -3.05 -5.78 1.54
CA ARG A 57 -3.74 -6.48 2.62
C ARG A 57 -5.14 -5.89 2.85
N TYR A 58 -5.28 -4.59 2.63
CA TYR A 58 -6.57 -3.91 2.78
C TYR A 58 -7.57 -4.42 1.74
N LYS A 59 -7.10 -4.48 0.49
CA LYS A 59 -7.91 -4.96 -0.62
C LYS A 59 -7.94 -6.49 -0.70
N LYS A 60 -7.11 -7.16 0.11
CA LYS A 60 -7.04 -8.62 0.12
C LYS A 60 -6.53 -9.15 -1.21
N LEU A 61 -5.25 -8.89 -1.49
CA LEU A 61 -4.63 -9.34 -2.74
C LEU A 61 -3.11 -9.17 -2.72
N TYR A 62 -2.50 -9.30 -1.54
CA TYR A 62 -1.04 -9.17 -1.41
C TYR A 62 -0.28 -10.24 -2.21
N ASN A 63 -0.98 -11.31 -2.60
CA ASN A 63 -0.35 -12.40 -3.34
C ASN A 63 0.09 -11.98 -4.75
N GLN A 64 -0.88 -11.68 -5.63
CA GLN A 64 -0.56 -11.30 -7.01
C GLN A 64 -0.47 -9.78 -7.22
N ALA A 65 -0.79 -8.97 -6.22
CA ALA A 65 -0.74 -7.52 -6.39
C ALA A 65 0.70 -6.99 -6.36
N ARG A 66 1.49 -7.48 -5.40
CA ARG A 66 2.88 -7.06 -5.25
C ARG A 66 3.74 -7.48 -6.44
N VAL A 67 3.34 -8.56 -7.12
CA VAL A 67 4.09 -9.06 -8.28
C VAL A 67 3.60 -8.42 -9.59
N LYS A 68 2.31 -8.10 -9.66
CA LYS A 68 1.74 -7.49 -10.85
C LYS A 68 2.16 -6.03 -11.02
N TYR A 69 2.73 -5.43 -9.97
CA TYR A 69 3.17 -4.04 -10.04
C TYR A 69 4.53 -3.84 -9.36
N SER A 70 5.19 -2.73 -9.68
CA SER A 70 6.50 -2.43 -9.11
C SER A 70 6.39 -2.04 -7.64
N LEU A 71 6.52 -3.02 -6.76
CA LEU A 71 6.45 -2.79 -5.32
C LEU A 71 7.75 -3.26 -4.65
N LEU A 72 7.91 -4.58 -4.51
CA LEU A 72 9.10 -5.15 -3.89
C LEU A 72 9.82 -6.06 -4.89
N GLU A 73 10.62 -5.44 -5.76
CA GLU A 73 11.37 -6.17 -6.78
C GLU A 73 12.60 -5.38 -7.24
N SER A 1 7.37 11.84 13.36
CA SER A 1 6.86 11.38 12.03
C SER A 1 6.75 9.86 11.98
N ASP A 2 5.51 9.37 11.98
CA ASP A 2 5.25 7.93 11.93
C ASP A 2 4.41 7.55 10.71
N VAL A 3 4.17 6.26 10.55
CA VAL A 3 3.38 5.75 9.44
C VAL A 3 1.91 6.14 9.58
N TRP A 4 1.41 6.19 10.82
CA TRP A 4 0.02 6.57 11.08
C TRP A 4 -0.15 8.08 11.01
N SER A 5 0.81 8.83 11.59
CA SER A 5 0.77 10.28 11.55
C SER A 5 0.79 10.76 10.10
N LEU A 6 1.77 10.30 9.33
CA LEU A 6 1.92 10.66 7.93
C LEU A 6 1.23 9.62 7.05
N SER A 7 -0.06 9.80 6.82
CA SER A 7 -0.84 8.87 6.00
C SER A 7 -1.43 9.56 4.76
N LYS A 8 -0.96 10.77 4.46
CA LYS A 8 -1.43 11.51 3.29
C LYS A 8 -0.41 11.46 2.14
N THR A 9 0.48 10.46 2.16
CA THR A 9 1.50 10.31 1.13
C THR A 9 1.26 9.05 0.30
N SER A 10 0.95 9.24 -0.99
CA SER A 10 0.68 8.12 -1.89
C SER A 10 1.91 7.80 -2.75
N MET A 11 1.85 6.67 -3.45
CA MET A 11 2.94 6.24 -4.32
C MET A 11 2.39 5.71 -5.64
N THR A 12 3.08 6.01 -6.74
CA THR A 12 2.66 5.58 -8.06
C THR A 12 3.24 4.22 -8.42
N PHE A 13 2.36 3.24 -8.64
CA PHE A 13 2.76 1.90 -9.02
C PHE A 13 2.71 1.75 -10.53
N GLN A 14 3.62 0.92 -11.06
CA GLN A 14 3.70 0.68 -12.50
C GLN A 14 3.44 -0.79 -12.81
N PRO A 15 2.34 -1.07 -13.53
CA PRO A 15 1.97 -2.44 -13.93
C PRO A 15 3.06 -3.10 -14.76
N LYS A 16 3.17 -4.43 -14.64
CA LYS A 16 4.16 -5.19 -15.40
C LYS A 16 3.76 -5.27 -16.87
N LYS A 17 2.46 -5.41 -17.13
CA LYS A 17 1.94 -5.49 -18.49
C LYS A 17 1.03 -4.31 -18.81
N ALA A 18 0.85 -4.05 -20.11
CA ALA A 18 0.01 -2.95 -20.57
C ALA A 18 -1.46 -3.15 -20.17
N SER A 19 -1.89 -4.41 -20.10
CA SER A 19 -3.27 -4.72 -19.74
C SER A 19 -3.65 -4.12 -18.39
N LEU A 20 -2.74 -4.22 -17.41
CA LEU A 20 -2.97 -3.68 -16.07
C LEU A 20 -2.93 -2.14 -16.07
N GLN A 21 -3.50 -1.55 -15.02
CA GLN A 21 -3.54 -0.10 -14.88
C GLN A 21 -2.80 0.35 -13.62
N PRO A 22 -1.94 1.38 -13.74
CA PRO A 22 -1.16 1.91 -12.61
C PRO A 22 -2.02 2.25 -11.39
N LEU A 23 -1.40 2.20 -10.21
CA LEU A 23 -2.09 2.50 -8.95
C LEU A 23 -1.44 3.66 -8.22
N THR A 24 -2.25 4.58 -7.69
CA THR A 24 -1.73 5.72 -6.97
C THR A 24 -2.63 6.11 -5.79
N ILE A 25 -2.41 5.48 -4.64
CA ILE A 25 -3.22 5.76 -3.45
C ILE A 25 -2.34 5.85 -2.19
N SER A 26 -2.86 6.52 -1.17
CA SER A 26 -2.13 6.70 0.09
C SER A 26 -2.75 5.89 1.24
N LEU A 27 -2.05 5.89 2.38
CA LEU A 27 -2.50 5.20 3.59
C LEU A 27 -3.90 5.61 4.02
N ASP A 28 -4.06 6.90 4.34
CA ASP A 28 -5.34 7.43 4.80
C ASP A 28 -6.40 7.33 3.69
N GLU A 29 -5.97 7.48 2.45
CA GLU A 29 -6.87 7.40 1.30
C GLU A 29 -7.25 5.97 0.93
N LEU A 30 -6.66 4.97 1.61
CA LEU A 30 -6.97 3.58 1.30
C LEU A 30 -7.32 2.75 2.55
N PHE A 31 -7.52 3.41 3.70
CA PHE A 31 -7.87 2.68 4.93
C PHE A 31 -9.04 3.35 5.64
N SER A 32 -9.97 2.53 6.15
CA SER A 32 -11.14 3.05 6.86
C SER A 32 -11.37 2.31 8.18
N SER A 33 -10.28 1.90 8.84
CA SER A 33 -10.37 1.19 10.11
C SER A 33 -9.03 1.15 10.84
N ARG A 34 -9.05 1.45 12.14
CA ARG A 34 -7.85 1.45 12.96
C ARG A 34 -7.22 0.06 13.00
N GLY A 35 -8.02 -0.94 13.36
CA GLY A 35 -7.54 -2.31 13.42
C GLY A 35 -7.06 -2.82 12.07
N GLU A 36 -7.74 -2.39 10.99
CA GLU A 36 -7.36 -2.79 9.65
C GLU A 36 -5.93 -2.35 9.35
N PHE A 37 -5.58 -1.15 9.79
CA PHE A 37 -4.22 -0.61 9.62
C PHE A 37 -3.20 -1.56 10.24
N ILE A 38 -3.53 -2.07 11.42
CA ILE A 38 -2.65 -3.03 12.11
C ILE A 38 -2.37 -4.25 11.24
N SER A 39 -3.43 -4.89 10.73
CA SER A 39 -3.27 -6.09 9.89
C SER A 39 -2.38 -5.78 8.70
N VAL A 40 -2.87 -4.92 7.80
CA VAL A 40 -2.14 -4.55 6.57
C VAL A 40 -0.63 -4.48 6.74
N GLY A 41 -0.14 -4.02 7.89
CA GLY A 41 1.30 -3.94 8.11
C GLY A 41 1.74 -2.57 8.61
N GLY A 42 0.96 -2.00 9.54
CA GLY A 42 1.30 -0.68 10.06
C GLY A 42 1.52 -0.67 11.56
N ASP A 43 2.80 -0.74 11.95
CA ASP A 43 3.16 -0.65 13.36
C ASP A 43 3.35 0.82 13.73
N GLY A 44 4.49 1.39 13.33
CA GLY A 44 4.76 2.80 13.63
C GLY A 44 5.81 3.39 12.71
N ARG A 45 7.05 2.94 12.88
CA ARG A 45 8.16 3.43 12.05
C ARG A 45 8.22 2.67 10.74
N MET A 46 7.68 3.27 9.68
CA MET A 46 7.66 2.65 8.36
C MET A 46 8.86 3.13 7.53
N SER A 47 9.12 2.44 6.42
CA SER A 47 10.23 2.79 5.55
C SER A 47 9.82 3.78 4.47
N HIS A 48 9.02 3.29 3.52
CA HIS A 48 8.58 4.08 2.36
C HIS A 48 7.79 3.19 1.41
N LYS A 49 8.43 2.14 0.91
CA LYS A 49 7.76 1.19 0.02
C LYS A 49 6.79 0.33 0.82
N GLU A 50 7.10 0.12 2.10
CA GLU A 50 6.28 -0.70 2.99
C GLU A 50 4.89 -0.09 3.21
N ALA A 51 4.86 1.18 3.63
CA ALA A 51 3.59 1.87 3.91
C ALA A 51 2.57 1.67 2.79
N ILE A 52 2.91 2.05 1.56
CA ILE A 52 1.96 1.89 0.46
C ILE A 52 1.51 0.44 0.33
N LEU A 53 2.48 -0.49 0.37
CA LEU A 53 2.18 -1.91 0.17
C LEU A 53 1.05 -2.43 1.06
N LEU A 54 0.87 -1.82 2.24
CA LEU A 54 -0.19 -2.21 3.17
C LEU A 54 -1.55 -2.31 2.47
N GLY A 55 -1.79 -1.42 1.49
CA GLY A 55 -3.05 -1.40 0.76
C GLY A 55 -3.50 -2.76 0.26
N LEU A 56 -2.58 -3.51 -0.36
CA LEU A 56 -2.91 -4.84 -0.89
C LEU A 56 -3.69 -5.68 0.12
N ARG A 57 -3.17 -5.80 1.34
CA ARG A 57 -3.83 -6.58 2.38
C ARG A 57 -5.20 -6.00 2.74
N TYR A 58 -5.34 -4.66 2.63
CA TYR A 58 -6.62 -4.00 2.91
C TYR A 58 -7.64 -4.40 1.85
N LYS A 59 -7.24 -4.29 0.58
CA LYS A 59 -8.09 -4.63 -0.56
C LYS A 59 -8.26 -6.16 -0.70
N LYS A 60 -7.44 -6.92 0.03
CA LYS A 60 -7.49 -8.38 -0.02
C LYS A 60 -6.99 -8.90 -1.38
N LEU A 61 -5.71 -8.65 -1.65
CA LEU A 61 -5.09 -9.07 -2.90
C LEU A 61 -3.56 -8.95 -2.86
N TYR A 62 -2.97 -9.11 -1.67
CA TYR A 62 -1.52 -9.01 -1.50
C TYR A 62 -0.77 -10.12 -2.25
N ASN A 63 -1.50 -11.17 -2.68
CA ASN A 63 -0.89 -12.30 -3.37
C ASN A 63 -0.42 -11.92 -4.79
N GLN A 64 -1.35 -11.52 -5.66
CA GLN A 64 -1.02 -11.18 -7.04
C GLN A 64 -0.78 -9.68 -7.24
N ALA A 65 -1.17 -8.83 -6.29
CA ALA A 65 -0.99 -7.39 -6.47
C ALA A 65 0.48 -6.98 -6.44
N ARG A 66 1.28 -7.66 -5.62
CA ARG A 66 2.71 -7.36 -5.51
C ARG A 66 3.50 -7.96 -6.68
N VAL A 67 2.98 -9.06 -7.24
CA VAL A 67 3.63 -9.73 -8.35
C VAL A 67 3.23 -9.12 -9.69
N LYS A 68 1.92 -8.90 -9.88
CA LYS A 68 1.39 -8.32 -11.12
C LYS A 68 1.91 -6.90 -11.36
N TYR A 69 2.17 -6.17 -10.26
CA TYR A 69 2.66 -4.80 -10.36
C TYR A 69 4.08 -4.69 -9.80
N SER A 70 4.79 -3.64 -10.21
CA SER A 70 6.17 -3.42 -9.75
C SER A 70 6.18 -2.85 -8.34
N LEU A 71 6.22 -3.75 -7.34
CA LEU A 71 6.25 -3.34 -5.94
C LEU A 71 7.51 -3.89 -5.26
N LEU A 72 7.45 -5.14 -4.79
CA LEU A 72 8.59 -5.77 -4.12
C LEU A 72 8.86 -7.16 -4.71
N GLU A 73 9.59 -7.19 -5.83
CA GLU A 73 9.90 -8.45 -6.50
C GLU A 73 11.41 -8.71 -6.47
N SER A 1 7.91 11.75 12.60
CA SER A 1 7.19 11.22 11.41
C SER A 1 6.85 9.74 11.58
N ASP A 2 5.57 9.45 11.81
CA ASP A 2 5.11 8.07 11.98
C ASP A 2 4.28 7.62 10.78
N VAL A 3 4.18 6.30 10.59
CA VAL A 3 3.41 5.74 9.48
C VAL A 3 1.96 6.20 9.52
N TRP A 4 1.38 6.27 10.72
CA TRP A 4 -0.01 6.69 10.89
C TRP A 4 -0.14 8.21 10.75
N SER A 5 0.88 8.95 11.22
CA SER A 5 0.87 10.41 11.12
C SER A 5 0.88 10.82 9.64
N LEU A 6 1.85 10.28 8.88
CA LEU A 6 1.97 10.58 7.46
C LEU A 6 1.20 9.55 6.64
N SER A 7 -0.09 9.78 6.47
CA SER A 7 -0.95 8.86 5.71
C SER A 7 -1.56 9.52 4.46
N LYS A 8 -1.15 10.76 4.17
CA LYS A 8 -1.66 11.48 3.00
C LYS A 8 -0.71 11.34 1.81
N THR A 9 0.58 11.10 2.08
CA THR A 9 1.58 10.94 1.02
C THR A 9 1.37 9.64 0.25
N SER A 10 0.80 9.75 -0.94
CA SER A 10 0.54 8.57 -1.79
C SER A 10 1.77 8.18 -2.61
N MET A 11 1.67 7.02 -3.26
CA MET A 11 2.75 6.51 -4.10
C MET A 11 2.19 5.96 -5.41
N THR A 12 2.93 6.15 -6.50
CA THR A 12 2.51 5.67 -7.81
C THR A 12 3.15 4.34 -8.18
N PHE A 13 2.31 3.34 -8.42
CA PHE A 13 2.77 2.01 -8.81
C PHE A 13 2.67 1.86 -10.33
N GLN A 14 3.55 1.05 -10.90
CA GLN A 14 3.57 0.81 -12.33
C GLN A 14 3.42 -0.67 -12.66
N PRO A 15 2.24 -1.09 -13.15
CA PRO A 15 1.97 -2.48 -13.52
C PRO A 15 3.06 -3.08 -14.40
N LYS A 16 3.26 -4.39 -14.27
CA LYS A 16 4.27 -5.10 -15.06
C LYS A 16 3.82 -5.23 -16.52
N LYS A 17 2.53 -5.51 -16.70
CA LYS A 17 1.97 -5.67 -18.05
C LYS A 17 1.17 -4.43 -18.46
N ALA A 18 0.79 -4.39 -19.73
CA ALA A 18 0.01 -3.27 -20.27
C ALA A 18 -1.44 -3.32 -19.82
N SER A 19 -1.99 -4.54 -19.74
CA SER A 19 -3.38 -4.73 -19.32
C SER A 19 -3.66 -4.10 -17.94
N LEU A 20 -2.67 -4.20 -17.05
CA LEU A 20 -2.80 -3.65 -15.70
C LEU A 20 -2.65 -2.12 -15.72
N GLN A 21 -3.31 -1.46 -14.77
CA GLN A 21 -3.26 0.01 -14.68
C GLN A 21 -2.55 0.47 -13.41
N PRO A 22 -1.75 1.56 -13.52
CA PRO A 22 -1.00 2.11 -12.38
C PRO A 22 -1.89 2.43 -11.18
N LEU A 23 -1.32 2.39 -9.98
CA LEU A 23 -2.06 2.66 -8.75
C LEU A 23 -1.42 3.79 -7.96
N THR A 24 -2.22 4.81 -7.62
CA THR A 24 -1.72 5.95 -6.86
C THR A 24 -2.61 6.25 -5.66
N ILE A 25 -2.22 5.73 -4.49
CA ILE A 25 -2.99 5.95 -3.26
C ILE A 25 -2.10 5.88 -2.02
N SER A 26 -2.62 6.36 -0.89
CA SER A 26 -1.87 6.35 0.36
C SER A 26 -2.59 5.60 1.48
N LEU A 27 -1.97 5.60 2.66
CA LEU A 27 -2.50 4.94 3.86
C LEU A 27 -3.91 5.43 4.22
N ASP A 28 -4.04 6.75 4.46
CA ASP A 28 -5.31 7.34 4.85
C ASP A 28 -6.36 7.22 3.75
N GLU A 29 -5.93 7.42 2.50
CA GLU A 29 -6.82 7.35 1.35
C GLU A 29 -7.23 5.91 1.02
N LEU A 30 -6.56 4.91 1.62
CA LEU A 30 -6.88 3.51 1.33
C LEU A 30 -7.24 2.71 2.60
N PHE A 31 -7.48 3.38 3.73
CA PHE A 31 -7.85 2.66 4.96
C PHE A 31 -9.04 3.34 5.65
N SER A 32 -9.95 2.51 6.17
CA SER A 32 -11.14 3.02 6.85
C SER A 32 -11.36 2.29 8.19
N SER A 33 -10.27 1.85 8.82
CA SER A 33 -10.35 1.14 10.09
C SER A 33 -9.00 1.08 10.79
N ARG A 34 -9.00 1.26 12.11
CA ARG A 34 -7.77 1.22 12.90
C ARG A 34 -7.15 -0.18 12.86
N GLY A 35 -7.97 -1.20 13.14
CA GLY A 35 -7.48 -2.57 13.12
C GLY A 35 -7.00 -2.98 11.74
N GLU A 36 -7.67 -2.47 10.70
CA GLU A 36 -7.28 -2.76 9.32
C GLU A 36 -5.83 -2.32 9.09
N PHE A 37 -5.49 -1.14 9.61
CA PHE A 37 -4.14 -0.59 9.48
C PHE A 37 -3.13 -1.56 10.10
N ILE A 38 -3.46 -2.08 11.28
CA ILE A 38 -2.61 -3.05 11.97
C ILE A 38 -2.33 -4.28 11.11
N SER A 39 -3.39 -4.90 10.58
CA SER A 39 -3.25 -6.10 9.76
C SER A 39 -2.33 -5.82 8.57
N VAL A 40 -2.79 -4.95 7.66
CA VAL A 40 -2.04 -4.60 6.44
C VAL A 40 -0.51 -4.58 6.63
N GLY A 41 -0.02 -4.13 7.79
CA GLY A 41 1.41 -4.09 8.02
C GLY A 41 1.88 -2.73 8.50
N GLY A 42 1.12 -2.13 9.43
CA GLY A 42 1.48 -0.82 9.95
C GLY A 42 1.66 -0.79 11.45
N ASP A 43 2.91 -0.93 11.90
CA ASP A 43 3.24 -0.85 13.31
C ASP A 43 3.35 0.62 13.70
N GLY A 44 4.46 1.25 13.32
CA GLY A 44 4.67 2.65 13.64
C GLY A 44 5.68 3.33 12.74
N ARG A 45 6.95 2.96 12.89
CA ARG A 45 8.01 3.53 12.07
C ARG A 45 8.15 2.77 10.76
N MET A 46 7.52 3.29 9.70
CA MET A 46 7.57 2.65 8.39
C MET A 46 8.73 3.19 7.57
N SER A 47 9.08 2.49 6.48
CA SER A 47 10.18 2.90 5.62
C SER A 47 9.72 3.84 4.51
N HIS A 48 8.97 3.28 3.55
CA HIS A 48 8.49 4.02 2.37
C HIS A 48 7.74 3.07 1.44
N LYS A 49 8.46 2.15 0.81
CA LYS A 49 7.83 1.17 -0.08
C LYS A 49 6.88 0.27 0.73
N GLU A 50 7.19 0.09 2.01
CA GLU A 50 6.39 -0.73 2.91
C GLU A 50 5.00 -0.13 3.15
N ALA A 51 4.96 1.13 3.58
CA ALA A 51 3.70 1.83 3.87
C ALA A 51 2.69 1.63 2.75
N ILE A 52 3.07 1.95 1.51
CA ILE A 52 2.13 1.81 0.39
C ILE A 52 1.67 0.35 0.26
N LEU A 53 2.62 -0.59 0.31
CA LEU A 53 2.30 -2.01 0.11
C LEU A 53 1.15 -2.49 0.99
N LEU A 54 0.97 -1.88 2.15
CA LEU A 54 -0.11 -2.24 3.07
C LEU A 54 -1.47 -2.30 2.36
N GLY A 55 -1.65 -1.42 1.36
CA GLY A 55 -2.90 -1.35 0.61
C GLY A 55 -3.41 -2.70 0.13
N LEU A 56 -2.52 -3.51 -0.46
CA LEU A 56 -2.89 -4.83 -0.98
C LEU A 56 -3.77 -5.61 -0.01
N ARG A 57 -3.31 -5.78 1.23
CA ARG A 57 -4.08 -6.52 2.25
C ARG A 57 -5.45 -5.88 2.48
N TYR A 58 -5.55 -4.56 2.34
CA TYR A 58 -6.82 -3.85 2.51
C TYR A 58 -7.80 -4.27 1.40
N LYS A 59 -7.31 -4.23 0.15
CA LYS A 59 -8.11 -4.61 -1.00
C LYS A 59 -8.26 -6.12 -1.13
N LYS A 60 -7.53 -6.89 -0.31
CA LYS A 60 -7.59 -8.34 -0.33
C LYS A 60 -7.01 -8.89 -1.63
N LEU A 61 -5.72 -8.61 -1.86
CA LEU A 61 -5.03 -9.07 -3.07
C LEU A 61 -3.51 -8.96 -2.95
N TYR A 62 -2.99 -9.08 -1.72
CA TYR A 62 -1.54 -9.00 -1.47
C TYR A 62 -0.78 -10.14 -2.18
N ASN A 63 -1.49 -11.19 -2.56
CA ASN A 63 -0.87 -12.35 -3.22
C ASN A 63 -0.44 -12.03 -4.66
N GLN A 64 -1.39 -11.58 -5.50
CA GLN A 64 -1.09 -11.30 -6.90
C GLN A 64 -0.74 -9.82 -7.16
N ALA A 65 -1.15 -8.91 -6.26
CA ALA A 65 -0.89 -7.49 -6.48
C ALA A 65 0.61 -7.17 -6.47
N ARG A 66 1.35 -7.79 -5.56
CA ARG A 66 2.79 -7.57 -5.45
C ARG A 66 3.56 -8.13 -6.66
N VAL A 67 3.08 -9.25 -7.22
CA VAL A 67 3.74 -9.88 -8.37
C VAL A 67 3.26 -9.28 -9.70
N LYS A 68 1.95 -9.01 -9.81
CA LYS A 68 1.38 -8.45 -11.04
C LYS A 68 1.84 -7.02 -11.27
N TYR A 69 1.88 -6.22 -10.21
CA TYR A 69 2.30 -4.83 -10.30
C TYR A 69 3.71 -4.63 -9.74
N SER A 70 4.34 -3.51 -10.10
CA SER A 70 5.69 -3.20 -9.64
C SER A 70 5.67 -2.54 -8.25
N LEU A 71 5.74 -3.37 -7.21
CA LEU A 71 5.75 -2.89 -5.84
C LEU A 71 7.06 -3.29 -5.16
N LEU A 72 7.24 -4.59 -4.95
CA LEU A 72 8.44 -5.13 -4.33
C LEU A 72 9.00 -6.28 -5.14
N GLU A 73 8.15 -7.29 -5.37
CA GLU A 73 8.54 -8.47 -6.15
C GLU A 73 7.36 -8.98 -6.98
N SER A 1 7.74 12.04 12.42
CA SER A 1 7.28 11.21 11.28
C SER A 1 6.86 9.81 11.74
N ASP A 2 5.68 9.38 11.29
CA ASP A 2 5.14 8.07 11.65
C ASP A 2 4.23 7.53 10.55
N VAL A 3 4.10 6.22 10.47
CA VAL A 3 3.25 5.59 9.45
C VAL A 3 1.79 6.03 9.58
N TRP A 4 1.33 6.20 10.83
CA TRP A 4 -0.06 6.61 11.08
C TRP A 4 -0.20 8.13 11.01
N SER A 5 0.76 8.85 11.60
CA SER A 5 0.75 10.32 11.57
C SER A 5 0.81 10.80 10.13
N LEU A 6 1.80 10.31 9.38
CA LEU A 6 1.96 10.68 7.98
C LEU A 6 1.34 9.63 7.07
N SER A 7 0.05 9.80 6.79
CA SER A 7 -0.68 8.85 5.95
C SER A 7 -1.25 9.50 4.68
N LYS A 8 -0.80 10.72 4.37
CA LYS A 8 -1.26 11.43 3.18
C LYS A 8 -0.21 11.42 2.07
N THR A 9 0.63 10.38 2.04
CA THR A 9 1.67 10.24 1.04
C THR A 9 1.38 9.06 0.11
N SER A 10 0.87 9.36 -1.09
CA SER A 10 0.53 8.32 -2.06
C SER A 10 1.74 7.87 -2.87
N MET A 11 1.61 6.73 -3.53
CA MET A 11 2.67 6.17 -4.36
C MET A 11 2.12 5.72 -5.71
N THR A 12 2.94 5.84 -6.76
CA THR A 12 2.52 5.46 -8.10
C THR A 12 2.92 4.02 -8.44
N PHE A 13 1.94 3.21 -8.81
CA PHE A 13 2.16 1.82 -9.19
C PHE A 13 2.33 1.70 -10.70
N GLN A 14 3.22 0.79 -11.13
CA GLN A 14 3.47 0.58 -12.55
C GLN A 14 3.15 -0.85 -12.94
N PRO A 15 2.08 -1.06 -13.73
CA PRO A 15 1.65 -2.39 -14.17
C PRO A 15 2.74 -3.10 -14.98
N LYS A 16 2.75 -4.43 -14.90
CA LYS A 16 3.74 -5.23 -15.64
C LYS A 16 3.36 -5.34 -17.11
N LYS A 17 2.05 -5.48 -17.39
CA LYS A 17 1.56 -5.60 -18.75
C LYS A 17 0.67 -4.41 -19.12
N ALA A 18 0.47 -4.21 -20.42
CA ALA A 18 -0.34 -3.09 -20.93
C ALA A 18 -1.79 -3.19 -20.47
N SER A 19 -2.33 -4.42 -20.41
CA SER A 19 -3.71 -4.65 -19.99
C SER A 19 -3.98 -4.02 -18.63
N LEU A 20 -3.02 -4.13 -17.72
CA LEU A 20 -3.16 -3.57 -16.37
C LEU A 20 -2.96 -2.06 -16.39
N GLN A 21 -3.58 -1.38 -15.42
CA GLN A 21 -3.50 0.09 -15.32
C GLN A 21 -2.81 0.51 -14.02
N PRO A 22 -2.02 1.61 -14.06
CA PRO A 22 -1.29 2.13 -12.89
C PRO A 22 -2.23 2.48 -11.73
N LEU A 23 -1.63 2.71 -10.56
CA LEU A 23 -2.40 3.05 -9.36
C LEU A 23 -1.70 4.14 -8.55
N THR A 24 -2.50 4.99 -7.90
CA THR A 24 -1.97 6.08 -7.09
C THR A 24 -2.80 6.28 -5.83
N ILE A 25 -2.47 5.54 -4.77
CA ILE A 25 -3.20 5.63 -3.51
C ILE A 25 -2.26 5.82 -2.31
N SER A 26 -2.80 6.39 -1.23
CA SER A 26 -2.03 6.63 -0.01
C SER A 26 -2.60 5.86 1.18
N LEU A 27 -1.83 5.83 2.27
CA LEU A 27 -2.21 5.16 3.51
C LEU A 27 -3.63 5.57 3.97
N ASP A 28 -3.78 6.85 4.32
CA ASP A 28 -5.07 7.37 4.79
C ASP A 28 -6.15 7.24 3.72
N GLU A 29 -5.78 7.43 2.47
CA GLU A 29 -6.73 7.35 1.36
C GLU A 29 -7.11 5.90 1.03
N LEU A 30 -6.39 4.92 1.62
CA LEU A 30 -6.69 3.52 1.36
C LEU A 30 -7.09 2.73 2.61
N PHE A 31 -7.29 3.42 3.74
CA PHE A 31 -7.69 2.73 4.97
C PHE A 31 -8.81 3.49 5.67
N SER A 32 -9.77 2.76 6.22
CA SER A 32 -10.90 3.37 6.93
C SER A 32 -11.19 2.67 8.26
N SER A 33 -10.13 2.19 8.92
CA SER A 33 -10.29 1.51 10.20
C SER A 33 -8.95 1.39 10.95
N ARG A 34 -9.00 1.55 12.27
CA ARG A 34 -7.79 1.45 13.10
C ARG A 34 -7.26 0.02 13.09
N GLY A 35 -8.12 -0.93 13.46
CA GLY A 35 -7.72 -2.33 13.46
C GLY A 35 -7.28 -2.80 12.09
N GLU A 36 -7.94 -2.28 11.05
CA GLU A 36 -7.59 -2.62 9.67
C GLU A 36 -6.15 -2.23 9.38
N PHE A 37 -5.76 -1.04 9.84
CA PHE A 37 -4.39 -0.54 9.67
C PHE A 37 -3.40 -1.51 10.30
N ILE A 38 -3.75 -2.04 11.48
CA ILE A 38 -2.92 -3.01 12.17
C ILE A 38 -2.65 -4.25 11.33
N SER A 39 -3.71 -4.88 10.81
CA SER A 39 -3.57 -6.08 9.99
C SER A 39 -2.65 -5.81 8.80
N VAL A 40 -3.10 -4.95 7.88
CA VAL A 40 -2.34 -4.61 6.66
C VAL A 40 -0.82 -4.60 6.87
N GLY A 41 -0.35 -4.13 8.03
CA GLY A 41 1.08 -4.10 8.28
C GLY A 41 1.55 -2.73 8.75
N GLY A 42 0.78 -2.10 9.63
CA GLY A 42 1.13 -0.77 10.12
C GLY A 42 1.30 -0.71 11.61
N ASP A 43 2.55 -0.79 12.06
CA ASP A 43 2.86 -0.68 13.49
C ASP A 43 3.00 0.81 13.82
N GLY A 44 4.13 1.41 13.46
CA GLY A 44 4.35 2.82 13.74
C GLY A 44 5.47 3.41 12.90
N ARG A 45 6.70 2.98 13.16
CA ARG A 45 7.85 3.47 12.41
C ARG A 45 8.06 2.65 11.14
N MET A 46 7.41 3.09 10.05
CA MET A 46 7.51 2.40 8.77
C MET A 46 8.72 2.90 7.98
N SER A 47 9.07 2.18 6.91
CA SER A 47 10.21 2.55 6.09
C SER A 47 9.82 3.48 4.94
N HIS A 48 9.23 2.92 3.90
CA HIS A 48 8.84 3.65 2.69
C HIS A 48 8.07 2.74 1.75
N LYS A 49 8.71 1.70 1.23
CA LYS A 49 8.03 0.75 0.36
C LYS A 49 7.01 -0.07 1.14
N GLU A 50 7.26 -0.24 2.45
CA GLU A 50 6.38 -1.00 3.32
C GLU A 50 5.01 -0.33 3.46
N ALA A 51 5.00 0.95 3.84
CA ALA A 51 3.76 1.70 4.04
C ALA A 51 2.80 1.52 2.87
N ILE A 52 3.23 1.84 1.64
CA ILE A 52 2.34 1.70 0.50
C ILE A 52 1.86 0.25 0.37
N LEU A 53 2.79 -0.70 0.47
CA LEU A 53 2.47 -2.12 0.30
C LEU A 53 1.28 -2.58 1.15
N LEU A 54 1.06 -1.94 2.30
CA LEU A 54 -0.07 -2.28 3.18
C LEU A 54 -1.40 -2.34 2.39
N GLY A 55 -1.52 -1.50 1.36
CA GLY A 55 -2.72 -1.45 0.55
C GLY A 55 -3.21 -2.80 0.09
N LEU A 56 -2.29 -3.64 -0.40
CA LEU A 56 -2.64 -4.98 -0.89
C LEU A 56 -3.54 -5.71 0.11
N ARG A 57 -3.14 -5.71 1.38
CA ARG A 57 -3.91 -6.37 2.43
C ARG A 57 -5.33 -5.77 2.54
N TYR A 58 -5.44 -4.46 2.31
CA TYR A 58 -6.72 -3.77 2.34
C TYR A 58 -7.65 -4.29 1.24
N LYS A 59 -7.12 -4.33 0.02
CA LYS A 59 -7.88 -4.79 -1.15
C LYS A 59 -7.95 -6.32 -1.23
N LYS A 60 -7.28 -7.02 -0.31
CA LYS A 60 -7.28 -8.47 -0.29
C LYS A 60 -6.64 -9.04 -1.55
N LEU A 61 -5.34 -8.80 -1.71
CA LEU A 61 -4.60 -9.29 -2.87
C LEU A 61 -3.08 -9.17 -2.68
N TYR A 62 -2.61 -9.25 -1.43
CA TYR A 62 -1.18 -9.16 -1.13
C TYR A 62 -0.37 -10.28 -1.80
N ASN A 63 -1.03 -11.31 -2.32
CA ASN A 63 -0.36 -12.43 -2.97
C ASN A 63 0.11 -12.08 -4.39
N GLN A 64 -0.83 -11.80 -5.29
CA GLN A 64 -0.51 -11.49 -6.68
C GLN A 64 -0.38 -9.99 -6.97
N ALA A 65 -0.73 -9.13 -6.02
CA ALA A 65 -0.66 -7.68 -6.25
C ALA A 65 0.80 -7.19 -6.34
N ARG A 66 1.63 -7.65 -5.40
CA ARG A 66 3.04 -7.24 -5.37
C ARG A 66 3.81 -7.74 -6.60
N VAL A 67 3.41 -8.91 -7.12
CA VAL A 67 4.08 -9.49 -8.29
C VAL A 67 3.49 -8.98 -9.61
N LYS A 68 2.16 -8.81 -9.64
CA LYS A 68 1.47 -8.34 -10.85
C LYS A 68 1.75 -6.86 -11.12
N TYR A 69 2.17 -6.12 -10.08
CA TYR A 69 2.47 -4.70 -10.23
C TYR A 69 3.88 -4.38 -9.71
N SER A 70 4.36 -3.17 -10.02
CA SER A 70 5.68 -2.74 -9.58
C SER A 70 5.64 -2.17 -8.17
N LEU A 71 5.96 -3.02 -7.18
CA LEU A 71 5.96 -2.61 -5.78
C LEU A 71 7.36 -2.78 -5.18
N LEU A 72 7.75 -4.02 -4.90
CA LEU A 72 9.06 -4.32 -4.33
C LEU A 72 9.99 -4.89 -5.39
N GLU A 73 11.06 -4.14 -5.70
CA GLU A 73 12.03 -4.57 -6.70
C GLU A 73 13.46 -4.42 -6.16
N SER A 1 8.57 11.00 12.46
CA SER A 1 7.65 10.61 11.36
C SER A 1 7.08 9.21 11.57
N ASP A 2 5.76 9.13 11.76
CA ASP A 2 5.10 7.85 11.98
C ASP A 2 4.24 7.45 10.78
N VAL A 3 3.95 6.16 10.67
CA VAL A 3 3.15 5.64 9.57
C VAL A 3 1.71 6.15 9.62
N TRP A 4 1.18 6.32 10.84
CA TRP A 4 -0.18 6.82 11.01
C TRP A 4 -0.24 8.34 10.92
N SER A 5 0.75 9.01 11.53
CA SER A 5 0.82 10.48 11.47
C SER A 5 0.94 10.94 10.01
N LEU A 6 1.91 10.38 9.30
CA LEU A 6 2.13 10.72 7.90
C LEU A 6 1.42 9.72 6.99
N SER A 7 0.12 9.91 6.82
CA SER A 7 -0.69 9.02 5.98
C SER A 7 -1.17 9.70 4.70
N LYS A 8 -0.62 10.89 4.41
CA LYS A 8 -0.99 11.64 3.21
C LYS A 8 0.08 11.52 2.12
N THR A 9 0.71 10.34 2.05
CA THR A 9 1.75 10.08 1.06
C THR A 9 1.34 8.98 0.09
N SER A 10 0.92 9.38 -1.12
CA SER A 10 0.48 8.42 -2.13
C SER A 10 1.67 7.85 -2.90
N MET A 11 1.43 6.76 -3.63
CA MET A 11 2.48 6.12 -4.42
C MET A 11 1.92 5.64 -5.75
N THR A 12 2.75 5.69 -6.80
CA THR A 12 2.34 5.28 -8.13
C THR A 12 2.71 3.82 -8.41
N PHE A 13 1.71 3.03 -8.80
CA PHE A 13 1.91 1.62 -9.13
C PHE A 13 2.14 1.48 -10.64
N GLN A 14 3.03 0.56 -11.01
CA GLN A 14 3.33 0.32 -12.42
C GLN A 14 2.97 -1.11 -12.82
N PRO A 15 2.00 -1.26 -13.75
CA PRO A 15 1.57 -2.58 -14.21
C PRO A 15 2.66 -3.31 -14.99
N LYS A 16 2.71 -4.63 -14.83
CA LYS A 16 3.71 -5.45 -15.52
C LYS A 16 3.42 -5.52 -17.02
N LYS A 17 2.14 -5.54 -17.38
CA LYS A 17 1.73 -5.62 -18.79
C LYS A 17 0.75 -4.51 -19.16
N ALA A 18 0.49 -4.37 -20.45
CA ALA A 18 -0.43 -3.34 -20.96
C ALA A 18 -1.84 -3.53 -20.41
N SER A 19 -2.27 -4.78 -20.24
CA SER A 19 -3.60 -5.09 -19.72
C SER A 19 -3.82 -4.43 -18.37
N LEU A 20 -2.80 -4.47 -17.51
CA LEU A 20 -2.88 -3.86 -16.18
C LEU A 20 -2.74 -2.34 -16.27
N GLN A 21 -3.39 -1.65 -15.33
CA GLN A 21 -3.36 -0.18 -15.30
C GLN A 21 -2.75 0.33 -13.99
N PRO A 22 -1.95 1.42 -14.07
CA PRO A 22 -1.29 2.01 -12.90
C PRO A 22 -2.28 2.41 -11.80
N LEU A 23 -1.75 2.64 -10.60
CA LEU A 23 -2.57 3.02 -9.45
C LEU A 23 -1.91 4.12 -8.64
N THR A 24 -2.71 4.99 -8.03
CA THR A 24 -2.19 6.08 -7.22
C THR A 24 -3.06 6.31 -5.98
N ILE A 25 -2.56 5.87 -4.82
CA ILE A 25 -3.29 6.00 -3.57
C ILE A 25 -2.34 6.07 -2.37
N SER A 26 -2.84 6.63 -1.26
CA SER A 26 -2.04 6.77 -0.04
C SER A 26 -2.64 5.99 1.13
N LEU A 27 -1.94 6.03 2.26
CA LEU A 27 -2.37 5.36 3.49
C LEU A 27 -3.78 5.78 3.91
N ASP A 28 -3.93 7.06 4.26
CA ASP A 28 -5.22 7.60 4.69
C ASP A 28 -6.30 7.47 3.62
N GLU A 29 -5.90 7.57 2.35
CA GLU A 29 -6.84 7.49 1.24
C GLU A 29 -7.27 6.05 0.94
N LEU A 30 -6.48 5.06 1.37
CA LEU A 30 -6.81 3.66 1.09
C LEU A 30 -7.30 2.91 2.33
N PHE A 31 -6.76 3.24 3.51
CA PHE A 31 -7.18 2.57 4.74
C PHE A 31 -8.30 3.35 5.41
N SER A 32 -9.30 2.63 5.93
CA SER A 32 -10.45 3.27 6.58
C SER A 32 -10.80 2.58 7.91
N SER A 33 -9.81 1.94 8.53
CA SER A 33 -10.04 1.25 9.81
C SER A 33 -8.75 1.10 10.61
N ARG A 34 -8.84 1.40 11.91
CA ARG A 34 -7.68 1.30 12.80
C ARG A 34 -7.20 -0.16 12.89
N GLY A 35 -8.14 -1.06 13.16
CA GLY A 35 -7.81 -2.47 13.25
C GLY A 35 -7.27 -3.02 11.94
N GLU A 36 -7.84 -2.57 10.82
CA GLU A 36 -7.40 -2.99 9.50
C GLU A 36 -5.93 -2.60 9.31
N PHE A 37 -5.60 -1.38 9.75
CA PHE A 37 -4.22 -0.87 9.66
C PHE A 37 -3.27 -1.83 10.39
N ILE A 38 -3.68 -2.29 11.58
CA ILE A 38 -2.89 -3.23 12.36
C ILE A 38 -2.56 -4.48 11.54
N SER A 39 -3.59 -5.09 10.94
CA SER A 39 -3.39 -6.29 10.13
C SER A 39 -2.46 -5.99 8.96
N VAL A 40 -2.94 -5.16 8.01
CA VAL A 40 -2.17 -4.79 6.81
C VAL A 40 -0.66 -4.73 7.03
N GLY A 41 -0.22 -4.19 8.17
CA GLY A 41 1.21 -4.10 8.44
C GLY A 41 1.62 -2.72 8.91
N GLY A 42 0.82 -2.12 9.79
CA GLY A 42 1.11 -0.79 10.28
C GLY A 42 1.26 -0.73 11.79
N ASP A 43 2.51 -0.80 12.25
CA ASP A 43 2.80 -0.68 13.68
C ASP A 43 2.97 0.81 14.01
N GLY A 44 4.13 1.37 13.68
CA GLY A 44 4.38 2.78 13.97
C GLY A 44 5.39 3.41 13.03
N ARG A 45 6.65 3.02 13.18
CA ARG A 45 7.71 3.56 12.33
C ARG A 45 7.87 2.72 11.06
N MET A 46 7.30 3.20 9.97
CA MET A 46 7.37 2.49 8.69
C MET A 46 8.64 2.90 7.93
N SER A 47 8.96 2.17 6.87
CA SER A 47 10.15 2.46 6.08
C SER A 47 9.86 3.42 4.93
N HIS A 48 9.17 2.92 3.92
CA HIS A 48 8.85 3.68 2.71
C HIS A 48 8.06 2.80 1.74
N LYS A 49 8.64 1.66 1.35
CA LYS A 49 7.96 0.72 0.47
C LYS A 49 6.89 -0.04 1.23
N GLU A 50 7.09 -0.19 2.54
CA GLU A 50 6.16 -0.91 3.40
C GLU A 50 4.80 -0.21 3.50
N ALA A 51 4.81 1.07 3.88
CA ALA A 51 3.58 1.85 4.03
C ALA A 51 2.65 1.65 2.83
N ILE A 52 3.13 1.94 1.62
CA ILE A 52 2.28 1.80 0.44
C ILE A 52 1.80 0.34 0.32
N LEU A 53 2.74 -0.59 0.45
CA LEU A 53 2.43 -2.01 0.27
C LEU A 53 1.27 -2.49 1.14
N LEU A 54 1.07 -1.88 2.31
CA LEU A 54 -0.03 -2.24 3.21
C LEU A 54 -1.37 -2.28 2.46
N GLY A 55 -1.53 -1.40 1.47
CA GLY A 55 -2.76 -1.33 0.69
C GLY A 55 -3.25 -2.69 0.21
N LEU A 56 -2.33 -3.52 -0.29
CA LEU A 56 -2.68 -4.85 -0.78
C LEU A 56 -3.51 -5.62 0.24
N ARG A 57 -3.08 -5.61 1.50
CA ARG A 57 -3.79 -6.30 2.57
C ARG A 57 -5.21 -5.75 2.75
N TYR A 58 -5.35 -4.43 2.60
CA TYR A 58 -6.66 -3.77 2.73
C TYR A 58 -7.57 -4.17 1.57
N LYS A 59 -7.03 -4.08 0.35
CA LYS A 59 -7.76 -4.43 -0.86
C LYS A 59 -7.98 -5.94 -1.00
N LYS A 60 -7.21 -6.72 -0.22
CA LYS A 60 -7.31 -8.19 -0.25
C LYS A 60 -6.75 -8.75 -1.55
N LEU A 61 -5.43 -8.58 -1.74
CA LEU A 61 -4.76 -9.07 -2.94
C LEU A 61 -3.23 -9.01 -2.82
N TYR A 62 -2.71 -9.17 -1.59
CA TYR A 62 -1.27 -9.14 -1.36
C TYR A 62 -0.52 -10.25 -2.10
N ASN A 63 -1.26 -11.27 -2.57
CA ASN A 63 -0.65 -12.40 -3.28
C ASN A 63 -0.17 -12.02 -4.69
N GLN A 64 -1.10 -11.67 -5.58
CA GLN A 64 -0.74 -11.33 -6.96
C GLN A 64 -0.55 -9.83 -7.18
N ALA A 65 -0.86 -8.98 -6.20
CA ALA A 65 -0.71 -7.54 -6.39
C ALA A 65 0.76 -7.12 -6.38
N ARG A 66 1.55 -7.74 -5.51
CA ARG A 66 2.98 -7.44 -5.40
C ARG A 66 3.73 -7.86 -6.67
N VAL A 67 3.23 -8.88 -7.35
CA VAL A 67 3.86 -9.38 -8.58
C VAL A 67 3.29 -8.70 -9.83
N LYS A 68 1.98 -8.44 -9.83
CA LYS A 68 1.31 -7.80 -10.97
C LYS A 68 1.72 -6.34 -11.13
N TYR A 69 2.27 -5.74 -10.07
CA TYR A 69 2.70 -4.34 -10.12
C TYR A 69 4.08 -4.17 -9.49
N SER A 70 4.76 -3.08 -9.86
CA SER A 70 6.09 -2.79 -9.34
C SER A 70 6.03 -2.19 -7.93
N LEU A 71 6.07 -3.07 -6.93
CA LEU A 71 6.04 -2.64 -5.52
C LEU A 71 7.39 -2.93 -4.86
N LEU A 72 7.71 -4.21 -4.71
CA LEU A 72 8.96 -4.62 -4.10
C LEU A 72 9.89 -5.24 -5.15
N GLU A 73 10.79 -4.43 -5.69
CA GLU A 73 11.72 -4.89 -6.72
C GLU A 73 13.07 -5.25 -6.10
N SER A 1 6.84 12.13 12.87
CA SER A 1 6.96 11.31 11.64
C SER A 1 6.73 9.83 11.95
N ASP A 2 5.61 9.30 11.43
CA ASP A 2 5.26 7.90 11.64
C ASP A 2 4.33 7.41 10.52
N VAL A 3 4.12 6.09 10.46
CA VAL A 3 3.27 5.50 9.44
C VAL A 3 1.81 5.94 9.62
N TRP A 4 1.37 6.09 10.89
CA TRP A 4 0.00 6.50 11.18
C TRP A 4 -0.12 8.03 11.09
N SER A 5 0.86 8.74 11.66
CA SER A 5 0.86 10.20 11.62
C SER A 5 0.89 10.68 10.17
N LEU A 6 1.89 10.21 9.41
CA LEU A 6 2.03 10.59 8.01
C LEU A 6 1.37 9.53 7.11
N SER A 7 0.06 9.68 6.93
CA SER A 7 -0.71 8.74 6.11
C SER A 7 -1.29 9.40 4.86
N LYS A 8 -0.86 10.64 4.56
CA LYS A 8 -1.35 11.35 3.38
C LYS A 8 -0.30 11.35 2.25
N THR A 9 0.52 10.30 2.21
CA THR A 9 1.55 10.17 1.19
C THR A 9 1.32 8.91 0.35
N SER A 10 0.99 9.10 -0.92
CA SER A 10 0.74 7.98 -1.84
C SER A 10 1.96 7.67 -2.69
N MET A 11 1.87 6.56 -3.43
CA MET A 11 2.95 6.13 -4.31
C MET A 11 2.37 5.61 -5.64
N THR A 12 3.01 5.99 -6.74
CA THR A 12 2.56 5.59 -8.07
C THR A 12 3.17 4.25 -8.47
N PHE A 13 2.32 3.26 -8.66
CA PHE A 13 2.75 1.92 -9.09
C PHE A 13 2.55 1.79 -10.59
N GLN A 14 3.44 1.03 -11.24
CA GLN A 14 3.35 0.83 -12.68
C GLN A 14 3.29 -0.67 -13.01
N PRO A 15 2.18 -1.12 -13.61
CA PRO A 15 1.99 -2.52 -13.99
C PRO A 15 3.06 -3.01 -14.96
N LYS A 16 3.37 -4.30 -14.88
CA LYS A 16 4.37 -4.90 -15.76
C LYS A 16 3.87 -4.94 -17.21
N LYS A 17 2.56 -5.12 -17.38
CA LYS A 17 1.95 -5.18 -18.71
C LYS A 17 1.12 -3.92 -18.99
N ALA A 18 0.57 -3.85 -20.21
CA ALA A 18 -0.24 -2.70 -20.61
C ALA A 18 -1.71 -2.88 -20.19
N SER A 19 -2.18 -4.12 -20.18
CA SER A 19 -3.56 -4.43 -19.79
C SER A 19 -3.88 -3.90 -18.39
N LEU A 20 -2.94 -4.11 -17.46
CA LEU A 20 -3.11 -3.66 -16.08
C LEU A 20 -3.06 -2.13 -15.98
N GLN A 21 -3.53 -1.59 -14.87
CA GLN A 21 -3.56 -0.13 -14.66
C GLN A 21 -2.73 0.27 -13.44
N PRO A 22 -2.02 1.41 -13.52
CA PRO A 22 -1.18 1.92 -12.41
C PRO A 22 -2.01 2.20 -11.14
N LEU A 23 -1.36 2.09 -9.99
CA LEU A 23 -2.03 2.31 -8.71
C LEU A 23 -1.36 3.44 -7.92
N THR A 24 -2.14 4.46 -7.60
CA THR A 24 -1.61 5.60 -6.84
C THR A 24 -2.51 5.91 -5.64
N ILE A 25 -2.29 5.19 -4.54
CA ILE A 25 -3.10 5.36 -3.34
C ILE A 25 -2.24 5.62 -2.10
N SER A 26 -2.82 6.26 -1.10
CA SER A 26 -2.12 6.57 0.15
C SER A 26 -2.72 5.80 1.33
N LEU A 27 -2.04 5.87 2.48
CA LEU A 27 -2.48 5.20 3.71
C LEU A 27 -3.87 5.67 4.14
N ASP A 28 -3.99 6.96 4.44
CA ASP A 28 -5.25 7.55 4.89
C ASP A 28 -6.32 7.47 3.80
N GLU A 29 -5.88 7.51 2.53
CA GLU A 29 -6.79 7.45 1.40
C GLU A 29 -7.23 6.02 1.06
N LEU A 30 -6.72 5.02 1.81
CA LEU A 30 -7.09 3.62 1.52
C LEU A 30 -7.50 2.84 2.78
N PHE A 31 -7.62 3.51 3.94
CA PHE A 31 -8.01 2.81 5.17
C PHE A 31 -9.09 3.58 5.92
N SER A 32 -10.03 2.85 6.51
CA SER A 32 -11.13 3.47 7.27
C SER A 32 -11.36 2.74 8.60
N SER A 33 -10.30 2.16 9.16
CA SER A 33 -10.41 1.43 10.43
C SER A 33 -9.07 1.33 11.14
N ARG A 34 -9.08 1.50 12.47
CA ARG A 34 -7.86 1.42 13.27
C ARG A 34 -7.27 0.02 13.23
N GLY A 35 -8.07 -0.98 13.60
CA GLY A 35 -7.61 -2.36 13.57
C GLY A 35 -7.18 -2.79 12.18
N GLU A 36 -7.87 -2.26 11.16
CA GLU A 36 -7.54 -2.56 9.77
C GLU A 36 -6.13 -2.09 9.45
N PHE A 37 -5.79 -0.90 9.96
CA PHE A 37 -4.46 -0.32 9.78
C PHE A 37 -3.40 -1.25 10.35
N ILE A 38 -3.68 -1.82 11.52
CA ILE A 38 -2.78 -2.76 12.19
C ILE A 38 -2.46 -3.96 11.29
N SER A 39 -3.50 -4.64 10.78
CA SER A 39 -3.30 -5.81 9.92
C SER A 39 -2.48 -5.43 8.70
N VAL A 40 -3.05 -4.59 7.81
CA VAL A 40 -2.38 -4.16 6.58
C VAL A 40 -0.86 -4.04 6.69
N GLY A 41 -0.36 -3.53 7.82
CA GLY A 41 1.08 -3.39 7.99
C GLY A 41 1.48 -2.03 8.53
N GLY A 42 0.70 -1.51 9.49
CA GLY A 42 0.99 -0.20 10.05
C GLY A 42 1.26 -0.24 11.55
N ASP A 43 2.54 -0.33 11.90
CA ASP A 43 2.95 -0.31 13.31
C ASP A 43 3.28 1.13 13.69
N GLY A 44 4.50 1.59 13.37
CA GLY A 44 4.90 2.94 13.70
C GLY A 44 5.88 3.53 12.71
N ARG A 45 7.14 3.11 12.79
CA ARG A 45 8.16 3.62 11.88
C ARG A 45 8.24 2.77 10.61
N MET A 46 7.58 3.25 9.56
CA MET A 46 7.57 2.56 8.28
C MET A 46 8.80 2.93 7.45
N SER A 47 9.06 2.19 6.37
CA SER A 47 10.21 2.44 5.52
C SER A 47 9.90 3.43 4.40
N HIS A 48 9.13 2.96 3.41
CA HIS A 48 8.79 3.75 2.23
C HIS A 48 7.95 2.91 1.28
N LYS A 49 8.46 1.74 0.89
CA LYS A 49 7.73 0.83 0.02
C LYS A 49 6.70 0.03 0.83
N GLU A 50 6.97 -0.13 2.13
CA GLU A 50 6.09 -0.87 3.03
C GLU A 50 4.74 -0.18 3.21
N ALA A 51 4.76 1.08 3.63
CA ALA A 51 3.53 1.85 3.88
C ALA A 51 2.53 1.69 2.73
N ILE A 52 2.92 1.99 1.50
CA ILE A 52 1.98 1.86 0.39
C ILE A 52 1.50 0.42 0.27
N LEU A 53 2.43 -0.54 0.34
CA LEU A 53 2.09 -1.95 0.15
C LEU A 53 0.92 -2.41 1.04
N LEU A 54 0.75 -1.77 2.21
CA LEU A 54 -0.35 -2.08 3.13
C LEU A 54 -1.68 -2.27 2.39
N GLY A 55 -1.90 -1.43 1.38
CA GLY A 55 -3.14 -1.47 0.60
C GLY A 55 -3.54 -2.86 0.12
N LEU A 56 -2.58 -3.64 -0.37
CA LEU A 56 -2.87 -4.99 -0.87
C LEU A 56 -3.69 -5.79 0.14
N ARG A 57 -3.31 -5.73 1.41
CA ARG A 57 -4.03 -6.44 2.46
C ARG A 57 -5.47 -5.91 2.61
N TYR A 58 -5.63 -4.60 2.40
CA TYR A 58 -6.95 -3.96 2.49
C TYR A 58 -7.89 -4.49 1.41
N LYS A 59 -7.40 -4.49 0.17
CA LYS A 59 -8.17 -4.97 -0.98
C LYS A 59 -8.17 -6.49 -1.09
N LYS A 60 -7.31 -7.16 -0.31
CA LYS A 60 -7.20 -8.62 -0.32
C LYS A 60 -6.69 -9.12 -1.67
N LEU A 61 -5.41 -8.84 -1.94
CA LEU A 61 -4.77 -9.27 -3.19
C LEU A 61 -3.25 -9.12 -3.13
N TYR A 62 -2.66 -9.25 -1.95
CA TYR A 62 -1.21 -9.14 -1.78
C TYR A 62 -0.46 -10.20 -2.59
N ASN A 63 -1.08 -11.36 -2.78
CA ASN A 63 -0.47 -12.47 -3.50
C ASN A 63 -0.05 -12.10 -4.93
N GLN A 64 -1.00 -11.67 -5.77
CA GLN A 64 -0.69 -11.31 -7.16
C GLN A 64 -0.44 -9.82 -7.35
N ALA A 65 -0.65 -8.99 -6.33
CA ALA A 65 -0.44 -7.55 -6.49
C ALA A 65 1.03 -7.16 -6.47
N ARG A 66 1.79 -7.76 -5.55
CA ARG A 66 3.21 -7.48 -5.43
C ARG A 66 4.04 -8.09 -6.57
N VAL A 67 3.57 -9.21 -7.14
CA VAL A 67 4.27 -9.88 -8.22
C VAL A 67 3.82 -9.40 -9.60
N LYS A 68 2.51 -9.23 -9.77
CA LYS A 68 1.96 -8.79 -11.07
C LYS A 68 2.27 -7.31 -11.33
N TYR A 69 2.25 -6.49 -10.28
CA TYR A 69 2.55 -5.06 -10.40
C TYR A 69 3.93 -4.74 -9.86
N SER A 70 4.44 -3.56 -10.20
CA SER A 70 5.77 -3.13 -9.74
C SER A 70 5.70 -2.53 -8.34
N LEU A 71 5.91 -3.36 -7.33
CA LEU A 71 5.90 -2.92 -5.93
C LEU A 71 7.20 -3.32 -5.25
N LEU A 72 7.34 -4.61 -4.92
CA LEU A 72 8.54 -5.12 -4.27
C LEU A 72 9.09 -6.32 -5.04
N GLU A 73 8.47 -7.49 -4.84
CA GLU A 73 8.90 -8.71 -5.52
C GLU A 73 7.74 -9.32 -6.31
N SER A 1 8.72 11.71 12.17
CA SER A 1 7.28 11.45 11.86
C SER A 1 6.97 9.95 11.93
N ASP A 2 5.69 9.63 12.06
CA ASP A 2 5.24 8.24 12.14
C ASP A 2 4.42 7.86 10.91
N VAL A 3 4.29 6.55 10.67
CA VAL A 3 3.52 6.05 9.52
C VAL A 3 2.05 6.45 9.63
N TRP A 4 1.54 6.51 10.87
CA TRP A 4 0.14 6.86 11.10
C TRP A 4 -0.06 8.38 10.99
N SER A 5 0.93 9.15 11.46
CA SER A 5 0.88 10.61 11.39
C SER A 5 0.86 11.07 9.93
N LEU A 6 1.81 10.55 9.14
CA LEU A 6 1.90 10.88 7.73
C LEU A 6 1.25 9.79 6.88
N SER A 7 -0.05 9.95 6.64
CA SER A 7 -0.81 8.98 5.86
C SER A 7 -1.49 9.61 4.63
N LYS A 8 -1.14 10.87 4.32
CA LYS A 8 -1.72 11.56 3.17
C LYS A 8 -0.87 11.37 1.91
N THR A 9 0.45 11.27 2.08
CA THR A 9 1.37 11.09 0.96
C THR A 9 1.11 9.77 0.21
N SER A 10 0.51 9.88 -0.97
CA SER A 10 0.18 8.71 -1.79
C SER A 10 1.39 8.27 -2.63
N MET A 11 1.27 7.09 -3.23
CA MET A 11 2.34 6.55 -4.09
C MET A 11 1.75 6.09 -5.41
N THR A 12 2.55 6.19 -6.47
CA THR A 12 2.08 5.78 -7.80
C THR A 12 2.48 4.34 -8.13
N PHE A 13 1.49 3.57 -8.54
CA PHE A 13 1.70 2.17 -8.91
C PHE A 13 1.93 2.05 -10.41
N GLN A 14 2.85 1.18 -10.80
CA GLN A 14 3.17 0.96 -12.21
C GLN A 14 3.13 -0.52 -12.54
N PRO A 15 2.09 -0.97 -13.25
CA PRO A 15 1.93 -2.39 -13.62
C PRO A 15 3.09 -2.90 -14.47
N LYS A 16 3.46 -4.16 -14.24
CA LYS A 16 4.55 -4.78 -14.98
C LYS A 16 4.17 -4.99 -16.43
N LYS A 17 2.88 -5.29 -16.66
CA LYS A 17 2.37 -5.51 -18.02
C LYS A 17 1.61 -4.28 -18.52
N ALA A 18 1.38 -4.24 -19.83
CA ALA A 18 0.66 -3.12 -20.45
C ALA A 18 -0.85 -3.23 -20.20
N SER A 19 -1.38 -4.46 -20.21
CA SER A 19 -2.80 -4.69 -19.98
C SER A 19 -3.26 -4.09 -18.66
N LEU A 20 -2.43 -4.22 -17.62
CA LEU A 20 -2.74 -3.69 -16.30
C LEU A 20 -2.74 -2.15 -16.31
N GLN A 21 -3.37 -1.56 -15.29
CA GLN A 21 -3.45 -0.11 -15.18
C GLN A 21 -2.81 0.38 -13.89
N PRO A 22 -2.12 1.54 -13.92
CA PRO A 22 -1.46 2.10 -12.73
C PRO A 22 -2.45 2.53 -11.65
N LEU A 23 -1.91 2.91 -10.49
CA LEU A 23 -2.73 3.33 -9.35
C LEU A 23 -2.06 4.48 -8.58
N THR A 24 -2.83 5.19 -7.77
CA THR A 24 -2.31 6.30 -6.98
C THR A 24 -3.13 6.51 -5.70
N ILE A 25 -2.80 5.74 -4.66
CA ILE A 25 -3.51 5.84 -3.38
C ILE A 25 -2.53 5.90 -2.20
N SER A 26 -2.99 6.47 -1.09
CA SER A 26 -2.17 6.60 0.11
C SER A 26 -2.74 5.79 1.28
N LEU A 27 -2.03 5.84 2.41
CA LEU A 27 -2.44 5.16 3.64
C LEU A 27 -3.84 5.57 4.09
N ASP A 28 -3.98 6.85 4.45
CA ASP A 28 -5.26 7.38 4.92
C ASP A 28 -6.35 7.26 3.85
N GLU A 29 -5.96 7.43 2.59
CA GLU A 29 -6.89 7.35 1.47
C GLU A 29 -7.28 5.91 1.14
N LEU A 30 -6.57 4.92 1.68
CA LEU A 30 -6.89 3.52 1.40
C LEU A 30 -7.27 2.71 2.65
N PHE A 31 -7.45 3.39 3.79
CA PHE A 31 -7.84 2.69 5.01
C PHE A 31 -8.95 3.42 5.75
N SER A 32 -9.89 2.66 6.32
CA SER A 32 -11.01 3.24 7.06
C SER A 32 -11.21 2.52 8.40
N SER A 33 -10.11 2.12 9.03
CA SER A 33 -10.18 1.42 10.32
C SER A 33 -8.80 1.34 10.98
N ARG A 34 -8.74 1.66 12.28
CA ARG A 34 -7.48 1.61 13.01
C ARG A 34 -6.96 0.18 13.07
N GLY A 35 -7.86 -0.79 13.26
CA GLY A 35 -7.48 -2.18 13.31
C GLY A 35 -7.00 -2.69 11.96
N GLU A 36 -7.67 -2.22 10.89
CA GLU A 36 -7.30 -2.60 9.53
C GLU A 36 -5.84 -2.23 9.27
N PHE A 37 -5.44 -1.04 9.75
CA PHE A 37 -4.07 -0.57 9.60
C PHE A 37 -3.10 -1.55 10.25
N ILE A 38 -3.46 -2.05 11.44
CA ILE A 38 -2.64 -3.03 12.14
C ILE A 38 -2.36 -4.26 11.29
N SER A 39 -3.43 -4.87 10.73
CA SER A 39 -3.26 -6.06 9.90
C SER A 39 -2.38 -5.74 8.69
N VAL A 40 -2.88 -4.89 7.80
CA VAL A 40 -2.15 -4.51 6.57
C VAL A 40 -0.64 -4.45 6.74
N GLY A 41 -0.15 -3.94 7.88
CA GLY A 41 1.29 -3.86 8.09
C GLY A 41 1.72 -2.49 8.59
N GLY A 42 0.92 -1.91 9.50
CA GLY A 42 1.23 -0.59 10.02
C GLY A 42 1.49 -0.59 11.52
N ASP A 43 2.77 -0.61 11.88
CA ASP A 43 3.17 -0.54 13.29
C ASP A 43 3.39 0.93 13.64
N GLY A 44 4.56 1.48 13.29
CA GLY A 44 4.85 2.87 13.61
C GLY A 44 5.86 3.48 12.66
N ARG A 45 7.12 3.07 12.78
CA ARG A 45 8.18 3.60 11.91
C ARG A 45 8.32 2.72 10.67
N MET A 46 7.56 3.08 9.62
CA MET A 46 7.59 2.33 8.37
C MET A 46 8.89 2.59 7.61
N SER A 47 9.11 1.81 6.55
CA SER A 47 10.31 1.93 5.75
C SER A 47 10.14 2.93 4.61
N HIS A 48 9.38 2.53 3.59
CA HIS A 48 9.15 3.32 2.39
C HIS A 48 8.28 2.54 1.41
N LYS A 49 8.68 1.31 1.11
CA LYS A 49 7.93 0.44 0.21
C LYS A 49 6.81 -0.28 0.98
N GLU A 50 7.05 -0.54 2.26
CA GLU A 50 6.10 -1.24 3.12
C GLU A 50 4.78 -0.49 3.26
N ALA A 51 4.84 0.77 3.69
CA ALA A 51 3.63 1.59 3.89
C ALA A 51 2.66 1.45 2.73
N ILE A 52 3.11 1.71 1.50
CA ILE A 52 2.20 1.61 0.36
C ILE A 52 1.69 0.18 0.23
N LEU A 53 2.61 -0.79 0.32
CA LEU A 53 2.28 -2.21 0.15
C LEU A 53 1.09 -2.64 1.03
N LEU A 54 0.94 -2.01 2.20
CA LEU A 54 -0.16 -2.32 3.12
C LEU A 54 -1.50 -2.44 2.39
N GLY A 55 -1.72 -1.57 1.40
CA GLY A 55 -2.96 -1.56 0.62
C GLY A 55 -3.42 -2.92 0.15
N LEU A 56 -2.51 -3.74 -0.39
CA LEU A 56 -2.86 -5.07 -0.87
C LEU A 56 -3.70 -5.85 0.15
N ARG A 57 -3.29 -5.82 1.41
CA ARG A 57 -4.02 -6.52 2.48
C ARG A 57 -5.42 -5.94 2.64
N TYR A 58 -5.56 -4.62 2.47
CA TYR A 58 -6.84 -3.95 2.58
C TYR A 58 -7.80 -4.40 1.48
N LYS A 59 -7.32 -4.35 0.23
CA LYS A 59 -8.09 -4.75 -0.93
C LYS A 59 -8.23 -6.26 -1.05
N LYS A 60 -7.44 -7.01 -0.27
CA LYS A 60 -7.46 -8.47 -0.29
C LYS A 60 -6.94 -9.01 -1.62
N LEU A 61 -5.64 -8.80 -1.86
CA LEU A 61 -5.01 -9.26 -3.10
C LEU A 61 -3.47 -9.20 -3.02
N TYR A 62 -2.92 -9.35 -1.82
CA TYR A 62 -1.47 -9.32 -1.63
C TYR A 62 -0.76 -10.45 -2.40
N ASN A 63 -1.50 -11.51 -2.74
CA ASN A 63 -0.94 -12.66 -3.45
C ASN A 63 -0.46 -12.30 -4.87
N GLN A 64 -1.37 -11.90 -5.75
CA GLN A 64 -1.01 -11.57 -7.13
C GLN A 64 -0.75 -10.07 -7.34
N ALA A 65 -0.99 -9.22 -6.34
CA ALA A 65 -0.77 -7.79 -6.51
C ALA A 65 0.72 -7.45 -6.54
N ARG A 66 1.51 -8.20 -5.77
CA ARG A 66 2.96 -7.98 -5.70
C ARG A 66 3.69 -8.54 -6.93
N VAL A 67 3.10 -9.55 -7.58
CA VAL A 67 3.69 -10.17 -8.76
C VAL A 67 3.27 -9.46 -10.05
N LYS A 68 1.99 -9.05 -10.11
CA LYS A 68 1.45 -8.37 -11.29
C LYS A 68 1.95 -6.93 -11.38
N TYR A 69 2.10 -6.29 -10.22
CA TYR A 69 2.56 -4.90 -10.16
C TYR A 69 3.96 -4.81 -9.56
N SER A 70 4.71 -3.79 -9.96
CA SER A 70 6.07 -3.60 -9.46
C SER A 70 6.06 -2.86 -8.13
N LEU A 71 6.00 -3.63 -7.03
CA LEU A 71 5.99 -3.05 -5.69
C LEU A 71 7.38 -3.23 -5.05
N LEU A 72 7.78 -4.49 -4.85
CA LEU A 72 9.08 -4.79 -4.25
C LEU A 72 10.08 -5.15 -5.34
N GLU A 73 10.75 -4.13 -5.88
CA GLU A 73 11.73 -4.33 -6.94
C GLU A 73 13.14 -4.33 -6.37
N SER A 1 7.72 11.92 13.45
CA SER A 1 7.68 11.06 12.24
C SER A 1 7.09 9.68 12.57
N ASP A 2 6.02 9.32 11.87
CA ASP A 2 5.37 8.02 12.09
C ASP A 2 4.52 7.62 10.88
N VAL A 3 4.32 6.32 10.70
CA VAL A 3 3.53 5.79 9.58
C VAL A 3 2.09 6.30 9.62
N TRP A 4 1.53 6.44 10.82
CA TRP A 4 0.16 6.90 10.99
C TRP A 4 0.08 8.42 10.82
N SER A 5 1.09 9.14 11.31
CA SER A 5 1.13 10.60 11.19
C SER A 5 1.18 11.00 9.72
N LEU A 6 2.11 10.39 8.97
CA LEU A 6 2.25 10.67 7.54
C LEU A 6 1.55 9.59 6.73
N SER A 7 0.27 9.82 6.42
CA SER A 7 -0.53 8.87 5.66
C SER A 7 -1.18 9.49 4.41
N LYS A 8 -0.81 10.74 4.09
CA LYS A 8 -1.36 11.43 2.94
C LYS A 8 -0.53 11.21 1.67
N THR A 9 0.79 11.04 1.84
CA THR A 9 1.68 10.82 0.69
C THR A 9 1.43 9.46 0.04
N SER A 10 0.82 9.49 -1.15
CA SER A 10 0.50 8.27 -1.90
C SER A 10 1.72 7.78 -2.69
N MET A 11 1.56 6.64 -3.37
CA MET A 11 2.63 6.05 -4.17
C MET A 11 2.08 5.54 -5.49
N THR A 12 2.76 5.88 -6.58
CA THR A 12 2.34 5.46 -7.92
C THR A 12 2.95 4.11 -8.31
N PHE A 13 2.08 3.17 -8.68
CA PHE A 13 2.50 1.85 -9.12
C PHE A 13 2.34 1.73 -10.63
N GLN A 14 3.25 1.01 -11.28
CA GLN A 14 3.20 0.84 -12.72
C GLN A 14 2.92 -0.62 -13.08
N PRO A 15 1.94 -0.85 -13.97
CA PRO A 15 1.56 -2.19 -14.40
C PRO A 15 2.66 -2.86 -15.23
N LYS A 16 2.81 -4.17 -15.06
CA LYS A 16 3.82 -4.93 -15.80
C LYS A 16 3.45 -5.02 -17.28
N LYS A 17 2.16 -5.09 -17.57
CA LYS A 17 1.68 -5.19 -18.95
C LYS A 17 0.68 -4.07 -19.26
N ALA A 18 0.39 -3.87 -20.54
CA ALA A 18 -0.53 -2.83 -20.99
C ALA A 18 -1.94 -3.03 -20.42
N SER A 19 -2.38 -4.29 -20.31
CA SER A 19 -3.70 -4.61 -19.79
C SER A 19 -3.92 -4.03 -18.39
N LEU A 20 -2.90 -4.19 -17.52
CA LEU A 20 -2.97 -3.69 -16.15
C LEU A 20 -2.94 -2.16 -16.12
N GLN A 21 -3.49 -1.58 -15.06
CA GLN A 21 -3.54 -0.12 -14.89
C GLN A 21 -2.81 0.33 -13.63
N PRO A 22 -2.08 1.46 -13.70
CA PRO A 22 -1.32 2.01 -12.56
C PRO A 22 -2.18 2.19 -11.31
N LEU A 23 -1.53 2.16 -10.15
CA LEU A 23 -2.22 2.32 -8.86
C LEU A 23 -1.56 3.43 -8.03
N THR A 24 -2.34 4.45 -7.68
CA THR A 24 -1.82 5.56 -6.89
C THR A 24 -2.71 5.87 -5.69
N ILE A 25 -2.32 5.35 -4.52
CA ILE A 25 -3.09 5.57 -3.29
C ILE A 25 -2.17 5.54 -2.07
N SER A 26 -2.62 6.15 -0.97
CA SER A 26 -1.84 6.20 0.27
C SER A 26 -2.54 5.46 1.42
N LEU A 27 -1.90 5.51 2.58
CA LEU A 27 -2.41 4.88 3.80
C LEU A 27 -3.79 5.40 4.18
N ASP A 28 -3.88 6.70 4.48
CA ASP A 28 -5.14 7.32 4.89
C ASP A 28 -6.20 7.23 3.79
N GLU A 29 -5.77 7.32 2.53
CA GLU A 29 -6.69 7.26 1.40
C GLU A 29 -7.10 5.82 1.05
N LEU A 30 -6.48 4.82 1.70
CA LEU A 30 -6.82 3.42 1.41
C LEU A 30 -7.25 2.63 2.65
N PHE A 31 -7.51 3.33 3.77
CA PHE A 31 -7.95 2.64 4.99
C PHE A 31 -9.13 3.37 5.64
N SER A 32 -10.09 2.60 6.13
CA SER A 32 -11.28 3.15 6.76
C SER A 32 -11.58 2.46 8.09
N SER A 33 -10.53 2.30 8.92
CA SER A 33 -10.67 1.65 10.23
C SER A 33 -9.33 1.56 10.94
N ARG A 34 -9.33 1.79 12.26
CA ARG A 34 -8.10 1.72 13.06
C ARG A 34 -7.53 0.31 13.01
N GLY A 35 -8.39 -0.68 13.28
CA GLY A 35 -7.96 -2.07 13.26
C GLY A 35 -7.50 -2.50 11.88
N GLU A 36 -8.11 -1.92 10.83
CA GLU A 36 -7.72 -2.24 9.45
C GLU A 36 -6.25 -1.91 9.23
N PHE A 37 -5.80 -0.77 9.76
CA PHE A 37 -4.42 -0.35 9.65
C PHE A 37 -3.50 -1.36 10.33
N ILE A 38 -3.91 -1.81 11.51
CA ILE A 38 -3.15 -2.81 12.27
C ILE A 38 -2.91 -4.07 11.45
N SER A 39 -3.98 -4.65 10.91
CA SER A 39 -3.87 -5.88 10.12
C SER A 39 -2.92 -5.66 8.94
N VAL A 40 -3.32 -4.80 8.00
CA VAL A 40 -2.53 -4.52 6.79
C VAL A 40 -1.02 -4.52 7.01
N GLY A 41 -0.55 -4.03 8.16
CA GLY A 41 0.89 -4.02 8.41
C GLY A 41 1.38 -2.65 8.88
N GLY A 42 0.62 -2.02 9.78
CA GLY A 42 0.99 -0.70 10.27
C GLY A 42 1.23 -0.67 11.77
N ASP A 43 2.50 -0.70 12.17
CA ASP A 43 2.88 -0.61 13.57
C ASP A 43 3.07 0.86 13.93
N GLY A 44 4.23 1.43 13.59
CA GLY A 44 4.48 2.83 13.91
C GLY A 44 5.52 3.46 13.01
N ARG A 45 6.78 3.10 13.19
CA ARG A 45 7.85 3.65 12.37
C ARG A 45 8.08 2.82 11.11
N MET A 46 7.44 3.24 10.02
CA MET A 46 7.55 2.56 8.74
C MET A 46 8.74 3.12 7.94
N SER A 47 9.10 2.43 6.86
CA SER A 47 10.22 2.85 6.03
C SER A 47 9.79 3.77 4.88
N HIS A 48 9.24 3.16 3.82
CA HIS A 48 8.82 3.87 2.61
C HIS A 48 8.04 2.95 1.69
N LYS A 49 8.70 1.93 1.15
CA LYS A 49 8.03 0.96 0.28
C LYS A 49 7.09 0.07 1.11
N GLU A 50 7.35 0.00 2.43
CA GLU A 50 6.54 -0.80 3.34
C GLU A 50 5.15 -0.22 3.54
N ALA A 51 5.09 1.06 3.92
CA ALA A 51 3.83 1.75 4.19
C ALA A 51 2.82 1.53 3.06
N ILE A 52 3.17 1.91 1.83
CA ILE A 52 2.24 1.77 0.71
C ILE A 52 1.76 0.32 0.59
N LEU A 53 2.70 -0.63 0.65
CA LEU A 53 2.39 -2.05 0.46
C LEU A 53 1.20 -2.53 1.31
N LEU A 54 0.98 -1.89 2.46
CA LEU A 54 -0.13 -2.26 3.34
C LEU A 54 -1.46 -2.37 2.58
N GLY A 55 -1.61 -1.55 1.52
CA GLY A 55 -2.83 -1.55 0.72
C GLY A 55 -3.27 -2.92 0.25
N LEU A 56 -2.33 -3.74 -0.23
CA LEU A 56 -2.65 -5.08 -0.72
C LEU A 56 -3.49 -5.85 0.29
N ARG A 57 -3.11 -5.77 1.57
CA ARG A 57 -3.85 -6.46 2.63
C ARG A 57 -5.30 -5.94 2.70
N TYR A 58 -5.46 -4.63 2.50
CA TYR A 58 -6.78 -3.99 2.53
C TYR A 58 -7.68 -4.54 1.43
N LYS A 59 -7.15 -4.60 0.21
CA LYS A 59 -7.89 -5.10 -0.95
C LYS A 59 -7.90 -6.63 -1.02
N LYS A 60 -7.08 -7.29 -0.20
CA LYS A 60 -7.00 -8.75 -0.18
C LYS A 60 -6.44 -9.28 -1.50
N LEU A 61 -5.16 -8.98 -1.74
CA LEU A 61 -4.48 -9.42 -2.96
C LEU A 61 -2.96 -9.26 -2.87
N TYR A 62 -2.42 -9.37 -1.66
CA TYR A 62 -0.98 -9.25 -1.43
C TYR A 62 -0.17 -10.32 -2.19
N ASN A 63 -0.83 -11.40 -2.61
CA ASN A 63 -0.17 -12.50 -3.32
C ASN A 63 0.32 -12.10 -4.72
N GLN A 64 -0.61 -11.86 -5.64
CA GLN A 64 -0.25 -11.51 -7.03
C GLN A 64 -0.11 -10.01 -7.25
N ALA A 65 -0.42 -9.17 -6.26
CA ALA A 65 -0.31 -7.73 -6.46
C ALA A 65 1.14 -7.27 -6.64
N ARG A 66 2.07 -8.00 -6.02
CA ARG A 66 3.50 -7.67 -6.11
C ARG A 66 4.13 -8.19 -7.42
N VAL A 67 3.55 -9.25 -7.99
CA VAL A 67 4.06 -9.83 -9.24
C VAL A 67 3.42 -9.17 -10.46
N LYS A 68 2.12 -8.92 -10.39
CA LYS A 68 1.39 -8.30 -11.50
C LYS A 68 1.76 -6.82 -11.66
N TYR A 69 2.05 -6.16 -10.53
CA TYR A 69 2.42 -4.75 -10.55
C TYR A 69 3.81 -4.54 -9.94
N SER A 70 4.45 -3.42 -10.30
CA SER A 70 5.79 -3.11 -9.79
C SER A 70 5.72 -2.53 -8.37
N LEU A 71 5.88 -3.40 -7.37
CA LEU A 71 5.85 -2.98 -5.97
C LEU A 71 7.19 -3.23 -5.31
N LEU A 72 7.52 -4.50 -5.07
CA LEU A 72 8.78 -4.87 -4.44
C LEU A 72 9.80 -5.29 -5.49
N GLU A 73 10.64 -4.35 -5.91
CA GLU A 73 11.66 -4.61 -6.92
C GLU A 73 13.06 -4.57 -6.30
N SER A 1 6.73 12.22 13.50
CA SER A 1 6.92 11.45 12.25
C SER A 1 6.68 9.97 12.46
N ASP A 2 5.61 9.45 11.84
CA ASP A 2 5.24 8.04 11.96
C ASP A 2 4.41 7.60 10.75
N VAL A 3 4.17 6.30 10.65
CA VAL A 3 3.37 5.76 9.54
C VAL A 3 1.92 6.23 9.64
N TRP A 4 1.41 6.38 10.87
CA TRP A 4 0.04 6.82 11.09
C TRP A 4 -0.05 8.34 10.98
N SER A 5 0.93 9.05 11.56
CA SER A 5 0.96 10.51 11.50
C SER A 5 1.03 10.97 10.05
N LEU A 6 1.98 10.40 9.30
CA LEU A 6 2.15 10.74 7.89
C LEU A 6 1.52 9.66 7.02
N SER A 7 0.29 9.90 6.60
CA SER A 7 -0.45 8.94 5.77
C SER A 7 -1.05 9.59 4.51
N LYS A 8 -0.62 10.82 4.19
CA LYS A 8 -1.12 11.53 3.01
C LYS A 8 -0.14 11.43 1.84
N THR A 9 0.85 10.54 1.92
CA THR A 9 1.84 10.37 0.85
C THR A 9 1.49 9.17 -0.03
N SER A 10 0.90 9.43 -1.19
CA SER A 10 0.52 8.38 -2.12
C SER A 10 1.72 7.86 -2.91
N MET A 11 1.55 6.68 -3.52
CA MET A 11 2.60 6.07 -4.32
C MET A 11 2.04 5.61 -5.66
N THR A 12 2.83 5.81 -6.72
CA THR A 12 2.40 5.42 -8.07
C THR A 12 2.77 3.98 -8.38
N PHE A 13 1.76 3.21 -8.78
CA PHE A 13 1.94 1.80 -9.14
C PHE A 13 2.14 1.69 -10.65
N GLN A 14 3.07 0.84 -11.06
CA GLN A 14 3.37 0.64 -12.48
C GLN A 14 3.08 -0.80 -12.89
N PRO A 15 2.08 -1.01 -13.75
CA PRO A 15 1.68 -2.34 -14.22
C PRO A 15 2.79 -3.02 -15.03
N LYS A 16 2.90 -4.34 -14.89
CA LYS A 16 3.90 -5.11 -15.61
C LYS A 16 3.48 -5.29 -17.07
N LYS A 17 2.19 -5.54 -17.29
CA LYS A 17 1.65 -5.73 -18.63
C LYS A 17 0.77 -4.56 -19.04
N ALA A 18 0.38 -4.54 -20.32
CA ALA A 18 -0.46 -3.47 -20.85
C ALA A 18 -1.89 -3.56 -20.32
N SER A 19 -2.38 -4.80 -20.15
CA SER A 19 -3.75 -5.04 -19.64
C SER A 19 -3.96 -4.33 -18.30
N LEU A 20 -2.97 -4.42 -17.42
CA LEU A 20 -3.05 -3.79 -16.10
C LEU A 20 -2.91 -2.27 -16.20
N GLN A 21 -3.61 -1.55 -15.33
CA GLN A 21 -3.57 -0.09 -15.31
C GLN A 21 -2.91 0.43 -14.03
N PRO A 22 -2.09 1.50 -14.15
CA PRO A 22 -1.38 2.09 -13.00
C PRO A 22 -2.32 2.52 -11.87
N LEU A 23 -1.75 2.73 -10.69
CA LEU A 23 -2.51 3.14 -9.52
C LEU A 23 -1.80 4.26 -8.76
N THR A 24 -2.54 4.99 -7.93
CA THR A 24 -1.97 6.08 -7.15
C THR A 24 -2.79 6.34 -5.89
N ILE A 25 -2.52 5.56 -4.84
CA ILE A 25 -3.22 5.70 -3.57
C ILE A 25 -2.25 5.79 -2.39
N SER A 26 -2.71 6.38 -1.30
CA SER A 26 -1.90 6.55 -0.09
C SER A 26 -2.46 5.77 1.10
N LEU A 27 -1.73 5.81 2.21
CA LEU A 27 -2.11 5.13 3.46
C LEU A 27 -3.51 5.54 3.92
N ASP A 28 -3.67 6.81 4.29
CA ASP A 28 -4.94 7.34 4.77
C ASP A 28 -6.05 7.22 3.72
N GLU A 29 -5.66 7.34 2.45
CA GLU A 29 -6.62 7.26 1.35
C GLU A 29 -7.01 5.82 1.01
N LEU A 30 -6.46 4.83 1.72
CA LEU A 30 -6.79 3.44 1.44
C LEU A 30 -7.19 2.64 2.69
N PHE A 31 -7.51 3.33 3.79
CA PHE A 31 -7.92 2.63 5.01
C PHE A 31 -9.10 3.34 5.70
N SER A 32 -10.03 2.56 6.22
CA SER A 32 -11.21 3.11 6.90
C SER A 32 -11.46 2.41 8.24
N SER A 33 -10.38 2.07 8.94
CA SER A 33 -10.48 1.38 10.24
C SER A 33 -9.12 1.32 10.95
N ARG A 34 -9.15 1.59 12.26
CA ARG A 34 -7.92 1.55 13.07
C ARG A 34 -7.32 0.15 13.08
N GLY A 35 -8.16 -0.84 13.44
CA GLY A 35 -7.70 -2.22 13.47
C GLY A 35 -7.22 -2.70 12.12
N GLU A 36 -7.87 -2.22 11.05
CA GLU A 36 -7.49 -2.59 9.69
C GLU A 36 -6.03 -2.22 9.44
N PHE A 37 -5.64 -1.03 9.88
CA PHE A 37 -4.27 -0.56 9.73
C PHE A 37 -3.29 -1.50 10.43
N ILE A 38 -3.65 -1.96 11.63
CA ILE A 38 -2.83 -2.90 12.39
C ILE A 38 -2.53 -4.16 11.56
N SER A 39 -3.58 -4.80 11.03
CA SER A 39 -3.40 -6.02 10.23
C SER A 39 -2.51 -5.72 9.02
N VAL A 40 -3.02 -4.91 8.08
CA VAL A 40 -2.32 -4.55 6.86
C VAL A 40 -0.80 -4.46 7.01
N GLY A 41 -0.31 -3.94 8.13
CA GLY A 41 1.12 -3.82 8.34
C GLY A 41 1.54 -2.44 8.80
N GLY A 42 0.77 -1.86 9.74
CA GLY A 42 1.06 -0.54 10.23
C GLY A 42 1.23 -0.49 11.74
N ASP A 43 2.47 -0.64 12.20
CA ASP A 43 2.77 -0.54 13.63
C ASP A 43 2.98 0.93 13.98
N GLY A 44 4.13 1.49 13.60
CA GLY A 44 4.40 2.90 13.90
C GLY A 44 5.47 3.49 13.01
N ARG A 45 6.71 3.06 13.21
CA ARG A 45 7.83 3.55 12.41
C ARG A 45 8.03 2.70 11.17
N MET A 46 7.33 3.07 10.08
CA MET A 46 7.43 2.32 8.82
C MET A 46 8.70 2.71 8.06
N SER A 47 8.98 1.97 7.00
CA SER A 47 10.17 2.21 6.17
C SER A 47 9.87 3.17 5.01
N HIS A 48 9.25 2.63 3.96
CA HIS A 48 8.94 3.38 2.75
C HIS A 48 8.13 2.50 1.79
N LYS A 49 8.77 1.47 1.24
CA LYS A 49 8.08 0.53 0.35
C LYS A 49 7.02 -0.26 1.13
N GLU A 50 7.28 -0.46 2.42
CA GLU A 50 6.38 -1.21 3.30
C GLU A 50 5.04 -0.49 3.46
N ALA A 51 5.08 0.80 3.83
CA ALA A 51 3.85 1.57 4.04
C ALA A 51 2.87 1.41 2.88
N ILE A 52 3.29 1.73 1.65
CA ILE A 52 2.38 1.61 0.52
C ILE A 52 1.84 0.19 0.40
N LEU A 53 2.74 -0.79 0.50
CA LEU A 53 2.36 -2.21 0.34
C LEU A 53 1.16 -2.62 1.19
N LEU A 54 0.98 -1.97 2.35
CA LEU A 54 -0.15 -2.26 3.23
C LEU A 54 -1.49 -2.34 2.47
N GLY A 55 -1.62 -1.52 1.42
CA GLY A 55 -2.84 -1.48 0.62
C GLY A 55 -3.31 -2.85 0.16
N LEU A 56 -2.39 -3.67 -0.36
CA LEU A 56 -2.74 -5.02 -0.84
C LEU A 56 -3.56 -5.79 0.19
N ARG A 57 -3.15 -5.70 1.47
CA ARG A 57 -3.86 -6.39 2.55
C ARG A 57 -5.29 -5.87 2.69
N TYR A 58 -5.47 -4.57 2.44
CA TYR A 58 -6.79 -3.94 2.52
C TYR A 58 -7.73 -4.46 1.43
N LYS A 59 -7.22 -4.46 0.19
CA LYS A 59 -7.99 -4.90 -0.97
C LYS A 59 -8.05 -6.43 -1.08
N LYS A 60 -7.22 -7.13 -0.30
CA LYS A 60 -7.18 -8.59 -0.31
C LYS A 60 -6.63 -9.12 -1.63
N LEU A 61 -5.34 -8.86 -1.87
CA LEU A 61 -4.67 -9.31 -3.09
C LEU A 61 -3.15 -9.19 -2.99
N TYR A 62 -2.61 -9.33 -1.78
CA TYR A 62 -1.17 -9.25 -1.54
C TYR A 62 -0.39 -10.29 -2.37
N ASN A 63 -1.07 -11.34 -2.82
CA ASN A 63 -0.42 -12.41 -3.59
C ASN A 63 0.02 -11.95 -4.99
N GLN A 64 -0.93 -11.63 -5.86
CA GLN A 64 -0.61 -11.23 -7.24
C GLN A 64 -0.51 -9.71 -7.42
N ALA A 65 -0.81 -8.91 -6.40
CA ALA A 65 -0.74 -7.46 -6.55
C ALA A 65 0.70 -6.95 -6.55
N ARG A 66 1.53 -7.49 -5.66
CA ARG A 66 2.94 -7.09 -5.55
C ARG A 66 3.72 -7.47 -6.82
N VAL A 67 3.29 -8.53 -7.51
CA VAL A 67 3.95 -8.98 -8.73
C VAL A 67 3.42 -8.25 -9.97
N LYS A 68 2.13 -7.90 -9.93
CA LYS A 68 1.50 -7.21 -11.06
C LYS A 68 1.92 -5.74 -11.16
N TYR A 69 2.43 -5.17 -10.07
CA TYR A 69 2.86 -3.78 -10.05
C TYR A 69 4.23 -3.62 -9.40
N SER A 70 4.89 -2.50 -9.68
CA SER A 70 6.21 -2.21 -9.13
C SER A 70 6.12 -1.70 -7.69
N LEU A 71 6.18 -2.63 -6.73
CA LEU A 71 6.13 -2.27 -5.31
C LEU A 71 7.48 -2.51 -4.65
N LEU A 72 7.90 -3.78 -4.58
CA LEU A 72 9.18 -4.13 -3.97
C LEU A 72 10.25 -4.29 -5.05
N GLU A 73 10.99 -3.21 -5.30
CA GLU A 73 12.04 -3.21 -6.30
C GLU A 73 13.41 -3.39 -5.65
N SER A 1 7.40 11.82 13.64
CA SER A 1 6.97 11.37 12.29
C SER A 1 6.80 9.85 12.25
N ASP A 2 5.55 9.41 12.22
CA ASP A 2 5.23 7.98 12.19
C ASP A 2 4.42 7.61 10.95
N VAL A 3 4.17 6.32 10.78
CA VAL A 3 3.40 5.81 9.64
C VAL A 3 1.92 6.19 9.77
N TRP A 4 1.43 6.27 11.02
CA TRP A 4 0.03 6.62 11.27
C TRP A 4 -0.15 8.13 11.19
N SER A 5 0.81 8.89 11.75
CA SER A 5 0.76 10.35 11.71
C SER A 5 0.77 10.83 10.26
N LEU A 6 1.77 10.37 9.50
CA LEU A 6 1.91 10.74 8.10
C LEU A 6 1.31 9.66 7.20
N SER A 7 0.03 9.84 6.87
CA SER A 7 -0.67 8.88 6.02
C SER A 7 -1.27 9.53 4.77
N LYS A 8 -0.86 10.77 4.48
CA LYS A 8 -1.36 11.48 3.31
C LYS A 8 -0.32 11.52 2.18
N THR A 9 0.46 10.44 2.06
CA THR A 9 1.48 10.34 1.02
C THR A 9 1.26 9.09 0.17
N SER A 10 0.76 9.29 -1.05
CA SER A 10 0.49 8.19 -1.97
C SER A 10 1.71 7.84 -2.81
N MET A 11 1.62 6.71 -3.52
CA MET A 11 2.69 6.23 -4.39
C MET A 11 2.12 5.77 -5.72
N THR A 12 2.88 5.96 -6.79
CA THR A 12 2.43 5.57 -8.13
C THR A 12 2.78 4.12 -8.44
N PHE A 13 1.77 3.34 -8.82
CA PHE A 13 1.96 1.94 -9.17
C PHE A 13 2.16 1.80 -10.68
N GLN A 14 3.05 0.89 -11.06
CA GLN A 14 3.35 0.64 -12.46
C GLN A 14 3.18 -0.83 -12.81
N PRO A 15 2.12 -1.17 -13.56
CA PRO A 15 1.83 -2.55 -13.96
C PRO A 15 2.95 -3.15 -14.82
N LYS A 16 3.19 -4.45 -14.66
CA LYS A 16 4.21 -5.14 -15.43
C LYS A 16 3.79 -5.30 -16.89
N LYS A 17 2.50 -5.58 -17.10
CA LYS A 17 1.95 -5.77 -18.44
C LYS A 17 1.10 -4.57 -18.85
N ALA A 18 0.75 -4.51 -20.14
CA ALA A 18 -0.06 -3.42 -20.67
C ALA A 18 -1.53 -3.56 -20.24
N SER A 19 -1.98 -4.80 -20.09
CA SER A 19 -3.36 -5.09 -19.68
C SER A 19 -3.70 -4.37 -18.37
N LEU A 20 -2.82 -4.52 -17.38
CA LEU A 20 -3.03 -3.89 -16.08
C LEU A 20 -2.87 -2.37 -16.17
N GLN A 21 -3.57 -1.66 -15.29
CA GLN A 21 -3.54 -0.19 -15.27
C GLN A 21 -2.91 0.33 -13.97
N PRO A 22 -2.10 1.41 -14.08
CA PRO A 22 -1.42 2.02 -12.91
C PRO A 22 -2.39 2.43 -11.80
N LEU A 23 -1.82 2.78 -10.64
CA LEU A 23 -2.62 3.18 -9.48
C LEU A 23 -1.89 4.25 -8.67
N THR A 24 -2.64 5.01 -7.87
CA THR A 24 -2.07 6.07 -7.04
C THR A 24 -2.91 6.30 -5.79
N ILE A 25 -2.62 5.53 -4.73
CA ILE A 25 -3.36 5.64 -3.47
C ILE A 25 -2.41 5.78 -2.27
N SER A 26 -2.92 6.39 -1.20
CA SER A 26 -2.13 6.60 0.01
C SER A 26 -2.69 5.82 1.20
N LEU A 27 -1.95 5.86 2.32
CA LEU A 27 -2.34 5.18 3.56
C LEU A 27 -3.73 5.60 4.02
N ASP A 28 -3.86 6.88 4.39
CA ASP A 28 -5.13 7.43 4.88
C ASP A 28 -6.23 7.33 3.83
N GLU A 29 -5.85 7.51 2.56
CA GLU A 29 -6.80 7.46 1.46
C GLU A 29 -7.24 6.03 1.13
N LEU A 30 -6.55 5.03 1.70
CA LEU A 30 -6.91 3.63 1.42
C LEU A 30 -7.29 2.84 2.68
N PHE A 31 -7.46 3.53 3.82
CA PHE A 31 -7.86 2.84 5.05
C PHE A 31 -9.02 3.55 5.74
N SER A 32 -9.96 2.78 6.25
CA SER A 32 -11.14 3.32 6.93
C SER A 32 -11.38 2.62 8.28
N SER A 33 -10.30 2.18 8.92
CA SER A 33 -10.41 1.49 10.21
C SER A 33 -9.05 1.42 10.91
N ARG A 34 -9.03 1.75 12.20
CA ARG A 34 -7.79 1.70 12.98
C ARG A 34 -7.29 0.26 13.11
N GLY A 35 -8.22 -0.68 13.32
CA GLY A 35 -7.86 -2.08 13.44
C GLY A 35 -7.35 -2.63 12.12
N GLU A 36 -7.95 -2.17 11.01
CA GLU A 36 -7.53 -2.60 9.68
C GLU A 36 -6.06 -2.26 9.46
N PHE A 37 -5.66 -1.07 9.91
CA PHE A 37 -4.27 -0.62 9.79
C PHE A 37 -3.35 -1.62 10.49
N ILE A 38 -3.74 -2.05 11.68
CA ILE A 38 -2.97 -3.04 12.45
C ILE A 38 -2.75 -4.30 11.62
N SER A 39 -3.82 -4.87 11.06
CA SER A 39 -3.70 -6.10 10.26
C SER A 39 -2.76 -5.87 9.08
N VAL A 40 -3.17 -5.00 8.14
CA VAL A 40 -2.39 -4.71 6.93
C VAL A 40 -0.88 -4.71 7.16
N GLY A 41 -0.41 -4.22 8.31
CA GLY A 41 1.02 -4.19 8.57
C GLY A 41 1.49 -2.82 9.04
N GLY A 42 0.73 -2.23 9.99
CA GLY A 42 1.07 -0.91 10.48
C GLY A 42 1.55 -0.91 11.92
N ASP A 43 2.86 -0.69 12.09
CA ASP A 43 3.46 -0.60 13.42
C ASP A 43 3.65 0.88 13.77
N GLY A 44 4.80 1.46 13.41
CA GLY A 44 5.05 2.86 13.71
C GLY A 44 5.98 3.52 12.71
N ARG A 45 7.26 3.18 12.77
CA ARG A 45 8.25 3.76 11.85
C ARG A 45 8.36 2.91 10.59
N MET A 46 7.69 3.34 9.53
CA MET A 46 7.70 2.63 8.26
C MET A 46 8.97 2.91 7.47
N SER A 47 9.18 2.15 6.41
CA SER A 47 10.36 2.32 5.56
C SER A 47 10.12 3.28 4.41
N HIS A 48 9.24 2.86 3.48
CA HIS A 48 8.93 3.64 2.28
C HIS A 48 8.09 2.79 1.33
N LYS A 49 8.58 1.61 0.99
CA LYS A 49 7.83 0.69 0.13
C LYS A 49 6.81 -0.09 0.95
N GLU A 50 7.08 -0.26 2.25
CA GLU A 50 6.21 -0.98 3.15
C GLU A 50 4.86 -0.28 3.34
N ALA A 51 4.89 1.02 3.64
CA ALA A 51 3.66 1.79 3.87
C ALA A 51 2.67 1.60 2.73
N ILE A 52 3.05 1.94 1.50
CA ILE A 52 2.13 1.80 0.38
C ILE A 52 1.65 0.36 0.25
N LEU A 53 2.59 -0.58 0.32
CA LEU A 53 2.28 -2.01 0.14
C LEU A 53 1.11 -2.50 1.00
N LEU A 54 0.89 -1.85 2.16
CA LEU A 54 -0.20 -2.24 3.06
C LEU A 54 -1.56 -2.25 2.33
N GLY A 55 -1.69 -1.42 1.28
CA GLY A 55 -2.93 -1.36 0.52
C GLY A 55 -3.42 -2.71 0.05
N LEU A 56 -2.51 -3.53 -0.49
CA LEU A 56 -2.86 -4.86 -0.99
C LEU A 56 -3.66 -5.66 0.06
N ARG A 57 -3.22 -5.59 1.31
CA ARG A 57 -3.90 -6.31 2.40
C ARG A 57 -5.31 -5.77 2.61
N TYR A 58 -5.51 -4.47 2.39
CA TYR A 58 -6.82 -3.84 2.53
C TYR A 58 -7.79 -4.35 1.47
N LYS A 59 -7.31 -4.41 0.21
CA LYS A 59 -8.11 -4.86 -0.91
C LYS A 59 -8.15 -6.39 -1.03
N LYS A 60 -7.31 -7.08 -0.24
CA LYS A 60 -7.25 -8.55 -0.26
C LYS A 60 -6.75 -9.05 -1.61
N LEU A 61 -5.46 -8.79 -1.89
CA LEU A 61 -4.85 -9.22 -3.14
C LEU A 61 -3.31 -9.08 -3.11
N TYR A 62 -2.72 -9.21 -1.93
CA TYR A 62 -1.26 -9.10 -1.78
C TYR A 62 -0.52 -10.18 -2.58
N ASN A 63 -1.17 -11.34 -2.75
CA ASN A 63 -0.58 -12.47 -3.48
C ASN A 63 -0.10 -12.10 -4.89
N GLN A 64 -1.02 -11.68 -5.77
CA GLN A 64 -0.65 -11.33 -7.14
C GLN A 64 -0.40 -9.83 -7.33
N ALA A 65 -0.72 -8.99 -6.37
CA ALA A 65 -0.52 -7.55 -6.53
C ALA A 65 0.98 -7.20 -6.49
N ARG A 66 1.73 -7.90 -5.65
CA ARG A 66 3.17 -7.67 -5.51
C ARG A 66 3.91 -7.98 -6.82
N VAL A 67 3.43 -8.98 -7.55
CA VAL A 67 4.06 -9.39 -8.82
C VAL A 67 3.45 -8.65 -10.02
N LYS A 68 2.15 -8.40 -9.98
CA LYS A 68 1.46 -7.70 -11.08
C LYS A 68 2.02 -6.30 -11.28
N TYR A 69 2.26 -5.60 -10.18
CA TYR A 69 2.80 -4.24 -10.23
C TYR A 69 4.22 -4.19 -9.68
N SER A 70 4.98 -3.17 -10.09
CA SER A 70 6.36 -3.00 -9.63
C SER A 70 6.39 -2.42 -8.21
N LEU A 71 6.22 -3.29 -7.21
CA LEU A 71 6.24 -2.88 -5.81
C LEU A 71 7.50 -3.39 -5.13
N LEU A 72 7.61 -4.72 -5.00
CA LEU A 72 8.76 -5.34 -4.37
C LEU A 72 9.43 -6.32 -5.34
N GLU A 73 9.49 -5.92 -6.61
CA GLU A 73 10.09 -6.75 -7.66
C GLU A 73 11.54 -6.32 -7.92
N SER A 1 8.82 10.69 12.13
CA SER A 1 7.83 10.34 11.08
C SER A 1 7.25 8.95 11.33
N ASP A 2 5.95 8.90 11.62
CA ASP A 2 5.26 7.63 11.89
C ASP A 2 4.37 7.24 10.71
N VAL A 3 4.14 5.93 10.57
CA VAL A 3 3.30 5.41 9.49
C VAL A 3 1.87 5.95 9.57
N TRP A 4 1.36 6.10 10.80
CA TRP A 4 -0.01 6.61 11.00
C TRP A 4 -0.04 8.13 10.86
N SER A 5 0.98 8.81 11.41
CA SER A 5 1.06 10.26 11.32
C SER A 5 1.13 10.70 9.85
N LEU A 6 2.09 10.15 9.12
CA LEU A 6 2.26 10.47 7.70
C LEU A 6 1.48 9.48 6.85
N SER A 7 0.20 9.78 6.62
CA SER A 7 -0.67 8.90 5.83
C SER A 7 -1.24 9.60 4.59
N LYS A 8 -0.77 10.82 4.30
CA LYS A 8 -1.23 11.57 3.14
C LYS A 8 -0.21 11.54 2.01
N THR A 9 0.47 10.40 1.84
CA THR A 9 1.47 10.23 0.79
C THR A 9 1.15 9.03 -0.10
N SER A 10 0.72 9.31 -1.33
CA SER A 10 0.38 8.26 -2.28
C SER A 10 1.61 7.84 -3.10
N MET A 11 1.54 6.66 -3.70
CA MET A 11 2.63 6.14 -4.52
C MET A 11 2.09 5.61 -5.85
N THR A 12 2.76 5.97 -6.94
CA THR A 12 2.34 5.55 -8.27
C THR A 12 2.94 4.18 -8.64
N PHE A 13 2.06 3.21 -8.87
CA PHE A 13 2.48 1.87 -9.26
C PHE A 13 2.43 1.74 -10.78
N GLN A 14 3.32 0.90 -11.32
CA GLN A 14 3.38 0.68 -12.75
C GLN A 14 3.31 -0.82 -13.07
N PRO A 15 2.12 -1.28 -13.51
CA PRO A 15 1.90 -2.69 -13.88
C PRO A 15 2.99 -3.24 -14.80
N LYS A 16 3.26 -4.53 -14.65
CA LYS A 16 4.28 -5.19 -15.47
C LYS A 16 3.81 -5.29 -16.92
N LYS A 17 2.50 -5.52 -17.10
CA LYS A 17 1.91 -5.65 -18.42
C LYS A 17 1.14 -4.37 -18.79
N ALA A 18 0.79 -4.25 -20.07
CA ALA A 18 0.06 -3.09 -20.57
C ALA A 18 -1.43 -3.18 -20.24
N SER A 19 -1.96 -4.40 -20.21
CA SER A 19 -3.38 -4.63 -19.90
C SER A 19 -3.75 -4.02 -18.54
N LEU A 20 -2.88 -4.20 -17.55
CA LEU A 20 -3.10 -3.68 -16.21
C LEU A 20 -3.07 -2.15 -16.20
N GLN A 21 -3.62 -1.55 -15.14
CA GLN A 21 -3.66 -0.10 -15.01
C GLN A 21 -2.92 0.36 -13.75
N PRO A 22 -2.11 1.45 -13.87
CA PRO A 22 -1.34 1.99 -12.74
C PRO A 22 -2.21 2.27 -11.51
N LEU A 23 -1.60 2.18 -10.33
CA LEU A 23 -2.31 2.41 -9.07
C LEU A 23 -1.62 3.48 -8.22
N THR A 24 -2.37 4.52 -7.87
CA THR A 24 -1.83 5.61 -7.05
C THR A 24 -2.70 5.83 -5.80
N ILE A 25 -2.39 5.10 -4.73
CA ILE A 25 -3.16 5.20 -3.49
C ILE A 25 -2.26 5.55 -2.29
N SER A 26 -2.87 6.15 -1.27
CA SER A 26 -2.16 6.54 -0.06
C SER A 26 -2.68 5.78 1.17
N LEU A 27 -1.99 5.94 2.29
CA LEU A 27 -2.35 5.30 3.55
C LEU A 27 -3.75 5.72 4.02
N ASP A 28 -3.89 7.00 4.36
CA ASP A 28 -5.17 7.54 4.84
C ASP A 28 -6.27 7.41 3.79
N GLU A 29 -5.88 7.51 2.52
CA GLU A 29 -6.82 7.42 1.41
C GLU A 29 -7.23 5.96 1.11
N LEU A 30 -6.69 4.99 1.86
CA LEU A 30 -7.03 3.59 1.61
C LEU A 30 -7.40 2.81 2.89
N PHE A 31 -7.61 3.51 4.01
CA PHE A 31 -7.99 2.82 5.24
C PHE A 31 -9.16 3.50 5.93
N SER A 32 -10.08 2.69 6.47
CA SER A 32 -11.27 3.21 7.14
C SER A 32 -11.50 2.52 8.49
N SER A 33 -10.42 2.16 9.18
CA SER A 33 -10.51 1.49 10.48
C SER A 33 -9.14 1.38 11.14
N ARG A 34 -9.09 1.63 12.46
CA ARG A 34 -7.83 1.55 13.21
C ARG A 34 -7.27 0.13 13.21
N GLY A 35 -8.15 -0.87 13.35
CA GLY A 35 -7.72 -2.26 13.37
C GLY A 35 -7.18 -2.72 12.03
N GLU A 36 -7.83 -2.28 10.94
CA GLU A 36 -7.38 -2.64 9.60
C GLU A 36 -5.93 -2.19 9.40
N PHE A 37 -5.63 -0.97 9.86
CA PHE A 37 -4.28 -0.42 9.76
C PHE A 37 -3.27 -1.38 10.40
N ILE A 38 -3.61 -1.88 11.60
CA ILE A 38 -2.77 -2.83 12.31
C ILE A 38 -2.47 -4.06 11.43
N SER A 39 -3.52 -4.68 10.89
CA SER A 39 -3.35 -5.87 10.05
C SER A 39 -2.49 -5.55 8.84
N VAL A 40 -3.00 -4.70 7.93
CA VAL A 40 -2.29 -4.33 6.70
C VAL A 40 -0.78 -4.26 6.84
N GLY A 41 -0.27 -3.77 7.98
CA GLY A 41 1.17 -3.70 8.16
C GLY A 41 1.61 -2.33 8.67
N GLY A 42 0.83 -1.75 9.59
CA GLY A 42 1.14 -0.43 10.12
C GLY A 42 1.25 -0.43 11.63
N ASP A 43 2.44 -0.75 12.13
CA ASP A 43 2.71 -0.70 13.57
C ASP A 43 2.98 0.75 13.94
N GLY A 44 4.16 1.25 13.58
CA GLY A 44 4.51 2.62 13.90
C GLY A 44 5.55 3.20 12.95
N ARG A 45 6.79 2.78 13.10
CA ARG A 45 7.87 3.27 12.26
C ARG A 45 7.97 2.50 10.95
N MET A 46 7.46 3.10 9.87
CA MET A 46 7.50 2.47 8.55
C MET A 46 8.66 3.05 7.74
N SER A 47 9.08 2.34 6.69
CA SER A 47 10.19 2.79 5.86
C SER A 47 9.73 3.72 4.74
N HIS A 48 9.03 3.15 3.75
CA HIS A 48 8.57 3.89 2.58
C HIS A 48 7.79 2.96 1.65
N LYS A 49 8.48 2.03 0.98
CA LYS A 49 7.81 1.08 0.11
C LYS A 49 6.82 0.23 0.91
N GLU A 50 7.13 0.01 2.19
CA GLU A 50 6.28 -0.78 3.09
C GLU A 50 4.91 -0.13 3.27
N ALA A 51 4.90 1.16 3.63
CA ALA A 51 3.66 1.89 3.87
C ALA A 51 2.65 1.69 2.74
N ILE A 52 3.04 2.00 1.50
CA ILE A 52 2.10 1.85 0.38
C ILE A 52 1.63 0.41 0.28
N LEU A 53 2.56 -0.54 0.35
CA LEU A 53 2.24 -1.96 0.19
C LEU A 53 1.09 -2.41 1.08
N LEU A 54 0.92 -1.77 2.25
CA LEU A 54 -0.17 -2.09 3.17
C LEU A 54 -1.52 -2.23 2.46
N GLY A 55 -1.73 -1.40 1.43
CA GLY A 55 -2.97 -1.41 0.66
C GLY A 55 -3.40 -2.81 0.22
N LEU A 56 -2.44 -3.61 -0.26
CA LEU A 56 -2.73 -4.97 -0.72
C LEU A 56 -3.48 -5.77 0.35
N ARG A 57 -3.08 -5.61 1.61
CA ARG A 57 -3.75 -6.30 2.71
C ARG A 57 -5.15 -5.75 2.96
N TYR A 58 -5.36 -4.48 2.58
CA TYR A 58 -6.66 -3.82 2.74
C TYR A 58 -7.65 -4.33 1.69
N LYS A 59 -7.20 -4.31 0.42
CA LYS A 59 -8.02 -4.75 -0.70
C LYS A 59 -8.03 -6.28 -0.82
N LYS A 60 -7.09 -6.95 -0.14
CA LYS A 60 -6.98 -8.41 -0.16
C LYS A 60 -6.48 -8.92 -1.51
N LEU A 61 -5.19 -8.72 -1.77
CA LEU A 61 -4.57 -9.17 -3.02
C LEU A 61 -3.04 -9.12 -2.96
N TYR A 62 -2.48 -9.31 -1.77
CA TYR A 62 -1.02 -9.28 -1.57
C TYR A 62 -0.30 -10.35 -2.40
N ASN A 63 -1.05 -11.35 -2.88
CA ASN A 63 -0.46 -12.45 -3.66
C ASN A 63 -0.03 -12.02 -5.08
N GLN A 64 -0.99 -11.74 -5.96
CA GLN A 64 -0.69 -11.37 -7.34
C GLN A 64 -0.49 -9.86 -7.53
N ALA A 65 -0.79 -9.05 -6.53
CA ALA A 65 -0.64 -7.60 -6.69
C ALA A 65 0.83 -7.19 -6.65
N ARG A 66 1.60 -7.81 -5.74
CA ARG A 66 3.03 -7.52 -5.59
C ARG A 66 3.82 -7.90 -6.85
N VAL A 67 3.33 -8.90 -7.58
CA VAL A 67 4.01 -9.36 -8.81
C VAL A 67 3.46 -8.66 -10.07
N LYS A 68 2.15 -8.43 -10.10
CA LYS A 68 1.52 -7.76 -11.25
C LYS A 68 1.92 -6.29 -11.34
N TYR A 69 2.11 -5.66 -10.18
CA TYR A 69 2.49 -4.26 -10.12
C TYR A 69 3.90 -4.10 -9.55
N SER A 70 4.55 -2.99 -9.89
CA SER A 70 5.91 -2.72 -9.41
C SER A 70 5.89 -2.28 -7.94
N LEU A 71 5.93 -3.26 -7.03
CA LEU A 71 5.93 -2.98 -5.60
C LEU A 71 7.20 -3.52 -4.95
N LEU A 72 7.26 -4.83 -4.75
CA LEU A 72 8.43 -5.47 -4.13
C LEU A 72 8.90 -6.65 -4.99
N GLU A 73 10.00 -6.42 -5.72
CA GLU A 73 10.56 -7.46 -6.59
C GLU A 73 12.03 -7.17 -6.90
N SER A 1 10.11 8.08 12.38
CA SER A 1 9.15 7.68 11.30
C SER A 1 7.74 7.50 11.87
N ASP A 2 6.77 8.19 11.26
CA ASP A 2 5.38 8.11 11.69
C ASP A 2 4.47 7.65 10.55
N VAL A 3 4.16 6.36 10.53
CA VAL A 3 3.31 5.79 9.49
C VAL A 3 1.85 6.20 9.65
N TRP A 4 1.39 6.33 10.90
CA TRP A 4 0.00 6.71 11.16
C TRP A 4 -0.18 8.23 11.08
N SER A 5 0.78 8.99 11.64
CA SER A 5 0.72 10.44 11.59
C SER A 5 0.73 10.91 10.14
N LEU A 6 1.73 10.46 9.38
CA LEU A 6 1.86 10.83 7.98
C LEU A 6 1.25 9.74 7.10
N SER A 7 -0.04 9.89 6.81
CA SER A 7 -0.77 8.93 5.98
C SER A 7 -1.35 9.56 4.72
N LYS A 8 -0.91 10.79 4.41
CA LYS A 8 -1.40 11.50 3.22
C LYS A 8 -0.36 11.48 2.09
N THR A 9 0.45 10.41 2.04
CA THR A 9 1.48 10.27 1.01
C THR A 9 1.20 9.05 0.13
N SER A 10 0.76 9.31 -1.10
CA SER A 10 0.45 8.24 -2.06
C SER A 10 1.68 7.86 -2.87
N MET A 11 1.60 6.72 -3.56
CA MET A 11 2.70 6.24 -4.38
C MET A 11 2.18 5.75 -5.74
N THR A 12 2.90 6.09 -6.80
CA THR A 12 2.51 5.69 -8.15
C THR A 12 3.09 4.32 -8.51
N PHE A 13 2.20 3.37 -8.76
CA PHE A 13 2.57 2.02 -9.15
C PHE A 13 2.60 1.88 -10.66
N GLN A 14 3.53 1.08 -11.16
CA GLN A 14 3.67 0.85 -12.59
C GLN A 14 3.38 -0.60 -12.94
N PRO A 15 2.32 -0.85 -13.74
CA PRO A 15 1.93 -2.20 -14.13
C PRO A 15 3.02 -2.92 -14.92
N LYS A 16 3.08 -4.24 -14.78
CA LYS A 16 4.07 -5.06 -15.48
C LYS A 16 3.68 -5.21 -16.96
N LYS A 17 2.38 -5.40 -17.21
CA LYS A 17 1.88 -5.57 -18.57
C LYS A 17 1.00 -4.38 -18.98
N ALA A 18 0.70 -4.30 -20.28
CA ALA A 18 -0.13 -3.23 -20.82
C ALA A 18 -1.57 -3.32 -20.32
N SER A 19 -2.10 -4.56 -20.24
CA SER A 19 -3.46 -4.79 -19.78
C SER A 19 -3.71 -4.15 -18.42
N LEU A 20 -2.74 -4.29 -17.51
CA LEU A 20 -2.84 -3.72 -16.17
C LEU A 20 -2.76 -2.19 -16.21
N GLN A 21 -3.35 -1.53 -15.21
CA GLN A 21 -3.36 -0.07 -15.13
C GLN A 21 -2.66 0.42 -13.87
N PRO A 22 -1.87 1.51 -13.99
CA PRO A 22 -1.13 2.09 -12.86
C PRO A 22 -2.03 2.46 -11.69
N LEU A 23 -1.44 2.44 -10.48
CA LEU A 23 -2.19 2.76 -9.26
C LEU A 23 -1.54 3.92 -8.51
N THR A 24 -2.35 4.68 -7.78
CA THR A 24 -1.84 5.81 -7.00
C THR A 24 -2.74 6.09 -5.79
N ILE A 25 -2.49 5.36 -4.69
CA ILE A 25 -3.28 5.52 -3.47
C ILE A 25 -2.39 5.71 -2.25
N SER A 26 -2.95 6.32 -1.20
CA SER A 26 -2.21 6.58 0.03
C SER A 26 -2.79 5.81 1.23
N LEU A 27 -2.08 5.91 2.36
CA LEU A 27 -2.48 5.25 3.60
C LEU A 27 -3.87 5.70 4.06
N ASP A 28 -3.99 6.98 4.40
CA ASP A 28 -5.26 7.55 4.89
C ASP A 28 -6.37 7.41 3.86
N GLU A 29 -6.01 7.54 2.58
CA GLU A 29 -6.99 7.43 1.50
C GLU A 29 -7.35 5.97 1.18
N LEU A 30 -6.77 5.01 1.92
CA LEU A 30 -7.05 3.59 1.66
C LEU A 30 -7.40 2.81 2.94
N PHE A 31 -7.60 3.50 4.07
CA PHE A 31 -7.95 2.80 5.30
C PHE A 31 -9.15 3.46 6.00
N SER A 32 -10.04 2.64 6.53
CA SER A 32 -11.24 3.14 7.22
C SER A 32 -11.44 2.43 8.56
N SER A 33 -10.37 1.82 9.09
CA SER A 33 -10.46 1.11 10.37
C SER A 33 -9.10 1.07 11.06
N ARG A 34 -9.08 1.41 12.35
CA ARG A 34 -7.84 1.41 13.13
C ARG A 34 -7.26 -0.01 13.22
N GLY A 35 -8.13 -1.01 13.40
CA GLY A 35 -7.68 -2.39 13.48
C GLY A 35 -7.17 -2.89 12.14
N GLU A 36 -7.84 -2.50 11.05
CA GLU A 36 -7.42 -2.90 9.71
C GLU A 36 -6.01 -2.40 9.44
N PHE A 37 -5.73 -1.17 9.89
CA PHE A 37 -4.40 -0.57 9.74
C PHE A 37 -3.34 -1.49 10.35
N ILE A 38 -3.65 -2.02 11.54
CA ILE A 38 -2.76 -2.94 12.23
C ILE A 38 -2.43 -4.16 11.37
N SER A 39 -3.48 -4.83 10.85
CA SER A 39 -3.28 -6.02 10.03
C SER A 39 -2.42 -5.69 8.81
N VAL A 40 -2.96 -4.86 7.91
CA VAL A 40 -2.26 -4.47 6.67
C VAL A 40 -0.74 -4.36 6.83
N GLY A 41 -0.27 -3.84 7.96
CA GLY A 41 1.18 -3.71 8.16
C GLY A 41 1.56 -2.32 8.66
N GLY A 42 0.76 -1.75 9.57
CA GLY A 42 1.03 -0.43 10.09
C GLY A 42 1.28 -0.41 11.58
N ASP A 43 2.56 -0.43 11.96
CA ASP A 43 2.95 -0.35 13.37
C ASP A 43 3.20 1.12 13.70
N GLY A 44 4.38 1.63 13.33
CA GLY A 44 4.71 3.03 13.61
C GLY A 44 5.79 3.56 12.69
N ARG A 45 7.01 3.07 12.90
CA ARG A 45 8.15 3.50 12.09
C ARG A 45 8.24 2.67 10.81
N MET A 46 7.62 3.20 9.75
CA MET A 46 7.62 2.52 8.45
C MET A 46 8.88 2.89 7.66
N SER A 47 9.15 2.13 6.60
CA SER A 47 10.32 2.38 5.77
C SER A 47 10.03 3.35 4.63
N HIS A 48 9.28 2.87 3.63
CA HIS A 48 8.95 3.63 2.44
C HIS A 48 8.10 2.79 1.49
N LYS A 49 8.60 1.61 1.14
CA LYS A 49 7.86 0.69 0.28
C LYS A 49 6.81 -0.07 1.08
N GLU A 50 7.06 -0.23 2.39
CA GLU A 50 6.15 -0.95 3.27
C GLU A 50 4.79 -0.25 3.41
N ALA A 51 4.83 1.04 3.77
CA ALA A 51 3.60 1.81 3.97
C ALA A 51 2.62 1.63 2.82
N ILE A 52 3.02 1.95 1.59
CA ILE A 52 2.11 1.81 0.45
C ILE A 52 1.64 0.37 0.33
N LEU A 53 2.58 -0.58 0.43
CA LEU A 53 2.26 -2.00 0.26
C LEU A 53 1.07 -2.45 1.11
N LEU A 54 0.85 -1.79 2.26
CA LEU A 54 -0.28 -2.11 3.14
C LEU A 54 -1.60 -2.21 2.37
N GLY A 55 -1.74 -1.38 1.33
CA GLY A 55 -2.95 -1.37 0.51
C GLY A 55 -3.39 -2.75 0.06
N LEU A 56 -2.46 -3.55 -0.45
CA LEU A 56 -2.77 -4.90 -0.92
C LEU A 56 -3.53 -5.70 0.15
N ARG A 57 -3.07 -5.62 1.39
CA ARG A 57 -3.73 -6.33 2.49
C ARG A 57 -5.13 -5.79 2.74
N TYR A 58 -5.34 -4.49 2.46
CA TYR A 58 -6.65 -3.86 2.64
C TYR A 58 -7.61 -4.30 1.54
N LYS A 59 -7.15 -4.22 0.29
CA LYS A 59 -7.95 -4.63 -0.87
C LYS A 59 -8.13 -6.14 -0.96
N LYS A 60 -7.29 -6.89 -0.23
CA LYS A 60 -7.35 -8.35 -0.22
C LYS A 60 -6.82 -8.92 -1.54
N LEU A 61 -5.52 -8.70 -1.78
CA LEU A 61 -4.88 -9.17 -3.02
C LEU A 61 -3.35 -9.08 -2.94
N TYR A 62 -2.79 -9.20 -1.73
CA TYR A 62 -1.34 -9.14 -1.54
C TYR A 62 -0.60 -10.28 -2.25
N ASN A 63 -1.34 -11.32 -2.65
CA ASN A 63 -0.74 -12.48 -3.31
C ASN A 63 -0.25 -12.14 -4.73
N GLN A 64 -1.17 -11.77 -5.64
CA GLN A 64 -0.80 -11.46 -7.02
C GLN A 64 -0.57 -9.95 -7.26
N ALA A 65 -0.89 -9.10 -6.29
CA ALA A 65 -0.70 -7.66 -6.49
C ALA A 65 0.77 -7.26 -6.50
N ARG A 66 1.56 -7.89 -5.62
CA ARG A 66 2.98 -7.60 -5.51
C ARG A 66 3.76 -8.12 -6.73
N VAL A 67 3.22 -9.14 -7.41
CA VAL A 67 3.88 -9.72 -8.58
C VAL A 67 3.37 -9.10 -9.89
N LYS A 68 2.06 -8.87 -9.97
CA LYS A 68 1.45 -8.28 -11.17
C LYS A 68 1.88 -6.84 -11.39
N TYR A 69 2.17 -6.14 -10.30
CA TYR A 69 2.60 -4.74 -10.38
C TYR A 69 3.98 -4.55 -9.76
N SER A 70 4.64 -3.45 -10.11
CA SER A 70 5.98 -3.15 -9.60
C SER A 70 5.93 -2.71 -8.14
N LEU A 71 6.18 -3.65 -7.23
CA LEU A 71 6.18 -3.37 -5.80
C LEU A 71 7.45 -3.90 -5.13
N LEU A 72 7.51 -5.23 -4.96
CA LEU A 72 8.68 -5.87 -4.35
C LEU A 72 9.21 -6.99 -5.24
N GLU A 73 10.37 -7.55 -4.86
CA GLU A 73 10.99 -8.62 -5.63
C GLU A 73 10.29 -9.95 -5.36
N SER A 1 7.63 11.32 10.49
CA SER A 1 8.05 10.67 11.76
C SER A 1 7.50 9.25 11.86
N ASP A 2 6.17 9.13 11.92
CA ASP A 2 5.51 7.83 12.01
C ASP A 2 4.72 7.50 10.75
N VAL A 3 4.30 6.25 10.63
CA VAL A 3 3.53 5.79 9.47
C VAL A 3 2.12 6.36 9.47
N TRP A 4 1.54 6.55 10.66
CA TRP A 4 0.19 7.08 10.77
C TRP A 4 0.18 8.59 10.53
N SER A 5 1.23 9.28 10.99
CA SER A 5 1.36 10.72 10.80
C SER A 5 1.45 11.03 9.30
N LEU A 6 2.35 10.31 8.61
CA LEU A 6 2.52 10.48 7.17
C LEU A 6 1.72 9.42 6.42
N SER A 7 0.42 9.67 6.28
CA SER A 7 -0.47 8.72 5.61
C SER A 7 -1.16 9.31 4.37
N LYS A 8 -0.85 10.57 4.04
CA LYS A 8 -1.45 11.23 2.88
C LYS A 8 -0.58 11.09 1.62
N THR A 9 0.72 10.87 1.80
CA THR A 9 1.64 10.71 0.66
C THR A 9 1.41 9.38 -0.06
N SER A 10 0.75 9.45 -1.23
CA SER A 10 0.46 8.25 -2.01
C SER A 10 1.66 7.84 -2.88
N MET A 11 1.53 6.70 -3.56
CA MET A 11 2.58 6.19 -4.43
C MET A 11 2.00 5.69 -5.75
N THR A 12 2.76 5.88 -6.83
CA THR A 12 2.31 5.46 -8.16
C THR A 12 2.69 4.01 -8.46
N PHE A 13 1.68 3.21 -8.82
CA PHE A 13 1.89 1.80 -9.16
C PHE A 13 2.06 1.66 -10.67
N GLN A 14 2.96 0.78 -11.08
CA GLN A 14 3.22 0.55 -12.49
C GLN A 14 2.89 -0.89 -12.88
N PRO A 15 1.78 -1.09 -13.64
CA PRO A 15 1.35 -2.42 -14.07
C PRO A 15 2.41 -3.14 -14.89
N LYS A 16 2.44 -4.47 -14.81
CA LYS A 16 3.39 -5.27 -15.57
C LYS A 16 2.96 -5.40 -17.03
N LYS A 17 1.64 -5.57 -17.24
CA LYS A 17 1.10 -5.69 -18.59
C LYS A 17 0.10 -4.56 -18.88
N ALA A 18 -0.32 -4.46 -20.14
CA ALA A 18 -1.27 -3.42 -20.56
C ALA A 18 -2.64 -3.63 -19.92
N SER A 19 -3.04 -4.90 -19.73
CA SER A 19 -4.33 -5.22 -19.12
C SER A 19 -4.50 -4.54 -17.77
N LEU A 20 -3.43 -4.58 -16.96
CA LEU A 20 -3.46 -3.96 -15.63
C LEU A 20 -3.37 -2.44 -15.72
N GLN A 21 -4.01 -1.76 -14.77
CA GLN A 21 -4.03 -0.31 -14.73
C GLN A 21 -3.26 0.22 -13.51
N PRO A 22 -2.50 1.33 -13.68
CA PRO A 22 -1.72 1.94 -12.60
C PRO A 22 -2.58 2.35 -11.40
N LEU A 23 -1.92 2.73 -10.30
CA LEU A 23 -2.63 3.13 -9.08
C LEU A 23 -1.90 4.27 -8.37
N THR A 24 -2.65 5.04 -7.58
CA THR A 24 -2.08 6.15 -6.83
C THR A 24 -2.89 6.43 -5.56
N ILE A 25 -2.62 5.65 -4.51
CA ILE A 25 -3.34 5.78 -3.25
C ILE A 25 -2.39 5.65 -2.05
N SER A 26 -2.73 6.28 -0.93
CA SER A 26 -1.91 6.23 0.27
C SER A 26 -2.62 5.53 1.44
N LEU A 27 -1.93 5.49 2.58
CA LEU A 27 -2.44 4.88 3.81
C LEU A 27 -3.83 5.39 4.19
N ASP A 28 -3.92 6.69 4.47
CA ASP A 28 -5.19 7.31 4.89
C ASP A 28 -6.27 7.18 3.81
N GLU A 29 -5.88 7.36 2.55
CA GLU A 29 -6.82 7.27 1.44
C GLU A 29 -7.22 5.83 1.13
N LEU A 30 -6.46 4.85 1.64
CA LEU A 30 -6.76 3.45 1.37
C LEU A 30 -7.17 2.68 2.63
N PHE A 31 -7.55 3.39 3.69
CA PHE A 31 -7.98 2.74 4.92
C PHE A 31 -9.10 3.54 5.61
N SER A 32 -10.08 2.83 6.16
CA SER A 32 -11.21 3.47 6.85
C SER A 32 -11.49 2.81 8.20
N SER A 33 -10.43 2.35 8.87
CA SER A 33 -10.59 1.69 10.17
C SER A 33 -9.26 1.61 10.92
N ARG A 34 -9.30 1.95 12.21
CA ARG A 34 -8.11 1.92 13.06
C ARG A 34 -7.56 0.49 13.21
N GLY A 35 -8.46 -0.45 13.49
CA GLY A 35 -8.06 -1.84 13.64
C GLY A 35 -7.62 -2.46 12.33
N GLU A 36 -8.22 -1.99 11.23
CA GLU A 36 -7.89 -2.48 9.89
C GLU A 36 -6.40 -2.27 9.61
N PHE A 37 -5.89 -1.09 9.97
CA PHE A 37 -4.47 -0.76 9.77
C PHE A 37 -3.58 -1.75 10.52
N ILE A 38 -4.01 -2.17 11.71
CA ILE A 38 -3.27 -3.14 12.50
C ILE A 38 -3.04 -4.44 11.73
N SER A 39 -4.13 -5.05 11.24
CA SER A 39 -4.03 -6.30 10.48
C SER A 39 -3.05 -6.15 9.33
N VAL A 40 -3.44 -5.32 8.34
CA VAL A 40 -2.63 -5.09 7.13
C VAL A 40 -1.12 -5.10 7.36
N GLY A 41 -0.65 -4.57 8.50
CA GLY A 41 0.78 -4.56 8.77
C GLY A 41 1.27 -3.17 9.17
N GLY A 42 0.52 -2.51 10.07
CA GLY A 42 0.89 -1.18 10.50
C GLY A 42 1.17 -1.09 11.98
N ASP A 43 2.46 -1.07 12.34
CA ASP A 43 2.88 -0.92 13.73
C ASP A 43 2.93 0.57 14.07
N GLY A 44 4.03 1.25 13.71
CA GLY A 44 4.15 2.67 14.01
C GLY A 44 5.11 3.41 13.10
N ARG A 45 6.40 3.14 13.24
CA ARG A 45 7.41 3.79 12.41
C ARG A 45 7.75 2.95 11.19
N MET A 46 7.08 3.25 10.08
CA MET A 46 7.30 2.53 8.83
C MET A 46 8.46 3.17 8.05
N SER A 47 8.97 2.45 7.05
CA SER A 47 10.09 2.94 6.25
C SER A 47 9.63 3.82 5.10
N HIS A 48 9.11 3.18 4.04
CA HIS A 48 8.66 3.86 2.83
C HIS A 48 7.94 2.87 1.92
N LYS A 49 8.67 1.94 1.30
CA LYS A 49 8.05 0.95 0.44
C LYS A 49 7.04 0.11 1.24
N GLU A 50 7.32 -0.06 2.53
CA GLU A 50 6.45 -0.84 3.42
C GLU A 50 5.08 -0.19 3.56
N ALA A 51 5.05 1.13 3.73
CA ALA A 51 3.79 1.87 3.89
C ALA A 51 2.84 1.62 2.72
N ILE A 52 3.28 1.95 1.50
CA ILE A 52 2.41 1.78 0.34
C ILE A 52 1.97 0.32 0.21
N LEU A 53 2.94 -0.61 0.27
CA LEU A 53 2.66 -2.03 0.10
C LEU A 53 1.50 -2.53 0.96
N LEU A 54 1.25 -1.89 2.10
CA LEU A 54 0.16 -2.30 2.98
C LEU A 54 -1.21 -2.26 2.26
N GLY A 55 -1.30 -1.45 1.19
CA GLY A 55 -2.55 -1.35 0.43
C GLY A 55 -3.07 -2.70 -0.03
N LEU A 56 -2.16 -3.54 -0.55
CA LEU A 56 -2.53 -4.87 -1.04
C LEU A 56 -3.41 -5.61 -0.03
N ARG A 57 -3.06 -5.52 1.25
CA ARG A 57 -3.82 -6.19 2.31
C ARG A 57 -5.25 -5.63 2.39
N TYR A 58 -5.39 -4.33 2.14
CA TYR A 58 -6.70 -3.67 2.16
C TYR A 58 -7.61 -4.24 1.07
N LYS A 59 -7.07 -4.31 -0.14
CA LYS A 59 -7.80 -4.81 -1.31
C LYS A 59 -7.83 -6.35 -1.35
N LYS A 60 -7.03 -6.99 -0.48
CA LYS A 60 -6.97 -8.46 -0.43
C LYS A 60 -6.37 -9.02 -1.73
N LEU A 61 -5.08 -8.75 -1.94
CA LEU A 61 -4.39 -9.22 -3.14
C LEU A 61 -2.86 -9.09 -3.02
N TYR A 62 -2.33 -9.17 -1.80
CA TYR A 62 -0.89 -9.07 -1.58
C TYR A 62 -0.12 -10.16 -2.35
N ASN A 63 -0.79 -11.27 -2.65
CA ASN A 63 -0.17 -12.39 -3.36
C ASN A 63 0.32 -12.01 -4.76
N GLN A 64 -0.62 -11.68 -5.66
CA GLN A 64 -0.25 -11.35 -7.04
C GLN A 64 -0.10 -9.84 -7.27
N ALA A 65 -0.40 -8.99 -6.29
CA ALA A 65 -0.28 -7.55 -6.50
C ALA A 65 1.18 -7.11 -6.52
N ARG A 66 2.02 -7.76 -5.72
CA ARG A 66 3.44 -7.43 -5.65
C ARG A 66 4.18 -7.89 -6.92
N VAL A 67 3.65 -8.91 -7.59
CA VAL A 67 4.27 -9.43 -8.81
C VAL A 67 3.66 -8.78 -10.06
N LYS A 68 2.35 -8.53 -10.03
CA LYS A 68 1.65 -7.91 -11.16
C LYS A 68 2.00 -6.43 -11.29
N TYR A 69 2.53 -5.83 -10.23
CA TYR A 69 2.92 -4.42 -10.24
C TYR A 69 4.33 -4.25 -9.71
N SER A 70 4.99 -3.15 -10.10
CA SER A 70 6.35 -2.88 -9.66
C SER A 70 6.37 -2.35 -8.23
N LEU A 71 6.51 -3.25 -7.26
CA LEU A 71 6.54 -2.89 -5.84
C LEU A 71 7.88 -3.26 -5.22
N LEU A 72 8.06 -4.55 -4.94
CA LEU A 72 9.31 -5.04 -4.34
C LEU A 72 10.13 -5.81 -5.38
N GLU A 73 11.21 -5.19 -5.85
CA GLU A 73 12.08 -5.80 -6.83
C GLU A 73 13.41 -5.05 -6.95
N SER A 1 6.61 11.68 11.07
CA SER A 1 7.16 11.01 12.28
C SER A 1 6.81 9.52 12.29
N ASP A 2 5.51 9.22 12.32
CA ASP A 2 5.03 7.85 12.34
C ASP A 2 4.25 7.51 11.07
N VAL A 3 3.98 6.21 10.89
CA VAL A 3 3.24 5.73 9.73
C VAL A 3 1.78 6.20 9.76
N TRP A 4 1.22 6.31 10.97
CA TRP A 4 -0.16 6.77 11.13
C TRP A 4 -0.24 8.28 11.01
N SER A 5 0.75 8.99 11.57
CA SER A 5 0.80 10.44 11.50
C SER A 5 0.88 10.89 10.04
N LEU A 6 1.83 10.32 9.31
CA LEU A 6 2.01 10.65 7.89
C LEU A 6 1.31 9.60 7.02
N SER A 7 0.02 9.84 6.75
CA SER A 7 -0.77 8.93 5.94
C SER A 7 -1.34 9.59 4.68
N LYS A 8 -0.88 10.81 4.37
CA LYS A 8 -1.33 11.54 3.19
C LYS A 8 -0.28 11.50 2.07
N THR A 9 0.50 10.42 2.02
CA THR A 9 1.53 10.26 1.01
C THR A 9 1.25 9.04 0.12
N SER A 10 0.85 9.30 -1.13
CA SER A 10 0.53 8.22 -2.07
C SER A 10 1.77 7.80 -2.87
N MET A 11 1.65 6.67 -3.57
CA MET A 11 2.75 6.14 -4.37
C MET A 11 2.21 5.64 -5.71
N THR A 12 2.93 5.96 -6.79
CA THR A 12 2.53 5.56 -8.13
C THR A 12 3.10 4.18 -8.50
N PHE A 13 2.19 3.26 -8.82
CA PHE A 13 2.58 1.91 -9.23
C PHE A 13 2.50 1.78 -10.75
N GLN A 14 3.38 0.95 -11.31
CA GLN A 14 3.41 0.74 -12.75
C GLN A 14 3.09 -0.71 -13.10
N PRO A 15 2.10 -0.93 -13.98
CA PRO A 15 1.70 -2.27 -14.40
C PRO A 15 2.76 -2.96 -15.23
N LYS A 16 2.89 -4.28 -15.08
CA LYS A 16 3.87 -5.05 -15.83
C LYS A 16 3.45 -5.20 -17.29
N LYS A 17 2.16 -5.41 -17.50
CA LYS A 17 1.60 -5.57 -18.85
C LYS A 17 0.74 -4.36 -19.23
N ALA A 18 0.27 -4.35 -20.48
CA ALA A 18 -0.56 -3.26 -20.99
C ALA A 18 -1.97 -3.29 -20.41
N SER A 19 -2.53 -4.50 -20.25
CA SER A 19 -3.88 -4.66 -19.71
C SER A 19 -4.01 -4.01 -18.32
N LEU A 20 -2.96 -4.13 -17.50
CA LEU A 20 -2.97 -3.56 -16.16
C LEU A 20 -2.82 -2.04 -16.20
N GLN A 21 -3.40 -1.36 -15.21
CA GLN A 21 -3.35 0.09 -15.12
C GLN A 21 -2.65 0.55 -13.83
N PRO A 22 -1.86 1.64 -13.90
CA PRO A 22 -1.12 2.18 -12.75
C PRO A 22 -2.03 2.47 -11.55
N LEU A 23 -1.44 2.42 -10.35
CA LEU A 23 -2.19 2.67 -9.11
C LEU A 23 -1.51 3.77 -8.29
N THR A 24 -2.30 4.75 -7.86
CA THR A 24 -1.77 5.85 -7.06
C THR A 24 -2.67 6.16 -5.86
N ILE A 25 -2.37 5.53 -4.72
CA ILE A 25 -3.16 5.72 -3.51
C ILE A 25 -2.26 5.86 -2.27
N SER A 26 -2.82 6.40 -1.20
CA SER A 26 -2.08 6.60 0.05
C SER A 26 -2.70 5.84 1.23
N LEU A 27 -2.01 5.89 2.38
CA LEU A 27 -2.46 5.24 3.61
C LEU A 27 -3.85 5.70 4.03
N ASP A 28 -3.96 6.98 4.38
CA ASP A 28 -5.24 7.56 4.82
C ASP A 28 -6.31 7.44 3.75
N GLU A 29 -5.89 7.54 2.48
CA GLU A 29 -6.81 7.44 1.36
C GLU A 29 -7.18 6.00 1.01
N LEU A 30 -6.64 5.01 1.75
CA LEU A 30 -6.95 3.61 1.46
C LEU A 30 -7.34 2.81 2.72
N PHE A 31 -7.55 3.50 3.85
CA PHE A 31 -7.94 2.80 5.08
C PHE A 31 -9.10 3.51 5.78
N SER A 32 -10.03 2.73 6.33
CA SER A 32 -11.20 3.28 7.03
C SER A 32 -11.42 2.57 8.37
N SER A 33 -10.34 2.16 9.03
CA SER A 33 -10.45 1.47 10.32
C SER A 33 -9.10 1.41 11.03
N ARG A 34 -9.11 1.61 12.34
CA ARG A 34 -7.89 1.56 13.15
C ARG A 34 -7.29 0.15 13.15
N GLY A 35 -8.16 -0.86 13.34
CA GLY A 35 -7.70 -2.24 13.34
C GLY A 35 -7.22 -2.68 11.97
N GLU A 36 -7.87 -2.15 10.92
CA GLU A 36 -7.48 -2.47 9.54
C GLU A 36 -6.02 -2.07 9.31
N PHE A 37 -5.66 -0.90 9.83
CA PHE A 37 -4.29 -0.39 9.70
C PHE A 37 -3.30 -1.35 10.36
N ILE A 38 -3.67 -1.86 11.54
CA ILE A 38 -2.84 -2.82 12.26
C ILE A 38 -2.51 -4.04 11.40
N SER A 39 -3.55 -4.68 10.84
CA SER A 39 -3.35 -5.87 10.01
C SER A 39 -2.46 -5.54 8.82
N VAL A 40 -2.98 -4.70 7.91
CA VAL A 40 -2.25 -4.31 6.69
C VAL A 40 -0.73 -4.24 6.86
N GLY A 41 -0.26 -3.74 8.01
CA GLY A 41 1.19 -3.66 8.23
C GLY A 41 1.61 -2.29 8.74
N GLY A 42 0.83 -1.73 9.68
CA GLY A 42 1.15 -0.42 10.22
C GLY A 42 1.29 -0.42 11.72
N ASP A 43 2.53 -0.61 12.20
CA ASP A 43 2.81 -0.56 13.63
C ASP A 43 3.03 0.90 14.02
N GLY A 44 4.21 1.45 13.72
CA GLY A 44 4.50 2.83 14.06
C GLY A 44 5.50 3.48 13.13
N ARG A 45 6.77 3.11 13.27
CA ARG A 45 7.83 3.67 12.43
C ARG A 45 8.01 2.84 11.16
N MET A 46 7.37 3.28 10.08
CA MET A 46 7.45 2.58 8.80
C MET A 46 8.73 2.97 8.06
N SER A 47 9.07 2.20 7.02
CA SER A 47 10.27 2.46 6.24
C SER A 47 10.01 3.42 5.08
N HIS A 48 9.32 2.93 4.06
CA HIS A 48 9.04 3.69 2.85
C HIS A 48 8.21 2.84 1.88
N LYS A 49 8.79 1.75 1.39
CA LYS A 49 8.09 0.84 0.48
C LYS A 49 7.00 0.10 1.23
N GLU A 50 7.25 -0.20 2.51
CA GLU A 50 6.31 -0.92 3.36
C GLU A 50 4.96 -0.22 3.47
N ALA A 51 4.97 1.06 3.86
CA ALA A 51 3.74 1.84 4.04
C ALA A 51 2.78 1.66 2.86
N ILE A 52 3.23 1.92 1.64
CA ILE A 52 2.35 1.80 0.49
C ILE A 52 1.84 0.36 0.36
N LEU A 53 2.75 -0.61 0.46
CA LEU A 53 2.39 -2.02 0.27
C LEU A 53 1.21 -2.47 1.14
N LEU A 54 1.03 -1.83 2.30
CA LEU A 54 -0.10 -2.14 3.20
C LEU A 54 -1.42 -2.29 2.44
N GLY A 55 -1.61 -1.45 1.41
CA GLY A 55 -2.82 -1.46 0.61
C GLY A 55 -3.27 -2.84 0.16
N LEU A 56 -2.33 -3.66 -0.35
CA LEU A 56 -2.67 -5.01 -0.82
C LEU A 56 -3.49 -5.77 0.22
N ARG A 57 -3.11 -5.67 1.48
CA ARG A 57 -3.82 -6.35 2.56
C ARG A 57 -5.26 -5.83 2.69
N TYR A 58 -5.45 -4.54 2.44
CA TYR A 58 -6.77 -3.90 2.51
C TYR A 58 -7.69 -4.44 1.42
N LYS A 59 -7.17 -4.49 0.19
CA LYS A 59 -7.92 -4.97 -0.97
C LYS A 59 -7.93 -6.50 -1.05
N LYS A 60 -7.10 -7.16 -0.24
CA LYS A 60 -7.02 -8.62 -0.22
C LYS A 60 -6.44 -9.16 -1.53
N LEU A 61 -5.15 -8.92 -1.73
CA LEU A 61 -4.45 -9.38 -2.94
C LEU A 61 -2.92 -9.26 -2.80
N TYR A 62 -2.41 -9.34 -1.57
CA TYR A 62 -0.97 -9.23 -1.33
C TYR A 62 -0.16 -10.31 -2.07
N ASN A 63 -0.85 -11.37 -2.53
CA ASN A 63 -0.17 -12.46 -3.22
C ASN A 63 0.16 -12.13 -4.69
N GLN A 64 -0.87 -11.98 -5.53
CA GLN A 64 -0.66 -11.71 -6.96
C GLN A 64 -0.52 -10.22 -7.26
N ALA A 65 -0.95 -9.34 -6.36
CA ALA A 65 -0.85 -7.89 -6.60
C ALA A 65 0.59 -7.41 -6.66
N ARG A 66 1.42 -7.91 -5.73
CA ARG A 66 2.83 -7.52 -5.66
C ARG A 66 3.64 -8.05 -6.86
N VAL A 67 3.16 -9.11 -7.50
CA VAL A 67 3.87 -9.69 -8.65
C VAL A 67 3.33 -9.16 -9.99
N LYS A 68 2.01 -9.01 -10.10
CA LYS A 68 1.40 -8.52 -11.33
C LYS A 68 1.79 -7.07 -11.60
N TYR A 69 1.99 -6.29 -10.52
CA TYR A 69 2.38 -4.90 -10.63
C TYR A 69 3.81 -4.70 -10.13
N SER A 70 4.41 -3.56 -10.50
CA SER A 70 5.78 -3.25 -10.08
C SER A 70 5.81 -2.66 -8.67
N LEU A 71 5.97 -3.53 -7.67
CA LEU A 71 6.02 -3.11 -6.27
C LEU A 71 7.42 -3.33 -5.69
N LEU A 72 7.82 -4.60 -5.57
CA LEU A 72 9.13 -4.94 -5.03
C LEU A 72 10.07 -5.41 -6.15
N GLU A 73 11.26 -4.83 -6.20
CA GLU A 73 12.25 -5.17 -7.21
C GLU A 73 13.64 -5.29 -6.60
N SER A 1 6.38 11.81 11.19
CA SER A 1 7.30 10.96 12.00
C SER A 1 6.78 9.52 12.09
N ASP A 2 5.47 9.35 12.24
CA ASP A 2 4.87 8.03 12.34
C ASP A 2 4.11 7.68 11.05
N VAL A 3 3.93 6.37 10.82
CA VAL A 3 3.22 5.89 9.64
C VAL A 3 1.77 6.39 9.62
N TRP A 4 1.15 6.50 10.80
CA TRP A 4 -0.22 6.97 10.90
C TRP A 4 -0.29 8.49 10.75
N SER A 5 0.71 9.20 11.29
CA SER A 5 0.76 10.66 11.19
C SER A 5 0.84 11.07 9.71
N LEU A 6 1.81 10.50 9.00
CA LEU A 6 1.99 10.80 7.58
C LEU A 6 1.31 9.72 6.74
N SER A 7 0.03 9.95 6.43
CA SER A 7 -0.76 9.00 5.66
C SER A 7 -1.38 9.64 4.39
N LYS A 8 -0.97 10.87 4.09
CA LYS A 8 -1.49 11.58 2.91
C LYS A 8 -0.65 11.30 1.66
N THR A 9 0.68 11.39 1.80
CA THR A 9 1.59 11.16 0.69
C THR A 9 1.41 9.77 0.08
N SER A 10 0.89 9.74 -1.15
CA SER A 10 0.66 8.48 -1.88
C SER A 10 1.86 8.10 -2.74
N MET A 11 1.78 6.94 -3.38
CA MET A 11 2.85 6.45 -4.25
C MET A 11 2.27 5.87 -5.54
N THR A 12 2.99 6.09 -6.65
CA THR A 12 2.53 5.61 -7.95
C THR A 12 3.14 4.24 -8.30
N PHE A 13 2.27 3.28 -8.63
CA PHE A 13 2.69 1.94 -9.02
C PHE A 13 2.63 1.82 -10.53
N GLN A 14 3.51 0.99 -11.08
CA GLN A 14 3.55 0.76 -12.53
C GLN A 14 3.21 -0.68 -12.87
N PRO A 15 2.24 -0.88 -13.78
CA PRO A 15 1.81 -2.23 -14.20
C PRO A 15 2.88 -2.94 -15.02
N LYS A 16 2.88 -4.27 -14.94
CA LYS A 16 3.85 -5.09 -15.68
C LYS A 16 3.45 -5.20 -17.15
N LYS A 17 2.15 -5.38 -17.40
CA LYS A 17 1.64 -5.51 -18.75
C LYS A 17 0.78 -4.30 -19.14
N ALA A 18 0.42 -4.22 -20.42
CA ALA A 18 -0.40 -3.13 -20.94
C ALA A 18 -1.81 -3.15 -20.33
N SER A 19 -2.38 -4.35 -20.20
CA SER A 19 -3.72 -4.51 -19.63
C SER A 19 -3.81 -3.89 -18.23
N LEU A 20 -2.78 -4.10 -17.42
CA LEU A 20 -2.74 -3.56 -16.07
C LEU A 20 -2.57 -2.04 -16.07
N GLN A 21 -3.13 -1.38 -15.07
CA GLN A 21 -3.05 0.07 -14.95
C GLN A 21 -2.36 0.49 -13.66
N PRO A 22 -1.63 1.63 -13.68
CA PRO A 22 -0.90 2.14 -12.51
C PRO A 22 -1.82 2.45 -11.32
N LEU A 23 -1.27 2.32 -10.11
CA LEU A 23 -2.03 2.56 -8.88
C LEU A 23 -1.38 3.67 -8.05
N THR A 24 -2.16 4.71 -7.75
CA THR A 24 -1.64 5.83 -6.96
C THR A 24 -2.53 6.12 -5.76
N ILE A 25 -2.20 5.52 -4.61
CA ILE A 25 -2.98 5.72 -3.39
C ILE A 25 -2.06 5.72 -2.16
N SER A 26 -2.54 6.31 -1.06
CA SER A 26 -1.77 6.39 0.17
C SER A 26 -2.46 5.64 1.32
N LEU A 27 -1.84 5.71 2.50
CA LEU A 27 -2.34 5.06 3.71
C LEU A 27 -3.75 5.54 4.07
N ASP A 28 -3.90 6.85 4.31
CA ASP A 28 -5.19 7.42 4.70
C ASP A 28 -6.22 7.29 3.57
N GLU A 29 -5.73 7.31 2.33
CA GLU A 29 -6.61 7.20 1.17
C GLU A 29 -6.95 5.74 0.81
N LEU A 30 -6.27 4.78 1.44
CA LEU A 30 -6.53 3.36 1.15
C LEU A 30 -6.95 2.58 2.40
N PHE A 31 -7.16 3.27 3.53
CA PHE A 31 -7.59 2.58 4.75
C PHE A 31 -8.73 3.34 5.43
N SER A 32 -9.71 2.57 5.94
CA SER A 32 -10.86 3.16 6.61
C SER A 32 -11.14 2.46 7.95
N SER A 33 -10.10 1.89 8.56
CA SER A 33 -10.25 1.19 9.83
C SER A 33 -8.91 1.09 10.57
N ARG A 34 -8.92 1.36 11.87
CA ARG A 34 -7.72 1.30 12.70
C ARG A 34 -7.22 -0.14 12.79
N GLY A 35 -8.13 -1.07 13.08
CA GLY A 35 -7.78 -2.48 13.19
C GLY A 35 -7.27 -3.03 11.87
N GLU A 36 -7.86 -2.59 10.76
CA GLU A 36 -7.43 -3.03 9.43
C GLU A 36 -5.98 -2.61 9.20
N PHE A 37 -5.65 -1.39 9.65
CA PHE A 37 -4.28 -0.88 9.53
C PHE A 37 -3.30 -1.82 10.21
N ILE A 38 -3.68 -2.30 11.40
CA ILE A 38 -2.86 -3.25 12.15
C ILE A 38 -2.58 -4.51 11.30
N SER A 39 -3.63 -5.11 10.74
CA SER A 39 -3.47 -6.30 9.92
C SER A 39 -2.55 -6.01 8.74
N VAL A 40 -3.00 -5.15 7.82
CA VAL A 40 -2.25 -4.79 6.61
C VAL A 40 -0.73 -4.76 6.83
N GLY A 41 -0.26 -4.29 7.97
CA GLY A 41 1.18 -4.24 8.22
C GLY A 41 1.63 -2.87 8.69
N GLY A 42 0.89 -2.28 9.63
CA GLY A 42 1.23 -0.96 10.14
C GLY A 42 1.43 -0.92 11.64
N ASP A 43 2.69 -0.99 12.06
CA ASP A 43 3.04 -0.90 13.48
C ASP A 43 3.09 0.58 13.85
N GLY A 44 4.20 1.26 13.52
CA GLY A 44 4.33 2.67 13.86
C GLY A 44 5.26 3.42 12.92
N ARG A 45 6.55 3.15 13.03
CA ARG A 45 7.53 3.83 12.18
C ARG A 45 7.79 3.02 10.92
N MET A 46 7.09 3.40 9.84
CA MET A 46 7.22 2.73 8.56
C MET A 46 8.41 3.28 7.77
N SER A 47 8.79 2.58 6.70
CA SER A 47 9.91 3.00 5.87
C SER A 47 9.49 3.91 4.72
N HIS A 48 8.95 3.30 3.66
CA HIS A 48 8.55 4.02 2.45
C HIS A 48 7.79 3.10 1.52
N LYS A 49 8.47 2.11 0.94
CA LYS A 49 7.82 1.13 0.07
C LYS A 49 6.87 0.25 0.89
N GLU A 50 7.16 0.12 2.19
CA GLU A 50 6.35 -0.69 3.10
C GLU A 50 4.96 -0.08 3.32
N ALA A 51 4.92 1.21 3.67
CA ALA A 51 3.66 1.91 3.93
C ALA A 51 2.66 1.69 2.81
N ILE A 52 2.99 2.10 1.59
CA ILE A 52 2.07 1.94 0.47
C ILE A 52 1.61 0.49 0.34
N LEU A 53 2.57 -0.44 0.40
CA LEU A 53 2.27 -1.86 0.20
C LEU A 53 1.12 -2.38 1.08
N LEU A 54 0.91 -1.76 2.25
CA LEU A 54 -0.17 -2.17 3.14
C LEU A 54 -1.53 -2.22 2.42
N GLY A 55 -1.70 -1.34 1.41
CA GLY A 55 -2.94 -1.29 0.65
C GLY A 55 -3.42 -2.65 0.18
N LEU A 56 -2.51 -3.44 -0.39
CA LEU A 56 -2.84 -4.78 -0.89
C LEU A 56 -3.63 -5.58 0.14
N ARG A 57 -3.13 -5.62 1.37
CA ARG A 57 -3.80 -6.36 2.45
C ARG A 57 -5.22 -5.83 2.68
N TYR A 58 -5.38 -4.51 2.56
CA TYR A 58 -6.69 -3.87 2.74
C TYR A 58 -7.67 -4.36 1.67
N LYS A 59 -7.22 -4.31 0.42
CA LYS A 59 -8.03 -4.73 -0.73
C LYS A 59 -8.13 -6.25 -0.84
N LYS A 60 -7.34 -6.98 -0.03
CA LYS A 60 -7.34 -8.44 -0.05
C LYS A 60 -6.79 -8.97 -1.37
N LEU A 61 -5.50 -8.73 -1.61
CA LEU A 61 -4.85 -9.18 -2.84
C LEU A 61 -3.33 -9.02 -2.79
N TYR A 62 -2.74 -9.10 -1.59
CA TYR A 62 -1.29 -8.96 -1.44
C TYR A 62 -0.53 -10.10 -2.14
N ASN A 63 -1.21 -11.22 -2.35
CA ASN A 63 -0.59 -12.39 -2.99
C ASN A 63 -0.16 -12.12 -4.43
N GLN A 64 -1.13 -11.81 -5.31
CA GLN A 64 -0.82 -11.57 -6.72
C GLN A 64 -0.60 -10.08 -7.04
N ALA A 65 -0.93 -9.18 -6.11
CA ALA A 65 -0.75 -7.74 -6.36
C ALA A 65 0.73 -7.37 -6.45
N ARG A 66 1.55 -7.96 -5.57
CA ARG A 66 2.98 -7.68 -5.54
C ARG A 66 3.69 -8.23 -6.78
N VAL A 67 3.18 -9.33 -7.34
CA VAL A 67 3.79 -9.93 -8.53
C VAL A 67 3.21 -9.35 -9.83
N LYS A 68 1.89 -9.13 -9.86
CA LYS A 68 1.22 -8.59 -11.04
C LYS A 68 1.73 -7.19 -11.38
N TYR A 69 2.00 -6.38 -10.35
CA TYR A 69 2.49 -5.02 -10.55
C TYR A 69 3.91 -4.88 -10.01
N SER A 70 4.61 -3.82 -10.47
CA SER A 70 5.98 -3.56 -10.04
C SER A 70 6.01 -2.82 -8.71
N LEU A 71 5.98 -3.58 -7.62
CA LEU A 71 6.02 -3.00 -6.27
C LEU A 71 7.35 -3.30 -5.61
N LEU A 72 7.55 -4.56 -5.22
CA LEU A 72 8.80 -4.98 -4.57
C LEU A 72 9.72 -5.64 -5.59
N GLU A 73 10.80 -4.95 -5.94
CA GLU A 73 11.77 -5.47 -6.90
C GLU A 73 12.96 -6.10 -6.19
N SER A 1 7.27 12.03 13.56
CA SER A 1 7.40 11.14 12.38
C SER A 1 6.87 9.74 12.69
N ASP A 2 5.82 9.34 11.96
CA ASP A 2 5.22 8.02 12.14
C ASP A 2 4.39 7.62 10.93
N VAL A 3 4.21 6.31 10.74
CA VAL A 3 3.43 5.79 9.62
C VAL A 3 1.96 6.19 9.71
N TRP A 4 1.43 6.26 10.94
CA TRP A 4 0.04 6.64 11.16
C TRP A 4 -0.11 8.16 11.08
N SER A 5 0.85 8.88 11.65
CA SER A 5 0.84 10.35 11.61
C SER A 5 0.90 10.82 10.16
N LEU A 6 1.90 10.31 9.42
CA LEU A 6 2.07 10.65 8.02
C LEU A 6 1.41 9.61 7.13
N SER A 7 0.12 9.82 6.85
CA SER A 7 -0.65 8.89 6.02
C SER A 7 -1.23 9.56 4.77
N LYS A 8 -0.77 10.79 4.47
CA LYS A 8 -1.24 11.53 3.30
C LYS A 8 -0.23 11.45 2.15
N THR A 9 0.57 10.38 2.12
CA THR A 9 1.57 10.19 1.06
C THR A 9 1.24 8.99 0.20
N SER A 10 0.91 9.24 -1.07
CA SER A 10 0.57 8.17 -2.01
C SER A 10 1.78 7.74 -2.83
N MET A 11 1.65 6.59 -3.49
CA MET A 11 2.72 6.06 -4.33
C MET A 11 2.17 5.58 -5.67
N THR A 12 2.83 5.98 -6.75
CA THR A 12 2.40 5.60 -8.09
C THR A 12 3.01 4.27 -8.51
N PHE A 13 2.13 3.32 -8.85
CA PHE A 13 2.56 2.00 -9.29
C PHE A 13 2.40 1.88 -10.79
N GLN A 14 3.28 1.09 -11.41
CA GLN A 14 3.24 0.90 -12.85
C GLN A 14 3.09 -0.59 -13.19
N PRO A 15 2.09 -0.92 -14.02
CA PRO A 15 1.83 -2.30 -14.42
C PRO A 15 2.96 -2.88 -15.28
N LYS A 16 3.24 -4.17 -15.11
CA LYS A 16 4.28 -4.83 -15.87
C LYS A 16 3.89 -4.98 -17.34
N LYS A 17 2.61 -5.26 -17.57
CA LYS A 17 2.08 -5.43 -18.93
C LYS A 17 0.99 -4.40 -19.23
N ALA A 18 0.70 -4.20 -20.52
CA ALA A 18 -0.32 -3.25 -20.95
C ALA A 18 -1.68 -3.56 -20.34
N SER A 19 -2.00 -4.85 -20.21
CA SER A 19 -3.28 -5.29 -19.63
C SER A 19 -3.49 -4.72 -18.23
N LEU A 20 -2.42 -4.71 -17.42
CA LEU A 20 -2.48 -4.19 -16.06
C LEU A 20 -2.56 -2.67 -16.05
N GLN A 21 -3.08 -2.11 -14.95
CA GLN A 21 -3.23 -0.67 -14.81
C GLN A 21 -2.44 -0.14 -13.60
N PRO A 22 -1.98 1.12 -13.67
CA PRO A 22 -1.22 1.76 -12.58
C PRO A 22 -2.08 1.96 -11.33
N LEU A 23 -1.43 2.29 -10.20
CA LEU A 23 -2.14 2.49 -8.95
C LEU A 23 -1.47 3.56 -8.10
N THR A 24 -2.18 4.65 -7.83
CA THR A 24 -1.66 5.74 -7.02
C THR A 24 -2.56 6.03 -5.82
N ILE A 25 -2.30 5.35 -4.70
CA ILE A 25 -3.10 5.51 -3.50
C ILE A 25 -2.23 5.74 -2.26
N SER A 26 -2.80 6.39 -1.25
CA SER A 26 -2.09 6.69 -0.01
C SER A 26 -2.66 5.89 1.18
N LEU A 27 -1.94 5.93 2.30
CA LEU A 27 -2.34 5.24 3.52
C LEU A 27 -3.74 5.64 3.97
N ASP A 28 -3.89 6.92 4.35
CA ASP A 28 -5.18 7.44 4.83
C ASP A 28 -6.27 7.32 3.77
N GLU A 29 -5.90 7.45 2.50
CA GLU A 29 -6.85 7.37 1.41
C GLU A 29 -7.22 5.92 1.05
N LEU A 30 -6.61 4.93 1.72
CA LEU A 30 -6.91 3.53 1.42
C LEU A 30 -7.30 2.72 2.66
N PHE A 31 -7.48 3.38 3.81
CA PHE A 31 -7.88 2.67 5.03
C PHE A 31 -8.99 3.40 5.77
N SER A 32 -9.93 2.64 6.34
CA SER A 32 -11.05 3.22 7.07
C SER A 32 -11.28 2.49 8.40
N SER A 33 -10.20 2.05 9.05
CA SER A 33 -10.30 1.33 10.32
C SER A 33 -8.95 1.25 11.03
N ARG A 34 -8.95 1.50 12.34
CA ARG A 34 -7.73 1.44 13.13
C ARG A 34 -7.18 0.01 13.17
N GLY A 35 -8.09 -0.96 13.35
CA GLY A 35 -7.68 -2.36 13.38
C GLY A 35 -7.18 -2.82 12.03
N GLU A 36 -7.83 -2.37 10.97
CA GLU A 36 -7.43 -2.71 9.61
C GLU A 36 -6.00 -2.25 9.36
N PHE A 37 -5.67 -1.05 9.86
CA PHE A 37 -4.33 -0.49 9.72
C PHE A 37 -3.31 -1.44 10.36
N ILE A 38 -3.65 -1.98 11.53
CA ILE A 38 -2.79 -2.92 12.24
C ILE A 38 -2.46 -4.13 11.35
N SER A 39 -3.49 -4.77 10.79
CA SER A 39 -3.29 -5.94 9.93
C SER A 39 -2.43 -5.56 8.72
N VAL A 40 -2.99 -4.73 7.83
CA VAL A 40 -2.31 -4.30 6.61
C VAL A 40 -0.79 -4.17 6.76
N GLY A 41 -0.31 -3.65 7.90
CA GLY A 41 1.12 -3.51 8.10
C GLY A 41 1.50 -2.14 8.62
N GLY A 42 0.72 -1.62 9.57
CA GLY A 42 0.98 -0.30 10.13
C GLY A 42 1.25 -0.34 11.63
N ASP A 43 2.52 -0.38 11.99
CA ASP A 43 2.92 -0.35 13.40
C ASP A 43 3.19 1.11 13.79
N GLY A 44 4.39 1.61 13.47
CA GLY A 44 4.74 2.98 13.80
C GLY A 44 5.81 3.55 12.90
N ARG A 45 7.05 3.12 13.09
CA ARG A 45 8.16 3.61 12.28
C ARG A 45 8.30 2.80 11.00
N MET A 46 7.68 3.29 9.92
CA MET A 46 7.74 2.61 8.63
C MET A 46 8.95 3.08 7.82
N SER A 47 9.22 2.39 6.72
CA SER A 47 10.36 2.74 5.87
C SER A 47 9.98 3.69 4.74
N HIS A 48 9.37 3.15 3.68
CA HIS A 48 8.99 3.91 2.49
C HIS A 48 8.18 3.06 1.52
N LYS A 49 8.66 1.85 1.23
CA LYS A 49 7.94 0.93 0.34
C LYS A 49 6.96 0.08 1.15
N GLU A 50 7.21 -0.05 2.46
CA GLU A 50 6.37 -0.83 3.35
C GLU A 50 4.97 -0.22 3.52
N ALA A 51 4.94 1.08 3.83
CA ALA A 51 3.67 1.79 4.05
C ALA A 51 2.68 1.60 2.90
N ILE A 52 3.09 1.92 1.67
CA ILE A 52 2.16 1.78 0.54
C ILE A 52 1.67 0.34 0.41
N LEU A 53 2.60 -0.63 0.47
CA LEU A 53 2.26 -2.04 0.27
C LEU A 53 1.06 -2.49 1.11
N LEU A 54 0.85 -1.86 2.27
CA LEU A 54 -0.28 -2.17 3.15
C LEU A 54 -1.60 -2.34 2.38
N GLY A 55 -1.78 -1.51 1.35
CA GLY A 55 -3.00 -1.52 0.54
C GLY A 55 -3.43 -2.91 0.07
N LEU A 56 -2.50 -3.71 -0.44
CA LEU A 56 -2.82 -5.06 -0.92
C LEU A 56 -3.63 -5.84 0.12
N ARG A 57 -3.22 -5.75 1.38
CA ARG A 57 -3.91 -6.45 2.46
C ARG A 57 -5.35 -5.93 2.62
N TYR A 58 -5.52 -4.63 2.41
CA TYR A 58 -6.83 -3.99 2.51
C TYR A 58 -7.78 -4.48 1.42
N LYS A 59 -7.28 -4.49 0.18
CA LYS A 59 -8.06 -4.93 -0.97
C LYS A 59 -8.14 -6.45 -1.10
N LYS A 60 -7.34 -7.17 -0.29
CA LYS A 60 -7.33 -8.63 -0.32
C LYS A 60 -6.79 -9.14 -1.65
N LEU A 61 -5.50 -8.88 -1.90
CA LEU A 61 -4.85 -9.32 -3.13
C LEU A 61 -3.32 -9.20 -3.05
N TYR A 62 -2.77 -9.36 -1.84
CA TYR A 62 -1.32 -9.27 -1.63
C TYR A 62 -0.56 -10.37 -2.41
N ASN A 63 -1.27 -11.40 -2.87
CA ASN A 63 -0.67 -12.51 -3.60
C ASN A 63 -0.18 -12.10 -4.99
N GLN A 64 -1.11 -11.72 -5.88
CA GLN A 64 -0.77 -11.36 -7.25
C GLN A 64 -0.58 -9.86 -7.45
N ALA A 65 -1.02 -9.02 -6.52
CA ALA A 65 -0.89 -7.57 -6.68
C ALA A 65 0.57 -7.13 -6.61
N ARG A 66 1.31 -7.67 -5.65
CA ARG A 66 2.72 -7.34 -5.47
C ARG A 66 3.56 -7.74 -6.69
N VAL A 67 3.19 -8.85 -7.33
CA VAL A 67 3.91 -9.34 -8.51
C VAL A 67 3.41 -8.71 -9.81
N LYS A 68 2.09 -8.51 -9.90
CA LYS A 68 1.49 -7.92 -11.10
C LYS A 68 1.88 -6.45 -11.25
N TYR A 69 1.73 -5.68 -10.17
CA TYR A 69 2.07 -4.27 -10.18
C TYR A 69 3.48 -4.05 -9.63
N SER A 70 4.09 -2.93 -10.00
CA SER A 70 5.44 -2.61 -9.55
C SER A 70 5.46 -2.20 -8.08
N LEU A 71 5.58 -3.19 -7.19
CA LEU A 71 5.62 -2.94 -5.76
C LEU A 71 6.91 -3.48 -5.16
N LEU A 72 6.97 -4.80 -4.96
CA LEU A 72 8.15 -5.45 -4.40
C LEU A 72 8.68 -6.51 -5.35
N GLU A 73 9.42 -6.08 -6.37
CA GLU A 73 9.99 -6.99 -7.37
C GLU A 73 11.50 -7.08 -7.23
#